data_7EKP
#
_entry.id   7EKP
#
_cell.length_a   1.00
_cell.length_b   1.00
_cell.length_c   1.00
_cell.angle_alpha   90.00
_cell.angle_beta   90.00
_cell.angle_gamma   90.00
#
_symmetry.space_group_name_H-M   'P 1'
#
loop_
_entity.id
_entity.type
_entity.pdbx_description
1 polymer 'Neuronal acetylcholine receptor subunit alpha-7'
2 branched 2-acetamido-2-deoxy-beta-D-glucopyranose-(1-4)-2-acetamido-2-deoxy-beta-D-glucopyranose
3 non-polymer 7-chloro-N-(quinuclidin-3-yl)benzo[b]thiophene-2-carboxamide
4 non-polymer 2-acetamido-2-deoxy-beta-D-glucopyranose
5 non-polymer CHOLESTEROL
#
_entity_poly.entity_id   1
_entity_poly.type   'polypeptide(L)'
_entity_poly.pdbx_seq_one_letter_code
;MRCSPGGVWLALAASLLHVSLQGEFQRKLYKELVKNYNPLERPVANDSQPLTVYFSLSLLQIMDVDEKNQVLTTNIWLQM
SWTDHYLQWNVSEYPGVKTVRFPDGQIWKPDILLYNSADERFDATFHTNVLVNSSGHCQYLPPGIFKSSCYIDVRWFPFD
VQHCKLKFGSWSYGGWSLDLQMQEADISGYIPNGEWDLVGIPGKRSERFYECCKEPYPDVTFTVTMRRRTLYYGLNLLIP
CVLISALALLVFLLPADSGEKISLGITVLLSLTVFMLLVAEIMPATSDSVPLIAQYFASTMIIVGLSVVVTVIVLQYHHH
DPDGGKMPKWTRVILLNWCAWFLRMKRPGEDKVRPACQHKQRRCSLASVEMSAVAPPPASNGNLLYIGFRGLDGVHCVPT
PDSGVVCGRMACSPTHDEHLLHGGQPPEGDPDLAKILEEVRYIANRFRCQDESEAVCSEWKFAACVVDRLCLMAFSVFTI
ICTIGILMSAPNFVEAVSKDFA
;
_entity_poly.pdbx_strand_id   A,B,C,D,E
#
loop_
_chem_comp.id
_chem_comp.type
_chem_comp.name
_chem_comp.formula
CLR non-polymer CHOLESTEROL 'C27 H46 O'
I33 non-polymer 7-chloro-N-(quinuclidin-3-yl)benzo[b]thiophene-2-carboxamide 'C16 H17 Cl N2 O S'
NAG D-saccharide, beta linking 2-acetamido-2-deoxy-beta-D-glucopyranose 'C8 H15 N O6'
#
# COMPACT_ATOMS: atom_id res chain seq x y z
N GLY A 23 28.39 49.86 6.70
CA GLY A 23 28.83 51.23 6.90
C GLY A 23 28.96 51.60 8.36
N GLU A 24 29.57 52.76 8.63
CA GLU A 24 29.74 53.20 10.00
C GLU A 24 28.41 53.59 10.64
N PHE A 25 27.46 54.08 9.85
CA PHE A 25 26.16 54.46 10.40
C PHE A 25 25.34 53.23 10.75
N GLN A 26 25.37 52.20 9.90
CA GLN A 26 24.64 50.98 10.20
C GLN A 26 25.20 50.28 11.43
N ARG A 27 26.53 50.22 11.55
CA ARG A 27 27.13 49.63 12.74
C ARG A 27 26.79 50.42 13.99
N LYS A 28 26.82 51.76 13.90
CA LYS A 28 26.47 52.59 15.05
C LYS A 28 25.01 52.41 15.45
N LEU A 29 24.10 52.44 14.47
CA LEU A 29 22.67 52.38 14.78
C LEU A 29 22.31 51.08 15.48
N TYR A 30 22.89 49.96 15.03
CA TYR A 30 22.58 48.67 15.63
C TYR A 30 23.00 48.62 17.11
N LYS A 31 23.95 49.46 17.49
CA LYS A 31 24.48 49.40 18.86
C LYS A 31 23.58 50.10 19.86
N GLU A 32 23.00 51.24 19.48
CA GLU A 32 22.00 51.88 20.35
C GLU A 32 20.69 51.11 20.37
N LEU A 33 20.34 50.44 19.27
CA LEU A 33 19.04 49.78 19.18
C LEU A 33 18.96 48.60 20.15
N VAL A 34 20.05 47.87 20.33
CA VAL A 34 20.05 46.69 21.18
C VAL A 34 20.55 47.05 22.58
N LYS A 35 20.69 48.34 22.85
CA LYS A 35 21.17 48.80 24.15
C LYS A 35 20.01 48.80 25.15
N ASN A 36 20.19 48.05 26.24
CA ASN A 36 19.18 47.95 27.31
C ASN A 36 17.83 47.51 26.76
N TYR A 37 17.84 46.55 25.84
CA TYR A 37 16.63 46.03 25.21
C TYR A 37 16.31 44.66 25.77
N ASN A 38 15.05 44.48 26.19
CA ASN A 38 14.58 43.21 26.73
C ASN A 38 13.58 42.59 25.76
N PRO A 39 13.89 41.44 25.16
CA PRO A 39 12.94 40.83 24.21
C PRO A 39 11.69 40.26 24.87
N LEU A 40 11.65 40.18 26.20
CA LEU A 40 10.51 39.64 26.92
C LEU A 40 9.45 40.68 27.22
N GLU A 41 9.67 41.93 26.81
CA GLU A 41 8.81 43.05 27.18
C GLU A 41 7.97 43.49 25.99
N ARG A 42 6.69 43.77 26.25
CA ARG A 42 5.84 44.35 25.22
C ARG A 42 6.34 45.76 24.87
N PRO A 43 6.36 46.11 23.59
CA PRO A 43 6.97 47.39 23.19
C PRO A 43 6.05 48.59 23.40
N VAL A 44 4.98 48.42 24.18
CA VAL A 44 4.06 49.52 24.44
C VAL A 44 4.75 50.58 25.30
N ALA A 45 4.53 51.86 24.95
CA ALA A 45 5.10 52.94 25.74
C ALA A 45 4.41 53.07 27.09
N ASN A 46 3.10 52.86 27.13
CA ASN A 46 2.32 52.92 28.36
C ASN A 46 1.77 51.53 28.66
N ASP A 47 2.01 51.04 29.86
CA ASP A 47 1.60 49.69 30.22
C ASP A 47 0.17 49.66 30.73
N SER A 48 -0.74 50.28 29.98
CA SER A 48 -2.15 50.26 30.29
C SER A 48 -3.04 50.04 29.06
N GLN A 49 -2.51 50.18 27.85
CA GLN A 49 -3.28 50.05 26.63
C GLN A 49 -2.81 48.84 25.83
N PRO A 50 -3.72 48.12 25.19
CA PRO A 50 -3.31 46.95 24.39
C PRO A 50 -2.50 47.36 23.18
N LEU A 51 -1.61 46.47 22.75
CA LEU A 51 -0.80 46.67 21.56
C LEU A 51 -1.58 46.21 20.34
N THR A 52 -1.75 47.11 19.37
CA THR A 52 -2.53 46.78 18.17
C THR A 52 -1.66 45.99 17.21
N VAL A 53 -2.08 44.77 16.90
CA VAL A 53 -1.37 43.88 15.98
C VAL A 53 -2.31 43.55 14.83
N TYR A 54 -1.84 43.80 13.61
CA TYR A 54 -2.61 43.53 12.40
C TYR A 54 -2.20 42.18 11.84
N PHE A 55 -3.16 41.27 11.71
CA PHE A 55 -2.91 39.93 11.22
C PHE A 55 -3.65 39.72 9.90
N SER A 56 -2.95 39.16 8.92
CA SER A 56 -3.52 38.88 7.62
C SER A 56 -3.04 37.50 7.16
N LEU A 57 -3.42 37.13 5.94
CA LEU A 57 -3.07 35.82 5.41
C LEU A 57 -3.01 35.91 3.89
N SER A 58 -2.15 35.08 3.30
CA SER A 58 -2.01 35.00 1.84
C SER A 58 -1.96 33.53 1.46
N LEU A 59 -2.95 33.07 0.72
CA LEU A 59 -3.01 31.68 0.27
C LEU A 59 -2.20 31.53 -1.01
N LEU A 60 -1.17 30.68 -0.97
CA LEU A 60 -0.30 30.45 -2.12
C LEU A 60 -0.70 29.22 -2.91
N GLN A 61 -1.16 28.16 -2.26
CA GLN A 61 -1.66 26.96 -2.91
C GLN A 61 -2.23 26.03 -1.85
N ILE A 62 -3.05 25.08 -2.30
CA ILE A 62 -3.58 24.03 -1.45
C ILE A 62 -2.79 22.77 -1.74
N MET A 63 -1.97 22.33 -0.78
CA MET A 63 -1.09 21.20 -1.01
C MET A 63 -1.89 19.91 -1.23
N ASP A 64 -2.80 19.60 -0.30
CA ASP A 64 -3.58 18.37 -0.39
C ASP A 64 -4.70 18.41 0.64
N VAL A 65 -5.82 17.80 0.29
CA VAL A 65 -6.94 17.59 1.19
C VAL A 65 -7.14 16.10 1.34
N ASP A 66 -6.95 15.59 2.55
CA ASP A 66 -7.03 14.16 2.82
C ASP A 66 -8.27 13.89 3.66
N GLU A 67 -9.20 13.10 3.10
CA GLU A 67 -10.45 12.81 3.80
C GLU A 67 -10.26 11.79 4.92
N LYS A 68 -9.32 10.86 4.77
CA LYS A 68 -9.15 9.79 5.76
C LYS A 68 -8.75 10.37 7.11
N ASN A 69 -7.74 11.23 7.13
CA ASN A 69 -7.28 11.86 8.37
C ASN A 69 -7.98 13.17 8.66
N GLN A 70 -8.80 13.67 7.73
CA GLN A 70 -9.53 14.93 7.91
C GLN A 70 -8.58 16.08 8.24
N VAL A 71 -7.49 16.17 7.49
CA VAL A 71 -6.53 17.25 7.64
C VAL A 71 -6.43 18.01 6.32
N LEU A 72 -6.04 19.27 6.42
CA LEU A 72 -5.89 20.14 5.26
C LEU A 72 -4.50 20.73 5.25
N THR A 73 -3.71 20.39 4.24
CA THR A 73 -2.36 20.89 4.08
C THR A 73 -2.36 22.04 3.08
N THR A 74 -1.94 23.21 3.54
CA THR A 74 -1.91 24.41 2.70
C THR A 74 -0.56 25.11 2.86
N ASN A 75 -0.12 25.73 1.77
CA ASN A 75 1.08 26.55 1.77
C ASN A 75 0.63 28.01 1.73
N ILE A 76 0.79 28.71 2.85
CA ILE A 76 0.30 30.07 3.00
C ILE A 76 1.42 30.93 3.57
N TRP A 77 1.21 32.25 3.49
CA TRP A 77 2.08 33.23 4.11
C TRP A 77 1.31 33.99 5.16
N LEU A 78 2.03 34.42 6.21
CA LEU A 78 1.45 35.19 7.29
C LEU A 78 2.04 36.60 7.31
N GLN A 79 1.27 37.54 7.84
CA GLN A 79 1.74 38.92 7.98
C GLN A 79 1.28 39.44 9.34
N MET A 80 2.23 39.59 10.25
CA MET A 80 1.97 40.21 11.56
C MET A 80 2.69 41.56 11.59
N SER A 81 1.93 42.63 11.80
CA SER A 81 2.47 43.97 11.81
C SER A 81 2.03 44.67 13.09
N TRP A 82 2.99 45.26 13.81
CA TRP A 82 2.72 46.00 15.03
C TRP A 82 3.64 47.21 15.04
N THR A 83 3.60 47.96 16.13
CA THR A 83 4.40 49.18 16.29
C THR A 83 5.28 49.04 17.52
N ASP A 84 6.57 49.33 17.35
CA ASP A 84 7.54 49.30 18.43
C ASP A 84 7.90 50.72 18.85
N HIS A 85 8.16 50.89 20.14
CA HIS A 85 8.50 52.19 20.70
C HIS A 85 9.99 52.41 20.91
N TYR A 86 10.74 51.35 21.22
CA TYR A 86 12.17 51.48 21.47
C TYR A 86 13.00 51.38 20.19
N LEU A 87 12.44 50.86 19.10
CA LEU A 87 13.16 50.74 17.84
C LEU A 87 12.84 51.92 16.92
N GLN A 88 13.21 53.11 17.39
CA GLN A 88 13.01 54.34 16.65
C GLN A 88 14.31 55.14 16.63
N TRP A 89 14.55 55.83 15.52
CA TRP A 89 15.75 56.65 15.37
C TRP A 89 15.49 57.75 14.36
N ASN A 90 16.35 58.76 14.39
CA ASN A 90 16.23 59.90 13.48
C ASN A 90 16.99 59.61 12.18
N VAL A 91 16.35 59.93 11.05
CA VAL A 91 16.97 59.69 9.76
C VAL A 91 18.16 60.61 9.55
N SER A 92 18.10 61.84 10.07
CA SER A 92 19.20 62.78 9.88
C SER A 92 20.48 62.28 10.53
N GLU A 93 20.39 61.71 11.72
CA GLU A 93 21.59 61.23 12.41
C GLU A 93 22.24 60.07 11.66
N TYR A 94 21.43 59.16 11.11
CA TYR A 94 21.91 58.02 10.33
C TYR A 94 21.32 58.14 8.94
N PRO A 95 22.00 58.82 8.01
CA PRO A 95 21.35 59.10 6.71
C PRO A 95 21.21 57.89 5.82
N GLY A 96 22.24 57.04 5.74
CA GLY A 96 22.19 55.94 4.79
C GLY A 96 21.14 54.90 5.09
N VAL A 97 21.02 54.50 6.35
CA VAL A 97 20.15 53.40 6.73
C VAL A 97 18.73 53.90 6.91
N LYS A 98 17.77 53.12 6.40
CA LYS A 98 16.35 53.41 6.54
C LYS A 98 15.59 52.31 7.28
N THR A 99 15.96 51.05 7.06
CA THR A 99 15.32 49.92 7.73
C THR A 99 16.39 48.99 8.28
N VAL A 100 16.04 48.28 9.35
CA VAL A 100 16.92 47.29 9.96
C VAL A 100 16.14 45.99 10.13
N ARG A 101 16.87 44.88 10.20
CA ARG A 101 16.29 43.56 10.33
C ARG A 101 16.87 42.86 11.54
N PHE A 102 16.00 42.26 12.35
CA PHE A 102 16.40 41.54 13.54
C PHE A 102 15.95 40.09 13.45
N PRO A 103 16.82 39.12 13.72
CA PRO A 103 16.41 37.72 13.65
C PRO A 103 15.55 37.31 14.84
N ASP A 104 15.11 36.05 14.86
CA ASP A 104 14.27 35.57 15.94
C ASP A 104 15.07 35.53 17.24
N GLY A 105 14.40 35.83 18.34
CA GLY A 105 15.01 35.79 19.65
C GLY A 105 15.73 37.04 20.09
N GLN A 106 15.67 38.12 19.30
CA GLN A 106 16.32 39.37 19.65
C GLN A 106 15.37 40.54 19.82
N ILE A 107 14.15 40.46 19.28
CA ILE A 107 13.15 41.50 19.47
C ILE A 107 11.83 40.82 19.83
N TRP A 108 10.94 41.60 20.45
CA TRP A 108 9.64 41.08 20.85
C TRP A 108 8.78 40.83 19.63
N LYS A 109 8.15 39.66 19.57
CA LYS A 109 7.21 39.31 18.51
C LYS A 109 5.95 38.74 19.11
N PRO A 110 4.80 38.94 18.45
CA PRO A 110 3.57 38.30 18.92
C PRO A 110 3.64 36.79 18.79
N ASP A 111 2.93 36.10 19.68
CA ASP A 111 2.92 34.65 19.73
C ASP A 111 1.69 34.07 19.04
N ILE A 112 1.24 34.70 17.96
CA ILE A 112 0.08 34.21 17.22
C ILE A 112 0.43 32.89 16.55
N LEU A 113 -0.43 31.89 16.75
CA LEU A 113 -0.20 30.56 16.20
C LEU A 113 -1.54 29.92 15.87
N LEU A 114 -1.49 28.94 14.96
CA LEU A 114 -2.70 28.23 14.57
C LEU A 114 -3.22 27.39 15.73
N TYR A 115 -4.52 27.52 16.02
CA TYR A 115 -5.12 26.77 17.12
C TYR A 115 -5.28 25.30 16.78
N ASN A 116 -5.52 24.98 15.50
CA ASN A 116 -5.78 23.59 15.11
C ASN A 116 -4.48 22.79 15.07
N SER A 117 -3.58 23.15 14.15
CA SER A 117 -2.22 22.61 14.06
C SER A 117 -2.20 21.09 14.22
N ALA A 118 -2.82 20.41 13.26
CA ALA A 118 -2.89 18.94 13.27
C ALA A 118 -1.61 18.37 12.68
N ASP A 119 -0.53 18.50 13.45
CA ASP A 119 0.79 18.05 13.01
C ASP A 119 1.68 17.87 14.24
N GLU A 120 2.81 17.20 14.02
CA GLU A 120 3.74 16.88 15.10
C GLU A 120 4.25 18.14 15.80
N ARG A 121 5.00 18.96 15.09
CA ARG A 121 5.39 20.26 15.61
C ARG A 121 4.25 21.26 15.41
N PHE A 122 4.05 22.12 16.40
CA PHE A 122 2.82 22.90 16.51
C PHE A 122 2.92 24.30 15.91
N ASP A 123 4.13 24.81 15.68
CA ASP A 123 4.27 26.19 15.21
C ASP A 123 4.08 26.29 13.70
N ALA A 124 4.96 25.65 12.93
CA ALA A 124 4.90 25.67 11.46
C ALA A 124 4.90 27.10 10.93
N THR A 125 5.96 27.84 11.25
CA THR A 125 6.06 29.23 10.84
C THR A 125 7.40 29.62 10.22
N PHE A 126 8.48 28.87 10.46
CA PHE A 126 9.78 29.14 9.86
C PHE A 126 10.21 30.59 10.09
N HIS A 127 10.47 30.90 11.36
CA HIS A 127 10.87 32.24 11.76
C HIS A 127 11.98 32.80 10.87
N THR A 128 11.74 33.97 10.32
CA THR A 128 12.69 34.66 9.44
C THR A 128 13.01 36.03 10.04
N ASN A 129 13.76 36.83 9.27
CA ASN A 129 14.08 38.17 9.68
C ASN A 129 12.82 39.04 9.75
N VAL A 130 12.84 40.01 10.65
CA VAL A 130 11.69 40.87 10.91
C VAL A 130 12.06 42.29 10.53
N LEU A 131 11.34 42.85 9.56
CA LEU A 131 11.62 44.20 9.09
C LEU A 131 11.23 45.24 10.14
N VAL A 132 12.01 46.31 10.21
CA VAL A 132 11.77 47.39 11.16
C VAL A 132 11.77 48.71 10.40
N ASN A 133 10.78 49.55 10.68
CA ASN A 133 10.61 50.85 10.04
C ASN A 133 11.73 51.79 10.48
N SER A 134 11.68 53.01 9.95
CA SER A 134 12.47 54.11 10.50
C SER A 134 11.77 54.82 11.64
N SER A 135 10.51 54.48 11.90
CA SER A 135 9.73 55.09 12.97
C SER A 135 9.18 54.09 13.96
N GLY A 136 9.56 52.82 13.86
CA GLY A 136 9.17 51.80 14.83
C GLY A 136 8.08 50.86 14.39
N HIS A 137 7.59 50.97 13.16
CA HIS A 137 6.54 50.07 12.67
CA HIS A 137 6.54 50.07 12.67
C HIS A 137 7.19 48.77 12.21
N CYS A 138 6.96 47.69 12.96
CA CYS A 138 7.59 46.40 12.71
C CYS A 138 6.61 45.50 12.00
N GLN A 139 7.06 44.86 10.92
CA GLN A 139 6.26 43.90 10.17
C GLN A 139 6.99 42.58 10.09
N TYR A 140 6.23 41.48 10.14
CA TYR A 140 6.78 40.13 10.21
C TYR A 140 6.03 39.26 9.22
N LEU A 141 6.77 38.65 8.29
CA LEU A 141 6.19 37.92 7.15
C LEU A 141 6.81 36.53 7.08
N PRO A 142 6.37 35.61 7.92
CA PRO A 142 6.95 34.26 7.93
C PRO A 142 6.20 33.32 6.99
N PRO A 143 6.91 32.53 6.19
CA PRO A 143 6.26 31.49 5.39
C PRO A 143 6.23 30.16 6.10
N GLY A 144 5.23 29.35 5.75
CA GLY A 144 5.11 28.05 6.35
C GLY A 144 4.07 27.20 5.65
N ILE A 145 4.13 25.89 5.92
CA ILE A 145 3.16 24.93 5.43
C ILE A 145 2.35 24.45 6.63
N PHE A 146 1.05 24.70 6.61
CA PHE A 146 0.17 24.44 7.74
C PHE A 146 -0.67 23.20 7.49
N LYS A 147 -0.86 22.40 8.53
CA LYS A 147 -1.69 21.20 8.49
C LYS A 147 -2.79 21.37 9.53
N SER A 148 -3.88 22.00 9.13
CA SER A 148 -5.00 22.23 10.04
C SER A 148 -5.92 21.01 10.09
N SER A 149 -6.74 20.96 11.12
CA SER A 149 -7.69 19.86 11.32
C SER A 149 -9.06 20.32 10.83
N CYS A 150 -9.43 19.87 9.63
CA CYS A 150 -10.70 20.23 9.02
C CYS A 150 -11.73 19.13 9.22
N TYR A 151 -12.98 19.47 8.93
CA TYR A 151 -14.10 18.53 8.97
C TYR A 151 -14.59 18.33 7.55
N ILE A 152 -14.28 17.17 6.98
CA ILE A 152 -14.66 16.84 5.60
C ILE A 152 -16.02 16.15 5.67
N ASP A 153 -17.09 16.92 5.53
CA ASP A 153 -18.44 16.38 5.52
C ASP A 153 -18.65 15.67 4.19
N VAL A 154 -18.42 14.36 4.17
CA VAL A 154 -18.47 13.59 2.91
C VAL A 154 -19.91 13.14 2.74
N ARG A 155 -20.73 14.03 2.20
CA ARG A 155 -22.07 13.70 1.75
C ARG A 155 -22.21 14.30 0.35
N TRP A 156 -22.74 13.50 -0.59
CA TRP A 156 -22.64 13.79 -2.01
C TRP A 156 -21.17 13.96 -2.40
N PHE A 157 -20.43 12.85 -2.22
CA PHE A 157 -18.97 12.90 -2.27
C PHE A 157 -18.41 13.44 -3.59
N PRO A 158 -18.82 12.97 -4.76
CA PRO A 158 -18.27 13.56 -6.00
C PRO A 158 -18.62 15.02 -6.18
N PHE A 159 -19.69 15.50 -5.54
CA PHE A 159 -20.26 16.82 -5.78
C PHE A 159 -20.36 17.61 -4.47
N ASP A 160 -19.30 17.58 -3.68
CA ASP A 160 -19.31 18.16 -2.35
C ASP A 160 -18.52 19.48 -2.31
N VAL A 161 -18.91 20.34 -1.38
CA VAL A 161 -18.23 21.60 -1.12
C VAL A 161 -17.80 21.59 0.35
N GLN A 162 -16.53 21.85 0.60
CA GLN A 162 -15.95 21.75 1.94
C GLN A 162 -15.60 23.15 2.46
N HIS A 163 -15.90 23.38 3.74
CA HIS A 163 -15.54 24.60 4.44
C HIS A 163 -14.53 24.25 5.52
N CYS A 164 -13.30 24.73 5.36
CA CYS A 164 -12.22 24.46 6.31
C CYS A 164 -11.83 25.74 7.02
N LYS A 165 -11.75 25.68 8.35
CA LYS A 165 -11.47 26.84 9.18
C LYS A 165 -10.01 26.85 9.60
N LEU A 166 -9.47 28.05 9.78
CA LEU A 166 -8.11 28.26 10.25
C LEU A 166 -8.16 29.27 11.39
N LYS A 167 -7.93 28.80 12.61
CA LYS A 167 -8.09 29.62 13.82
C LYS A 167 -6.72 30.12 14.25
N PHE A 168 -6.52 31.43 14.18
CA PHE A 168 -5.27 32.07 14.56
C PHE A 168 -5.52 33.03 15.72
N GLY A 169 -4.62 33.02 16.70
CA GLY A 169 -4.75 33.91 17.84
C GLY A 169 -3.56 33.77 18.76
N SER A 170 -3.40 34.78 19.60
CA SER A 170 -2.33 34.78 20.58
C SER A 170 -2.59 33.72 21.67
N TRP A 171 -1.50 33.18 22.21
CA TRP A 171 -1.60 32.11 23.19
C TRP A 171 -1.45 32.59 24.63
N SER A 172 -0.70 33.67 24.87
CA SER A 172 -0.43 34.13 26.22
C SER A 172 -0.91 35.56 26.50
N TYR A 173 -1.25 36.33 25.47
CA TYR A 173 -1.67 37.71 25.64
C TYR A 173 -3.18 37.81 25.46
N GLY A 174 -3.85 38.44 26.41
CA GLY A 174 -5.28 38.55 26.43
C GLY A 174 -5.80 39.80 25.74
N GLY A 175 -7.02 40.19 26.12
CA GLY A 175 -7.64 41.34 25.49
C GLY A 175 -6.94 42.64 25.77
N TRP A 176 -6.54 42.87 27.03
CA TRP A 176 -5.93 44.14 27.40
C TRP A 176 -4.45 44.22 27.06
N SER A 177 -3.83 43.12 26.63
CA SER A 177 -2.41 43.10 26.34
C SER A 177 -2.11 43.22 24.85
N LEU A 178 -2.77 42.39 24.02
CA LEU A 178 -2.52 42.37 22.58
C LEU A 178 -3.87 42.48 21.87
N ASP A 179 -4.18 43.67 21.35
CA ASP A 179 -5.40 43.89 20.60
C ASP A 179 -5.19 43.39 19.18
N LEU A 180 -5.67 42.18 18.91
CA LEU A 180 -5.48 41.55 17.60
C LEU A 180 -6.52 42.10 16.63
N GLN A 181 -6.05 42.68 15.53
CA GLN A 181 -6.91 43.18 14.47
C GLN A 181 -6.86 42.25 13.27
N MET A 182 -7.69 42.57 12.27
CA MET A 182 -7.85 41.72 11.09
C MET A 182 -7.67 42.53 9.82
N GLN A 183 -7.07 41.89 8.82
CA GLN A 183 -6.99 42.43 7.47
C GLN A 183 -7.47 41.37 6.48
N GLU A 184 -8.01 41.84 5.36
CA GLU A 184 -8.59 40.93 4.37
C GLU A 184 -7.53 39.98 3.81
N ALA A 185 -7.93 38.74 3.59
CA ALA A 185 -7.02 37.74 3.04
C ALA A 185 -6.64 38.08 1.61
N ASP A 186 -5.43 37.70 1.23
CA ASP A 186 -4.87 38.01 -0.07
C ASP A 186 -4.77 36.73 -0.90
N ILE A 187 -5.23 36.80 -2.15
CA ILE A 187 -5.21 35.64 -3.04
C ILE A 187 -4.54 36.02 -4.36
N SER A 188 -3.69 37.04 -4.34
CA SER A 188 -2.95 37.43 -5.52
C SER A 188 -1.85 36.42 -5.81
N GLY A 189 -2.15 35.43 -6.66
CA GLY A 189 -1.25 34.32 -6.88
C GLY A 189 -1.70 33.10 -6.11
N TYR A 190 -2.36 32.16 -6.79
CA TYR A 190 -3.00 31.05 -6.10
C TYR A 190 -2.51 29.71 -6.63
N ILE A 191 -2.08 29.67 -7.88
CA ILE A 191 -1.58 28.44 -8.51
C ILE A 191 -2.63 27.34 -8.34
N PRO A 192 -3.73 27.36 -9.09
CA PRO A 192 -4.86 26.47 -8.80
C PRO A 192 -4.45 25.01 -8.79
N ASN A 193 -5.03 24.26 -7.85
CA ASN A 193 -4.64 22.87 -7.64
C ASN A 193 -5.01 22.01 -8.84
N GLY A 194 -6.19 22.23 -9.41
CA GLY A 194 -6.71 21.40 -10.47
C GLY A 194 -7.69 20.34 -10.03
N GLU A 195 -7.68 19.99 -8.74
CA GLU A 195 -8.65 19.06 -8.16
C GLU A 195 -9.76 19.79 -7.42
N TRP A 196 -9.40 20.81 -6.66
CA TRP A 196 -10.35 21.59 -5.87
C TRP A 196 -10.41 23.00 -6.45
N ASP A 197 -11.64 23.50 -6.65
CA ASP A 197 -11.87 24.84 -7.16
C ASP A 197 -12.14 25.79 -6.00
N LEU A 198 -11.25 26.75 -5.80
CA LEU A 198 -11.40 27.69 -4.70
C LEU A 198 -12.56 28.65 -4.97
N VAL A 199 -13.41 28.83 -3.98
CA VAL A 199 -14.54 29.76 -4.06
C VAL A 199 -14.22 31.09 -3.41
N GLY A 200 -13.66 31.07 -2.21
CA GLY A 200 -13.29 32.28 -1.53
C GLY A 200 -12.77 31.96 -0.14
N ILE A 201 -12.07 32.93 0.44
CA ILE A 201 -11.51 32.78 1.77
C ILE A 201 -11.92 33.99 2.61
N PRO A 202 -13.12 34.00 3.18
CA PRO A 202 -13.51 35.08 4.09
C PRO A 202 -13.00 34.82 5.50
N GLY A 203 -13.11 35.85 6.33
CA GLY A 203 -12.60 35.78 7.68
C GLY A 203 -13.46 36.54 8.66
N LYS A 204 -13.05 36.47 9.92
CA LYS A 204 -13.83 37.01 11.03
C LYS A 204 -12.92 37.25 12.22
N ARG A 205 -13.20 38.31 12.98
CA ARG A 205 -12.47 38.60 14.20
C ARG A 205 -13.47 38.62 15.36
N SER A 206 -13.18 37.85 16.40
CA SER A 206 -14.05 37.76 17.57
C SER A 206 -13.21 37.39 18.77
N GLU A 207 -13.77 37.61 19.96
CA GLU A 207 -13.09 37.28 21.21
C GLU A 207 -14.05 36.51 22.12
N ARG A 208 -13.52 35.46 22.75
CA ARG A 208 -14.31 34.55 23.56
C ARG A 208 -13.73 34.47 24.96
N PHE A 209 -14.52 33.95 25.88
CA PHE A 209 -14.10 33.75 27.27
C PHE A 209 -13.82 32.26 27.49
N TYR A 210 -12.62 31.97 28.00
CA TYR A 210 -12.19 30.60 28.20
C TYR A 210 -12.31 30.21 29.68
N GLU A 211 -12.14 28.91 29.93
CA GLU A 211 -12.37 28.38 31.27
C GLU A 211 -11.27 28.79 32.24
N CYS A 212 -10.03 28.94 31.77
CA CYS A 212 -8.92 29.22 32.67
C CYS A 212 -9.10 30.56 33.38
N CYS A 213 -9.45 31.60 32.62
CA CYS A 213 -9.13 32.96 33.03
C CYS A 213 -10.29 33.88 32.68
N LYS A 214 -10.24 35.09 33.22
CA LYS A 214 -11.12 36.18 32.81
C LYS A 214 -10.58 36.95 31.63
N GLU A 215 -9.70 36.33 30.84
CA GLU A 215 -9.04 36.99 29.71
C GLU A 215 -9.91 36.83 28.47
N PRO A 216 -10.45 37.91 27.91
CA PRO A 216 -11.13 37.80 26.60
C PRO A 216 -10.09 37.69 25.50
N TYR A 217 -10.03 36.53 24.84
CA TYR A 217 -8.98 36.25 23.88
C TYR A 217 -9.49 36.49 22.46
N PRO A 218 -9.03 37.54 21.79
CA PRO A 218 -9.42 37.73 20.38
C PRO A 218 -8.72 36.71 19.48
N ASP A 219 -9.35 36.45 18.34
CA ASP A 219 -8.77 35.55 17.35
C ASP A 219 -9.28 35.94 15.96
N VAL A 220 -8.57 35.45 14.94
CA VAL A 220 -8.96 35.64 13.55
C VAL A 220 -9.14 34.26 12.94
N THR A 221 -10.34 34.00 12.41
CA THR A 221 -10.69 32.70 11.86
C THR A 221 -10.91 32.85 10.36
N PHE A 222 -9.97 32.34 9.56
CA PHE A 222 -10.08 32.35 8.11
C PHE A 222 -10.65 31.01 7.66
N THR A 223 -11.81 31.05 7.02
CA THR A 223 -12.47 29.86 6.51
C THR A 223 -12.23 29.74 5.01
N VAL A 224 -11.91 28.53 4.56
CA VAL A 224 -11.59 28.26 3.16
C VAL A 224 -12.72 27.44 2.56
N THR A 225 -13.33 27.96 1.51
CA THR A 225 -14.41 27.28 0.80
C THR A 225 -13.89 26.84 -0.56
N MET A 226 -13.91 25.53 -0.81
CA MET A 226 -13.43 24.95 -2.05
C MET A 226 -14.44 23.95 -2.58
N ARG A 227 -14.54 23.88 -3.91
CA ARG A 227 -15.45 22.99 -4.59
C ARG A 227 -14.65 21.93 -5.34
N ARG A 228 -14.98 20.66 -5.12
CA ARG A 228 -14.26 19.56 -5.74
C ARG A 228 -14.68 19.41 -7.20
N ARG A 229 -13.70 19.32 -8.09
CA ARG A 229 -13.97 19.08 -9.50
C ARG A 229 -14.35 17.63 -9.72
N THR A 230 -15.17 17.40 -10.75
CA THR A 230 -15.84 16.12 -10.93
C THR A 230 -15.44 15.37 -12.18
N LEU A 231 -14.58 15.94 -13.03
CA LEU A 231 -14.25 15.28 -14.30
C LEU A 231 -13.52 13.96 -14.06
N TYR A 232 -12.55 13.94 -13.15
CA TYR A 232 -11.82 12.71 -12.89
C TYR A 232 -12.70 11.66 -12.22
N TYR A 233 -13.43 12.06 -11.18
CA TYR A 233 -14.27 11.11 -10.46
C TYR A 233 -15.46 10.66 -11.30
N GLY A 234 -16.03 11.57 -12.09
CA GLY A 234 -17.16 11.18 -12.93
C GLY A 234 -16.78 10.20 -14.02
N LEU A 235 -15.65 10.45 -14.70
CA LEU A 235 -15.27 9.61 -15.84
C LEU A 235 -14.67 8.28 -15.37
N ASN A 236 -13.83 8.29 -14.34
CA ASN A 236 -13.15 7.08 -13.92
C ASN A 236 -14.01 6.20 -13.01
N LEU A 237 -15.04 6.75 -12.38
CA LEU A 237 -15.84 5.98 -11.44
C LEU A 237 -17.31 5.90 -11.83
N LEU A 238 -17.94 7.03 -12.16
CA LEU A 238 -19.37 7.01 -12.46
C LEU A 238 -19.64 6.41 -13.83
N ILE A 239 -18.84 6.78 -14.84
CA ILE A 239 -19.08 6.27 -16.20
C ILE A 239 -18.94 4.76 -16.29
N PRO A 240 -17.88 4.13 -15.79
CA PRO A 240 -17.80 2.66 -15.88
C PRO A 240 -18.94 1.95 -15.17
N CYS A 241 -19.45 2.50 -14.07
CA CYS A 241 -20.52 1.84 -13.34
C CYS A 241 -21.77 1.67 -14.18
N VAL A 242 -22.13 2.71 -14.94
CA VAL A 242 -23.28 2.60 -15.84
C VAL A 242 -23.03 1.55 -16.91
N LEU A 243 -21.82 1.54 -17.48
CA LEU A 243 -21.50 0.60 -18.55
C LEU A 243 -21.47 -0.85 -18.04
N ILE A 244 -20.89 -1.09 -16.87
CA ILE A 244 -20.84 -2.44 -16.33
C ILE A 244 -22.24 -2.91 -15.95
N SER A 245 -23.06 -2.02 -15.37
CA SER A 245 -24.43 -2.40 -15.04
C SER A 245 -25.25 -2.67 -16.28
N ALA A 246 -24.90 -2.07 -17.41
CA ALA A 246 -25.61 -2.32 -18.66
C ALA A 246 -25.41 -3.76 -19.11
N LEU A 247 -24.20 -4.29 -18.96
CA LEU A 247 -23.94 -5.67 -19.37
C LEU A 247 -24.64 -6.67 -18.46
N ALA A 248 -24.82 -6.33 -17.19
CA ALA A 248 -25.62 -7.18 -16.30
C ALA A 248 -27.07 -7.24 -16.76
N LEU A 249 -27.54 -6.21 -17.45
CA LEU A 249 -28.87 -6.17 -18.03
C LEU A 249 -28.98 -6.99 -19.31
N LEU A 250 -27.85 -7.46 -19.85
CA LEU A 250 -27.82 -8.21 -21.10
C LEU A 250 -28.10 -9.68 -20.91
N VAL A 251 -28.29 -10.14 -19.67
CA VAL A 251 -28.56 -11.56 -19.43
C VAL A 251 -29.89 -11.96 -20.06
N PHE A 252 -30.91 -11.10 -19.93
CA PHE A 252 -32.23 -11.41 -20.44
C PHE A 252 -32.29 -11.50 -21.97
N LEU A 253 -31.28 -11.00 -22.67
CA LEU A 253 -31.23 -11.14 -24.12
C LEU A 253 -30.55 -12.42 -24.57
N LEU A 254 -29.79 -13.06 -23.69
CA LEU A 254 -29.16 -14.32 -24.05
C LEU A 254 -30.19 -15.44 -24.12
N PRO A 255 -30.16 -16.26 -25.16
CA PRO A 255 -31.04 -17.43 -25.19
C PRO A 255 -30.68 -18.41 -24.10
N ALA A 256 -31.71 -19.08 -23.57
CA ALA A 256 -31.50 -20.04 -22.49
C ALA A 256 -30.82 -21.31 -22.96
N ASP A 257 -30.82 -21.57 -24.27
CA ASP A 257 -30.18 -22.78 -24.79
C ASP A 257 -28.68 -22.76 -24.52
N SER A 258 -28.05 -21.62 -24.79
CA SER A 258 -26.63 -21.49 -24.52
C SER A 258 -26.42 -21.48 -23.01
N GLY A 259 -25.76 -22.50 -22.49
CA GLY A 259 -25.55 -22.61 -21.06
C GLY A 259 -24.55 -21.59 -20.58
N GLU A 260 -24.98 -20.32 -20.55
CA GLU A 260 -24.08 -19.19 -20.35
C GLU A 260 -24.73 -18.02 -19.60
N LYS A 261 -25.96 -18.19 -19.10
CA LYS A 261 -26.69 -17.09 -18.48
C LYS A 261 -26.15 -16.77 -17.08
N ILE A 262 -26.00 -17.78 -16.22
CA ILE A 262 -25.43 -17.55 -14.91
C ILE A 262 -23.94 -17.18 -15.02
N SER A 263 -23.26 -17.70 -16.04
CA SER A 263 -21.84 -17.43 -16.21
C SER A 263 -21.57 -15.93 -16.35
N LEU A 264 -22.35 -15.26 -17.21
CA LEU A 264 -22.29 -13.80 -17.33
C LEU A 264 -23.06 -13.11 -16.22
N GLY A 265 -24.04 -13.78 -15.63
CA GLY A 265 -24.74 -13.18 -14.52
C GLY A 265 -23.86 -12.96 -13.30
N ILE A 266 -23.01 -13.95 -12.97
CA ILE A 266 -22.17 -13.92 -11.78
C ILE A 266 -20.78 -13.32 -12.06
N THR A 267 -20.30 -13.37 -13.30
CA THR A 267 -19.01 -12.75 -13.62
C THR A 267 -19.08 -11.24 -13.51
N VAL A 268 -20.17 -10.63 -13.97
CA VAL A 268 -20.34 -9.19 -13.83
C VAL A 268 -20.42 -8.80 -12.36
N LEU A 269 -21.15 -9.58 -11.56
CA LEU A 269 -21.21 -9.31 -10.13
C LEU A 269 -19.84 -9.43 -9.48
N LEU A 270 -19.07 -10.46 -9.84
CA LEU A 270 -17.71 -10.57 -9.32
C LEU A 270 -16.84 -9.41 -9.80
N SER A 271 -16.99 -9.02 -11.06
CA SER A 271 -16.21 -7.92 -11.63
C SER A 271 -16.65 -6.55 -11.13
N LEU A 272 -17.77 -6.46 -10.41
CA LEU A 272 -18.28 -5.17 -9.98
C LEU A 272 -18.09 -4.92 -8.49
N THR A 273 -17.85 -5.96 -7.70
CA THR A 273 -17.54 -5.79 -6.29
C THR A 273 -16.19 -5.10 -6.09
N VAL A 274 -15.33 -5.13 -7.11
CA VAL A 274 -13.98 -4.57 -6.97
C VAL A 274 -13.98 -3.06 -6.87
N PHE A 275 -15.09 -2.41 -7.25
CA PHE A 275 -15.08 -0.95 -7.30
C PHE A 275 -15.11 -0.32 -5.91
N MET A 276 -15.92 -0.85 -4.99
CA MET A 276 -15.88 -0.31 -3.63
C MET A 276 -14.53 -0.56 -2.97
N LEU A 277 -13.76 -1.53 -3.44
CA LEU A 277 -12.41 -1.73 -2.92
C LEU A 277 -11.56 -0.49 -3.15
N LEU A 278 -11.64 0.08 -4.35
CA LEU A 278 -11.01 1.38 -4.60
C LEU A 278 -11.72 2.48 -3.83
N VAL A 279 -13.06 2.44 -3.80
CA VAL A 279 -13.83 3.51 -3.16
C VAL A 279 -13.60 3.52 -1.66
N ALA A 280 -13.65 2.35 -1.01
CA ALA A 280 -13.47 2.30 0.44
C ALA A 280 -12.07 2.74 0.85
N GLU A 281 -11.09 2.56 -0.03
CA GLU A 281 -9.74 3.05 0.25
C GLU A 281 -9.70 4.57 0.29
N ILE A 282 -10.65 5.26 -0.36
CA ILE A 282 -10.72 6.70 -0.34
C ILE A 282 -11.75 7.20 0.67
N MET A 283 -12.83 6.44 0.87
CA MET A 283 -13.91 6.86 1.76
C MET A 283 -13.43 6.85 3.20
N PRO A 284 -13.53 7.96 3.92
CA PRO A 284 -13.29 7.93 5.37
C PRO A 284 -14.35 7.10 6.07
N ALA A 285 -13.94 6.41 7.13
CA ALA A 285 -14.84 5.55 7.89
C ALA A 285 -15.58 6.36 8.96
N THR A 286 -16.38 7.31 8.49
CA THR A 286 -17.14 8.20 9.37
C THR A 286 -18.62 7.82 9.33
N SER A 287 -19.21 7.64 10.50
CA SER A 287 -20.63 7.33 10.63
C SER A 287 -21.47 8.59 10.80
N ASP A 288 -21.30 9.55 9.89
CA ASP A 288 -22.10 10.77 9.91
C ASP A 288 -23.35 10.61 9.05
N SER A 289 -23.17 10.27 7.78
CA SER A 289 -24.28 10.01 6.88
C SER A 289 -23.80 9.08 5.78
N VAL A 290 -24.75 8.41 5.13
CA VAL A 290 -24.42 7.50 4.04
C VAL A 290 -24.06 8.34 2.82
N PRO A 291 -22.86 8.18 2.27
CA PRO A 291 -22.46 8.99 1.12
C PRO A 291 -23.28 8.65 -0.12
N LEU A 292 -23.39 9.63 -1.01
CA LEU A 292 -24.13 9.42 -2.26
C LEU A 292 -23.50 8.31 -3.09
N ILE A 293 -22.17 8.26 -3.16
CA ILE A 293 -21.51 7.22 -3.92
C ILE A 293 -21.75 5.85 -3.28
N ALA A 294 -21.95 5.80 -1.96
CA ALA A 294 -22.23 4.53 -1.30
C ALA A 294 -23.62 4.01 -1.68
N GLN A 295 -24.63 4.90 -1.70
CA GLN A 295 -25.96 4.49 -2.10
C GLN A 295 -26.00 4.05 -3.56
N TYR A 296 -25.30 4.78 -4.44
CA TYR A 296 -25.33 4.45 -5.86
C TYR A 296 -24.69 3.09 -6.12
N PHE A 297 -23.57 2.80 -5.44
CA PHE A 297 -22.98 1.47 -5.55
C PHE A 297 -23.89 0.40 -4.94
N ALA A 298 -24.54 0.71 -3.82
CA ALA A 298 -25.45 -0.24 -3.20
C ALA A 298 -26.64 -0.54 -4.11
N SER A 299 -27.12 0.47 -4.82
CA SER A 299 -28.21 0.25 -5.77
C SER A 299 -27.79 -0.69 -6.88
N THR A 300 -26.55 -0.58 -7.36
CA THR A 300 -26.06 -1.45 -8.41
C THR A 300 -25.87 -2.87 -7.91
N MET A 301 -25.50 -3.03 -6.64
CA MET A 301 -25.44 -4.36 -6.04
C MET A 301 -26.78 -5.08 -6.15
N ILE A 302 -27.86 -4.40 -5.77
CA ILE A 302 -29.18 -5.04 -5.74
C ILE A 302 -29.69 -5.32 -7.15
N ILE A 303 -29.51 -4.36 -8.07
CA ILE A 303 -29.99 -4.54 -9.43
C ILE A 303 -29.28 -5.71 -10.10
N VAL A 304 -27.94 -5.76 -9.97
CA VAL A 304 -27.19 -6.88 -10.52
C VAL A 304 -27.49 -8.16 -9.75
N GLY A 305 -27.60 -8.05 -8.41
CA GLY A 305 -27.89 -9.22 -7.60
C GLY A 305 -29.25 -9.83 -7.90
N LEU A 306 -30.27 -8.98 -8.06
CA LEU A 306 -31.60 -9.49 -8.37
C LEU A 306 -31.68 -10.07 -9.78
N SER A 307 -30.75 -9.69 -10.67
CA SER A 307 -30.73 -10.27 -12.01
C SER A 307 -30.42 -11.77 -11.95
N VAL A 308 -29.49 -12.17 -11.07
CA VAL A 308 -29.15 -13.58 -10.94
C VAL A 308 -30.33 -14.36 -10.38
N VAL A 309 -31.04 -13.78 -9.40
CA VAL A 309 -32.20 -14.45 -8.82
C VAL A 309 -33.28 -14.66 -9.88
N VAL A 310 -33.53 -13.64 -10.70
CA VAL A 310 -34.52 -13.76 -11.77
C VAL A 310 -34.07 -14.79 -12.79
N THR A 311 -32.78 -14.80 -13.12
CA THR A 311 -32.26 -15.76 -14.10
C THR A 311 -32.46 -17.20 -13.63
N VAL A 312 -32.27 -17.45 -12.34
CA VAL A 312 -32.49 -18.79 -11.80
C VAL A 312 -33.95 -19.19 -11.97
N ILE A 313 -34.87 -18.27 -11.70
CA ILE A 313 -36.29 -18.54 -11.91
C ILE A 313 -36.58 -18.80 -13.39
N VAL A 314 -35.96 -18.02 -14.27
CA VAL A 314 -36.14 -18.23 -15.70
C VAL A 314 -35.58 -19.59 -16.12
N LEU A 315 -34.40 -19.95 -15.60
CA LEU A 315 -33.75 -21.19 -16.02
C LEU A 315 -34.58 -22.42 -15.65
N GLN A 316 -35.15 -22.43 -14.45
CA GLN A 316 -35.98 -23.57 -14.05
C GLN A 316 -37.30 -23.64 -14.80
N TYR A 317 -37.72 -22.52 -15.41
CA TYR A 317 -38.86 -22.56 -16.32
C TYR A 317 -38.48 -23.21 -17.66
N HIS A 318 -37.20 -23.23 -18.00
CA HIS A 318 -36.76 -23.82 -19.26
C HIS A 318 -36.63 -25.34 -19.14
N HIS A 319 -35.78 -25.81 -18.23
CA HIS A 319 -35.59 -27.25 -18.01
C HIS A 319 -36.57 -27.73 -16.95
N HIS A 320 -37.86 -27.71 -17.31
CA HIS A 320 -38.90 -28.06 -16.37
C HIS A 320 -39.15 -29.56 -16.26
N ASP A 321 -38.52 -30.37 -17.11
CA ASP A 321 -38.72 -31.83 -17.10
C ASP A 321 -40.19 -32.16 -17.22
N PRO A 322 -40.79 -32.03 -18.42
CA PRO A 322 -42.24 -32.20 -18.57
C PRO A 322 -42.75 -33.57 -18.16
N ASP A 323 -44.07 -33.74 -18.19
CA ASP A 323 -44.75 -34.93 -17.67
C ASP A 323 -44.49 -35.10 -16.18
N GLY A 324 -44.31 -34.00 -15.47
CA GLY A 324 -44.12 -34.01 -14.04
C GLY A 324 -44.87 -32.90 -13.34
N GLY A 325 -45.94 -32.42 -13.97
CA GLY A 325 -46.73 -31.33 -13.41
C GLY A 325 -47.05 -30.26 -14.43
N LYS A 326 -48.33 -29.94 -14.58
CA LYS A 326 -48.76 -28.91 -15.50
C LYS A 326 -48.87 -27.56 -14.81
N MET A 327 -48.98 -26.50 -15.60
CA MET A 327 -49.10 -25.17 -15.04
C MET A 327 -50.45 -25.03 -14.33
N PRO A 328 -50.51 -24.20 -13.27
CA PRO A 328 -51.71 -24.18 -12.42
C PRO A 328 -52.90 -23.45 -13.03
N LYS A 329 -52.86 -23.22 -14.34
CA LYS A 329 -53.88 -22.54 -15.14
C LYS A 329 -53.91 -21.03 -14.89
N TRP A 330 -53.10 -20.53 -13.95
CA TRP A 330 -52.87 -19.09 -13.83
C TRP A 330 -51.70 -18.65 -14.70
N THR A 331 -50.72 -19.53 -14.89
CA THR A 331 -49.62 -19.22 -15.80
C THR A 331 -50.04 -19.30 -17.26
N ARG A 332 -50.99 -20.19 -17.58
CA ARG A 332 -51.50 -20.24 -18.96
C ARG A 332 -52.18 -18.94 -19.35
N VAL A 333 -52.74 -18.21 -18.39
CA VAL A 333 -53.48 -16.99 -18.70
C VAL A 333 -52.68 -15.72 -18.42
N ILE A 334 -51.68 -15.76 -17.55
CA ILE A 334 -50.92 -14.55 -17.23
C ILE A 334 -49.75 -14.39 -18.19
N LEU A 335 -48.88 -15.39 -18.28
CA LEU A 335 -47.67 -15.30 -19.08
C LEU A 335 -47.87 -15.72 -20.53
N LEU A 336 -49.04 -16.22 -20.89
CA LEU A 336 -49.31 -16.64 -22.26
C LEU A 336 -50.44 -15.89 -22.94
N ASN A 337 -51.27 -15.16 -22.19
CA ASN A 337 -52.39 -14.42 -22.76
C ASN A 337 -52.35 -12.94 -22.41
N TRP A 338 -51.91 -12.58 -21.21
CA TRP A 338 -51.86 -11.18 -20.81
C TRP A 338 -50.49 -10.55 -21.10
N CYS A 339 -49.43 -11.10 -20.51
CA CYS A 339 -48.10 -10.56 -20.75
C CYS A 339 -47.64 -10.81 -22.18
N ALA A 340 -48.04 -11.93 -22.77
CA ALA A 340 -47.65 -12.22 -24.15
C ALA A 340 -48.25 -11.21 -25.13
N TRP A 341 -49.46 -10.74 -24.86
CA TRP A 341 -50.08 -9.77 -25.75
C TRP A 341 -49.43 -8.39 -25.62
N PHE A 342 -48.93 -8.06 -24.43
CA PHE A 342 -48.24 -6.78 -24.25
C PHE A 342 -46.98 -6.70 -25.11
N LEU A 343 -46.20 -7.77 -25.15
CA LEU A 343 -44.86 -7.74 -25.72
C LEU A 343 -44.80 -8.28 -27.14
N ARG A 344 -45.94 -8.57 -27.76
CA ARG A 344 -46.04 -9.02 -29.15
C ARG A 344 -45.20 -10.27 -29.40
N MET A 345 -45.57 -11.35 -28.71
CA MET A 345 -44.88 -12.63 -28.86
C MET A 345 -45.48 -13.48 -29.96
N LYS A 346 -46.82 -13.59 -30.00
CA LYS A 346 -47.53 -14.39 -30.99
C LYS A 346 -47.02 -15.83 -31.01
N ARG A 347 -46.78 -16.38 -29.82
CA ARG A 347 -46.30 -17.75 -29.65
C ARG A 347 -45.02 -18.02 -30.45
N ASP A 432 -49.84 -63.92 -40.15
CA ASP A 432 -48.59 -63.36 -39.63
C ASP A 432 -48.59 -61.84 -39.71
N LEU A 433 -49.47 -61.30 -40.56
CA LEU A 433 -49.55 -59.85 -40.71
C LEU A 433 -50.12 -59.20 -39.45
N ALA A 434 -50.93 -59.92 -38.68
CA ALA A 434 -51.50 -59.35 -37.47
C ALA A 434 -50.41 -59.01 -36.45
N LYS A 435 -49.44 -59.91 -36.28
CA LYS A 435 -48.34 -59.64 -35.36
C LYS A 435 -47.40 -58.58 -35.92
N ILE A 436 -47.26 -58.51 -37.23
CA ILE A 436 -46.49 -57.43 -37.84
C ILE A 436 -47.16 -56.08 -37.59
N LEU A 437 -48.49 -56.03 -37.74
CA LEU A 437 -49.22 -54.78 -37.52
C LEU A 437 -49.12 -54.33 -36.07
N GLU A 438 -49.20 -55.28 -35.12
CA GLU A 438 -49.12 -54.93 -33.71
C GLU A 438 -47.76 -54.34 -33.36
N GLU A 439 -46.69 -54.89 -33.93
CA GLU A 439 -45.35 -54.39 -33.64
C GLU A 439 -45.16 -52.98 -34.20
N VAL A 440 -45.64 -52.73 -35.41
CA VAL A 440 -45.60 -51.39 -35.98
C VAL A 440 -46.52 -50.45 -35.21
N ARG A 441 -47.60 -50.99 -34.63
CA ARG A 441 -48.53 -50.17 -33.87
C ARG A 441 -47.83 -49.50 -32.69
N TYR A 442 -46.98 -50.24 -31.98
CA TYR A 442 -46.29 -49.67 -30.84
C TYR A 442 -45.27 -48.63 -31.26
N ILE A 443 -44.58 -48.85 -32.38
CA ILE A 443 -43.53 -47.95 -32.81
C ILE A 443 -44.11 -46.57 -33.13
N ALA A 444 -45.20 -46.53 -33.88
CA ALA A 444 -45.83 -45.26 -34.23
C ALA A 444 -46.42 -44.58 -33.00
N ASN A 445 -47.03 -45.36 -32.10
CA ASN A 445 -47.62 -44.77 -30.90
C ASN A 445 -46.55 -44.17 -29.99
N ARG A 446 -45.39 -44.82 -29.92
CA ARG A 446 -44.29 -44.26 -29.13
C ARG A 446 -43.85 -42.91 -29.68
N PHE A 447 -43.76 -42.78 -31.01
CA PHE A 447 -43.41 -41.51 -31.62
C PHE A 447 -44.48 -40.45 -31.35
N ARG A 448 -45.76 -40.86 -31.39
CA ARG A 448 -46.84 -39.92 -31.11
C ARG A 448 -46.76 -39.40 -29.69
N CYS A 449 -46.44 -40.26 -28.73
CA CYS A 449 -46.30 -39.80 -27.35
C CYS A 449 -45.12 -38.87 -27.18
N GLN A 450 -44.04 -39.08 -27.94
CA GLN A 450 -42.91 -38.17 -27.90
C GLN A 450 -43.29 -36.78 -28.39
N ASP A 451 -44.12 -36.71 -29.44
CA ASP A 451 -44.56 -35.41 -29.95
C ASP A 451 -45.40 -34.67 -28.91
N GLU A 452 -46.27 -35.39 -28.21
CA GLU A 452 -47.09 -34.75 -27.17
C GLU A 452 -46.23 -34.21 -26.04
N SER A 453 -45.21 -34.98 -25.63
CA SER A 453 -44.31 -34.50 -24.58
C SER A 453 -43.50 -33.30 -25.05
N GLU A 454 -43.08 -33.29 -26.31
CA GLU A 454 -42.34 -32.16 -26.84
C GLU A 454 -43.20 -30.90 -26.87
N ALA A 455 -44.48 -31.03 -27.22
CA ALA A 455 -45.37 -29.89 -27.26
C ALA A 455 -45.55 -29.29 -25.87
N VAL A 456 -45.68 -30.14 -24.84
CA VAL A 456 -45.82 -29.65 -23.48
C VAL A 456 -44.56 -28.92 -23.04
N CYS A 457 -43.39 -29.46 -23.37
CA CYS A 457 -42.14 -28.80 -23.03
C CYS A 457 -41.94 -27.53 -23.85
N SER A 458 -42.52 -27.47 -25.05
CA SER A 458 -42.35 -26.30 -25.91
C SER A 458 -42.96 -25.06 -25.29
N GLU A 459 -44.16 -25.19 -24.71
CA GLU A 459 -44.81 -24.03 -24.09
C GLU A 459 -44.14 -23.66 -22.77
N TRP A 460 -43.51 -24.62 -22.10
CA TRP A 460 -42.72 -24.30 -20.91
C TRP A 460 -41.55 -23.39 -21.26
N LYS A 461 -40.87 -23.68 -22.37
CA LYS A 461 -39.76 -22.82 -22.81
C LYS A 461 -40.26 -21.44 -23.22
N PHE A 462 -41.41 -21.36 -23.87
CA PHE A 462 -41.95 -20.08 -24.29
C PHE A 462 -42.31 -19.22 -23.09
N ALA A 463 -42.78 -19.83 -22.00
CA ALA A 463 -43.06 -19.07 -20.78
C ALA A 463 -41.80 -18.44 -20.23
N ALA A 464 -40.68 -19.17 -20.28
CA ALA A 464 -39.41 -18.62 -19.81
C ALA A 464 -38.98 -17.43 -20.67
N CYS A 465 -39.22 -17.50 -21.99
CA CYS A 465 -38.88 -16.39 -22.87
C CYS A 465 -39.71 -15.16 -22.52
N VAL A 466 -40.97 -15.34 -22.18
CA VAL A 466 -41.83 -14.21 -21.81
C VAL A 466 -41.32 -13.56 -20.53
N VAL A 467 -40.94 -14.36 -19.54
CA VAL A 467 -40.46 -13.82 -18.28
C VAL A 467 -39.18 -13.03 -18.48
N ASP A 468 -38.28 -13.58 -19.29
CA ASP A 468 -37.01 -12.93 -19.57
C ASP A 468 -37.25 -11.55 -20.19
N ARG A 469 -38.10 -11.50 -21.21
CA ARG A 469 -38.41 -10.25 -21.88
C ARG A 469 -39.15 -9.29 -20.95
N LEU A 470 -40.07 -9.83 -20.14
CA LEU A 470 -40.81 -8.99 -19.20
C LEU A 470 -39.87 -8.39 -18.15
N CYS A 471 -38.94 -9.19 -17.64
CA CYS A 471 -38.00 -8.68 -16.64
C CYS A 471 -37.00 -7.70 -17.25
N LEU A 472 -36.72 -7.84 -18.55
CA LEU A 472 -35.82 -6.90 -19.21
C LEU A 472 -36.41 -5.49 -19.21
N MET A 473 -37.71 -5.38 -19.50
CA MET A 473 -38.36 -4.06 -19.46
C MET A 473 -38.42 -3.51 -18.04
N ALA A 474 -38.74 -4.36 -17.07
CA ALA A 474 -38.87 -3.90 -15.70
C ALA A 474 -37.52 -3.50 -15.11
N PHE A 475 -36.48 -4.29 -15.36
CA PHE A 475 -35.17 -3.98 -14.80
C PHE A 475 -34.52 -2.80 -15.51
N SER A 476 -34.88 -2.56 -16.78
CA SER A 476 -34.29 -1.44 -17.50
C SER A 476 -34.76 -0.10 -16.93
N VAL A 477 -36.07 0.05 -16.70
CA VAL A 477 -36.59 1.30 -16.17
C VAL A 477 -36.13 1.51 -14.73
N PHE A 478 -35.91 0.42 -13.98
CA PHE A 478 -35.39 0.56 -12.62
C PHE A 478 -34.00 1.17 -12.63
N THR A 479 -33.13 0.70 -13.52
CA THR A 479 -31.76 1.22 -13.59
C THR A 479 -31.74 2.68 -14.03
N ILE A 480 -32.61 3.04 -14.99
CA ILE A 480 -32.63 4.40 -15.49
C ILE A 480 -33.00 5.39 -14.40
N ILE A 481 -34.03 5.07 -13.61
CA ILE A 481 -34.48 5.98 -12.56
C ILE A 481 -33.62 5.89 -11.31
N CYS A 482 -32.95 4.77 -11.08
CA CYS A 482 -32.08 4.66 -9.91
C CYS A 482 -30.80 5.46 -10.11
N THR A 483 -30.19 5.36 -11.29
CA THR A 483 -28.96 6.11 -11.55
C THR A 483 -29.24 7.60 -11.63
N ILE A 484 -30.27 7.99 -12.39
CA ILE A 484 -30.61 9.41 -12.51
C ILE A 484 -31.11 9.96 -11.18
N GLY A 485 -31.99 9.20 -10.49
CA GLY A 485 -32.60 9.72 -9.28
C GLY A 485 -31.59 10.04 -8.19
N ILE A 486 -30.58 9.19 -8.02
CA ILE A 486 -29.55 9.44 -7.00
C ILE A 486 -28.72 10.65 -7.38
N LEU A 487 -28.30 10.75 -8.64
CA LEU A 487 -27.46 11.87 -9.06
C LEU A 487 -28.22 13.19 -9.01
N MET A 488 -29.50 13.19 -9.37
CA MET A 488 -30.28 14.42 -9.31
C MET A 488 -30.43 14.92 -7.87
N SER A 489 -30.46 14.00 -6.91
CA SER A 489 -30.70 14.39 -5.52
C SER A 489 -29.59 15.24 -4.95
N ALA A 490 -28.37 15.12 -5.48
CA ALA A 490 -27.25 15.89 -4.97
C ALA A 490 -27.45 17.37 -5.30
N PRO A 491 -27.35 18.26 -4.32
CA PRO A 491 -27.42 19.69 -4.62
C PRO A 491 -26.20 20.13 -5.41
N ASN A 492 -26.38 21.25 -6.12
CA ASN A 492 -25.36 21.86 -6.99
C ASN A 492 -24.72 20.85 -7.94
N PHE A 493 -25.48 19.80 -8.28
CA PHE A 493 -25.02 18.85 -9.28
C PHE A 493 -24.95 19.49 -10.66
N VAL A 494 -25.88 20.39 -10.97
CA VAL A 494 -25.97 20.96 -12.31
C VAL A 494 -24.77 21.85 -12.59
N GLU A 495 -24.35 22.65 -11.61
CA GLU A 495 -23.24 23.58 -11.86
C GLU A 495 -21.94 22.83 -12.11
N ALA A 496 -21.71 21.73 -11.40
CA ALA A 496 -20.49 20.95 -11.60
C ALA A 496 -20.44 20.37 -13.00
N VAL A 497 -21.57 19.84 -13.49
CA VAL A 497 -21.62 19.33 -14.85
C VAL A 497 -21.46 20.46 -15.86
N SER A 498 -22.09 21.60 -15.59
CA SER A 498 -22.01 22.74 -16.51
C SER A 498 -20.60 23.32 -16.56
N LYS A 499 -19.80 23.12 -15.51
CA LYS A 499 -18.44 23.67 -15.44
C LYS A 499 -17.39 22.63 -15.79
N ASP A 500 -17.36 21.50 -15.06
CA ASP A 500 -16.31 20.51 -15.27
C ASP A 500 -16.46 19.81 -16.62
N PHE A 501 -17.69 19.42 -16.98
CA PHE A 501 -17.92 18.69 -18.22
C PHE A 501 -18.19 19.64 -19.39
N ALA A 502 -19.22 20.46 -19.27
CA ALA A 502 -19.59 21.39 -20.33
C ALA A 502 -18.92 22.75 -20.12
N GLY B 23 6.97 49.73 28.45
CA GLY B 23 7.00 50.83 29.40
C GLY B 23 8.18 50.77 30.36
N GLU B 24 8.40 51.86 31.09
CA GLU B 24 9.52 51.89 32.04
C GLU B 24 9.27 50.96 33.22
N PHE B 25 8.00 50.77 33.61
CA PHE B 25 7.71 49.88 34.73
C PHE B 25 7.89 48.41 34.35
N GLN B 26 7.48 48.04 33.12
CA GLN B 26 7.66 46.67 32.67
C GLN B 26 9.14 46.34 32.53
N ARG B 27 9.93 47.26 31.98
CA ARG B 27 11.36 47.04 31.86
C ARG B 27 12.02 46.92 33.23
N LYS B 28 11.61 47.78 34.17
CA LYS B 28 12.17 47.72 35.52
C LYS B 28 11.80 46.42 36.22
N LEU B 29 10.53 46.01 36.15
CA LEU B 29 10.08 44.82 36.87
C LEU B 29 10.81 43.58 36.40
N TYR B 30 11.02 43.45 35.09
CA TYR B 30 11.70 42.27 34.55
C TYR B 30 13.12 42.16 35.07
N LYS B 31 13.71 43.28 35.50
CA LYS B 31 15.12 43.28 35.89
C LYS B 31 15.30 42.75 37.31
N GLU B 32 14.40 43.11 38.23
CA GLU B 32 14.45 42.54 39.57
C GLU B 32 14.01 41.08 39.56
N LEU B 33 13.09 40.70 38.68
CA LEU B 33 12.54 39.35 38.68
C LEU B 33 13.59 38.32 38.32
N VAL B 34 14.49 38.63 37.39
CA VAL B 34 15.49 37.69 36.94
C VAL B 34 16.80 37.91 37.68
N LYS B 35 16.75 38.72 38.74
CA LYS B 35 17.95 39.01 39.53
C LYS B 35 18.20 37.88 40.52
N ASN B 36 19.37 37.25 40.43
CA ASN B 36 19.77 36.16 41.32
C ASN B 36 18.74 35.04 41.30
N TYR B 37 18.24 34.71 40.12
CA TYR B 37 17.24 33.66 39.94
C TYR B 37 17.89 32.43 39.33
N ASN B 38 17.65 31.27 39.94
CA ASN B 38 18.18 30.00 39.47
C ASN B 38 17.04 29.14 38.95
N PRO B 39 17.00 28.84 37.65
CA PRO B 39 15.90 28.00 37.13
C PRO B 39 15.96 26.54 37.57
N LEU B 40 17.06 26.11 38.18
CA LEU B 40 17.20 24.74 38.64
C LEU B 40 16.64 24.50 40.03
N GLU B 41 16.09 25.53 40.67
CA GLU B 41 15.67 25.48 42.06
C GLU B 41 14.15 25.43 42.16
N ARG B 42 13.65 24.58 43.05
CA ARG B 42 12.23 24.57 43.34
C ARG B 42 11.83 25.89 44.00
N PRO B 43 10.69 26.47 43.62
CA PRO B 43 10.35 27.80 44.12
C PRO B 43 9.74 27.80 45.52
N VAL B 44 9.89 26.69 46.24
CA VAL B 44 9.35 26.60 47.59
C VAL B 44 10.13 27.53 48.52
N ALA B 45 9.40 28.22 49.40
CA ALA B 45 10.06 29.11 50.35
C ALA B 45 10.80 28.31 51.43
N ASN B 46 10.22 27.19 51.86
CA ASN B 46 10.81 26.32 52.86
C ASN B 46 11.13 24.98 52.20
N ASP B 47 12.39 24.54 52.32
CA ASP B 47 12.82 23.31 51.67
C ASP B 47 12.52 22.08 52.52
N SER B 48 11.28 22.00 53.01
CA SER B 48 10.82 20.83 53.75
C SER B 48 9.43 20.37 53.37
N GLN B 49 8.66 21.18 52.63
CA GLN B 49 7.30 20.86 52.25
C GLN B 49 7.19 20.68 50.74
N PRO B 50 6.40 19.73 50.27
CA PRO B 50 6.24 19.54 48.83
C PRO B 50 5.55 20.72 48.17
N LEU B 51 5.88 20.96 46.90
CA LEU B 51 5.25 22.01 46.11
C LEU B 51 3.97 21.47 45.50
N THR B 52 2.86 22.14 45.75
CA THR B 52 1.56 21.70 45.25
C THR B 52 1.41 22.12 43.79
N VAL B 53 1.26 21.15 42.90
CA VAL B 53 1.09 21.38 41.48
C VAL B 53 -0.24 20.79 41.05
N TYR B 54 -1.08 21.61 40.42
CA TYR B 54 -2.39 21.20 39.96
C TYR B 54 -2.29 20.84 38.47
N PHE B 55 -2.65 19.60 38.15
CA PHE B 55 -2.58 19.09 36.78
C PHE B 55 -3.99 18.77 36.29
N SER B 56 -4.29 19.23 35.07
CA SER B 56 -5.58 18.97 34.46
C SER B 56 -5.36 18.62 32.99
N LEU B 57 -6.46 18.44 32.26
CA LEU B 57 -6.39 18.05 30.86
C LEU B 57 -7.63 18.55 30.14
N SER B 58 -7.47 18.84 28.85
CA SER B 58 -8.57 19.29 28.01
C SER B 58 -8.48 18.54 26.68
N LEU B 59 -9.48 17.71 26.40
CA LEU B 59 -9.52 16.95 25.16
C LEU B 59 -10.12 17.82 24.05
N LEU B 60 -9.34 18.05 23.00
CA LEU B 60 -9.80 18.85 21.87
C LEU B 60 -10.34 18.03 20.71
N GLN B 61 -9.74 16.87 20.45
CA GLN B 61 -10.23 15.94 19.43
C GLN B 61 -9.41 14.66 19.51
N ILE B 62 -9.95 13.59 18.93
CA ILE B 62 -9.25 12.32 18.80
C ILE B 62 -8.76 12.22 17.37
N MET B 63 -7.44 12.32 17.17
CA MET B 63 -6.89 12.34 15.82
C MET B 63 -7.14 11.02 15.09
N ASP B 64 -6.76 9.91 15.71
CA ASP B 64 -6.90 8.60 15.08
C ASP B 64 -6.64 7.52 16.11
N VAL B 65 -7.34 6.40 15.97
CA VAL B 65 -7.11 5.19 16.75
C VAL B 65 -6.71 4.09 15.78
N ASP B 66 -5.48 3.60 15.92
CA ASP B 66 -4.93 2.59 15.02
C ASP B 66 -4.81 1.28 15.77
N GLU B 67 -5.52 0.26 15.30
CA GLU B 67 -5.51 -1.04 15.97
C GLU B 67 -4.22 -1.81 15.69
N LYS B 68 -3.64 -1.64 14.50
CA LYS B 68 -2.45 -2.43 14.13
C LYS B 68 -1.29 -2.15 15.06
N ASN B 69 -0.98 -0.86 15.28
CA ASN B 69 0.10 -0.48 16.17
C ASN B 69 -0.35 -0.27 17.62
N GLN B 70 -1.65 -0.33 17.88
CA GLN B 70 -2.21 -0.17 19.22
C GLN B 70 -1.76 1.16 19.85
N VAL B 71 -1.84 2.23 19.06
CA VAL B 71 -1.50 3.57 19.52
C VAL B 71 -2.74 4.44 19.40
N LEU B 72 -2.79 5.49 20.23
CA LEU B 72 -3.90 6.44 20.25
C LEU B 72 -3.34 7.84 20.07
N THR B 73 -3.70 8.49 18.96
CA THR B 73 -3.26 9.85 18.68
C THR B 73 -4.39 10.81 19.05
N THR B 74 -4.11 11.72 19.98
CA THR B 74 -5.08 12.70 20.44
C THR B 74 -4.45 14.09 20.47
N ASN B 75 -5.28 15.09 20.19
CA ASN B 75 -4.89 16.49 20.29
C ASN B 75 -5.52 17.04 21.56
N ILE B 76 -4.70 17.29 22.58
CA ILE B 76 -5.17 17.71 23.88
C ILE B 76 -4.38 18.92 24.33
N TRP B 77 -4.88 19.58 25.37
CA TRP B 77 -4.19 20.67 26.04
C TRP B 77 -3.90 20.27 27.48
N LEU B 78 -2.79 20.79 28.01
CA LEU B 78 -2.39 20.53 29.38
C LEU B 78 -2.44 21.82 30.19
N GLN B 79 -2.64 21.69 31.50
CA GLN B 79 -2.64 22.84 32.40
C GLN B 79 -1.88 22.43 33.66
N MET B 80 -0.69 23.00 33.84
CA MET B 80 0.09 22.83 35.05
C MET B 80 0.14 24.17 35.77
N SER B 81 -0.35 24.21 37.01
CA SER B 81 -0.41 25.43 37.79
C SER B 81 0.23 25.18 39.15
N TRP B 82 1.15 26.06 39.52
CA TRP B 82 1.84 25.99 40.81
C TRP B 82 2.00 27.41 41.33
N THR B 83 2.69 27.54 42.47
CA THR B 83 2.91 28.83 43.11
C THR B 83 4.39 29.08 43.25
N ASP B 84 4.83 30.26 42.82
CA ASP B 84 6.22 30.67 42.92
C ASP B 84 6.38 31.69 44.04
N HIS B 85 7.53 31.65 44.70
CA HIS B 85 7.84 32.53 45.82
C HIS B 85 8.70 33.72 45.43
N TYR B 86 9.61 33.56 44.48
CA TYR B 86 10.50 34.65 44.07
C TYR B 86 9.90 35.55 43.00
N LEU B 87 8.86 35.10 42.31
CA LEU B 87 8.21 35.91 41.27
C LEU B 87 6.99 36.64 41.84
N GLN B 88 7.25 37.52 42.81
CA GLN B 88 6.22 38.31 43.45
C GLN B 88 6.65 39.77 43.48
N TRP B 89 5.69 40.67 43.33
CA TRP B 89 5.96 42.10 43.36
C TRP B 89 4.71 42.85 43.79
N ASN B 90 4.91 44.10 44.18
CA ASN B 90 3.82 44.95 44.63
C ASN B 90 3.20 45.68 43.45
N VAL B 91 1.87 45.70 43.40
CA VAL B 91 1.17 46.37 42.31
C VAL B 91 1.37 47.88 42.38
N SER B 92 1.45 48.43 43.59
CA SER B 92 1.61 49.88 43.73
C SER B 92 2.91 50.37 43.12
N GLU B 93 4.00 49.62 43.33
CA GLU B 93 5.30 50.03 42.80
C GLU B 93 5.30 50.02 41.27
N TYR B 94 4.68 49.01 40.66
CA TYR B 94 4.58 48.90 39.20
C TYR B 94 3.09 48.89 38.85
N PRO B 95 2.50 50.06 38.60
CA PRO B 95 1.03 50.11 38.44
C PRO B 95 0.54 49.49 37.16
N GLY B 96 1.22 49.76 36.03
CA GLY B 96 0.70 49.33 34.74
C GLY B 96 0.68 47.82 34.56
N VAL B 97 1.77 47.15 34.96
CA VAL B 97 1.91 45.72 34.69
C VAL B 97 1.21 44.92 35.77
N LYS B 98 0.51 43.86 35.35
CA LYS B 98 -0.16 42.94 36.25
C LYS B 98 0.33 41.51 36.12
N THR B 99 0.67 41.07 34.90
CA THR B 99 1.19 39.74 34.66
C THR B 99 2.43 39.82 33.77
N VAL B 100 3.31 38.84 33.93
CA VAL B 100 4.51 38.73 33.12
C VAL B 100 4.60 37.31 32.57
N ARG B 101 5.31 37.17 31.45
CA ARG B 101 5.46 35.89 30.78
C ARG B 101 6.94 35.57 30.61
N PHE B 102 7.32 34.34 30.94
CA PHE B 102 8.69 33.88 30.82
C PHE B 102 8.76 32.69 29.88
N PRO B 103 9.67 32.68 28.91
CA PRO B 103 9.77 31.53 28.01
C PRO B 103 10.41 30.32 28.67
N ASP B 104 10.54 29.23 27.92
CA ASP B 104 11.12 28.01 28.46
C ASP B 104 12.60 28.23 28.74
N GLY B 105 13.09 27.63 29.81
CA GLY B 105 14.50 27.70 30.16
C GLY B 105 14.89 28.88 31.02
N GLN B 106 13.93 29.71 31.45
CA GLN B 106 14.24 30.87 32.29
C GLN B 106 13.59 30.83 33.66
N ILE B 107 12.55 30.01 33.86
CA ILE B 107 11.92 29.83 35.15
C ILE B 107 11.73 28.34 35.41
N TRP B 108 11.59 28.00 36.68
CA TRP B 108 11.40 26.59 37.05
C TRP B 108 10.02 26.13 36.63
N LYS B 109 9.95 24.95 36.00
CA LYS B 109 8.70 24.33 35.60
C LYS B 109 8.70 22.87 36.02
N PRO B 110 7.53 22.33 36.33
CA PRO B 110 7.46 20.89 36.63
C PRO B 110 7.77 20.06 35.40
N ASP B 111 8.33 18.87 35.63
CA ASP B 111 8.73 17.95 34.57
C ASP B 111 7.70 16.87 34.32
N ILE B 112 6.41 17.22 34.44
CA ILE B 112 5.34 16.25 34.20
C ILE B 112 5.31 15.88 32.73
N LEU B 113 5.30 14.58 32.45
CA LEU B 113 5.30 14.09 31.08
C LEU B 113 4.52 12.79 31.01
N LEU B 114 4.05 12.47 29.80
CA LEU B 114 3.30 11.24 29.59
C LEU B 114 4.21 10.03 29.77
N TYR B 115 3.75 9.06 30.57
CA TYR B 115 4.55 7.87 30.81
C TYR B 115 4.56 6.94 29.61
N ASN B 116 3.48 6.91 28.83
CA ASN B 116 3.38 5.98 27.71
C ASN B 116 4.21 6.48 26.53
N SER B 117 3.81 7.61 25.95
CA SER B 117 4.57 8.33 24.92
C SER B 117 5.11 7.37 23.84
N ALA B 118 4.19 6.74 23.12
CA ALA B 118 4.53 5.79 22.06
C ALA B 118 4.84 6.57 20.77
N ASP B 119 5.98 7.25 20.79
CA ASP B 119 6.41 8.08 19.66
C ASP B 119 7.92 8.29 19.76
N GLU B 120 8.48 8.79 18.66
CA GLU B 120 9.93 9.00 18.56
C GLU B 120 10.44 9.96 19.63
N ARG B 121 10.02 11.21 19.58
CA ARG B 121 10.31 12.15 20.64
C ARG B 121 9.31 11.97 21.79
N PHE B 122 9.80 12.07 23.02
CA PHE B 122 9.07 11.61 24.18
C PHE B 122 8.27 12.69 24.89
N ASP B 123 8.55 13.97 24.64
CA ASP B 123 7.88 15.03 25.37
C ASP B 123 6.51 15.35 24.78
N ALA B 124 6.48 15.83 23.53
CA ALA B 124 5.26 16.20 22.83
C ALA B 124 4.44 17.21 23.64
N THR B 125 5.06 18.36 23.90
CA THR B 125 4.41 19.40 24.70
C THR B 125 4.47 20.80 24.10
N PHE B 126 5.41 21.08 23.19
CA PHE B 126 5.52 22.38 22.53
C PHE B 126 5.54 23.52 23.55
N HIS B 127 6.64 23.57 24.30
CA HIS B 127 6.82 24.57 25.34
C HIS B 127 6.51 25.97 24.83
N THR B 128 5.63 26.66 25.54
CA THR B 128 5.21 28.02 25.21
C THR B 128 5.51 28.94 26.39
N ASN B 129 5.04 30.18 26.28
CA ASN B 129 5.20 31.14 27.37
C ASN B 129 4.40 30.71 28.59
N VAL B 130 4.90 31.07 29.77
CA VAL B 130 4.31 30.66 31.04
C VAL B 130 3.82 31.90 31.75
N LEU B 131 2.51 31.97 31.99
CA LEU B 131 1.91 33.12 32.65
C LEU B 131 2.32 33.18 34.12
N VAL B 132 2.49 34.39 34.63
CA VAL B 132 2.88 34.64 36.02
C VAL B 132 1.90 35.63 36.63
N ASN B 133 1.42 35.32 37.83
CA ASN B 133 0.47 36.16 38.55
C ASN B 133 1.16 37.45 39.00
N SER B 134 0.38 38.30 39.67
CA SER B 134 0.95 39.41 40.42
C SER B 134 1.35 39.01 41.83
N SER B 135 1.02 37.79 42.25
CA SER B 135 1.33 37.30 43.59
C SER B 135 2.14 36.00 43.57
N GLY B 136 2.58 35.55 42.39
CA GLY B 136 3.43 34.39 42.28
C GLY B 136 2.77 33.11 41.83
N HIS B 137 1.48 33.13 41.51
CA HIS B 137 0.78 31.94 41.04
CA HIS B 137 0.78 31.94 41.04
C HIS B 137 1.07 31.76 39.55
N CYS B 138 1.84 30.73 39.23
CA CYS B 138 2.29 30.49 37.86
C CYS B 138 1.43 29.39 37.24
N GLN B 139 0.94 29.63 36.03
CA GLN B 139 0.17 28.65 35.29
C GLN B 139 0.81 28.41 33.93
N TYR B 140 0.75 27.16 33.47
CA TYR B 140 1.44 26.74 32.25
C TYR B 140 0.46 25.91 31.42
N LEU B 141 0.23 26.35 30.18
CA LEU B 141 -0.80 25.77 29.32
C LEU B 141 -0.20 25.41 27.97
N PRO B 142 0.52 24.28 27.89
CA PRO B 142 1.16 23.90 26.62
C PRO B 142 0.25 23.02 25.78
N PRO B 143 0.16 23.29 24.48
CA PRO B 143 -0.56 22.39 23.57
C PRO B 143 0.35 21.36 22.95
N GLY B 144 -0.23 20.22 22.59
CA GLY B 144 0.54 19.17 21.97
C GLY B 144 -0.36 18.06 21.43
N ILE B 145 0.24 17.24 20.56
CA ILE B 145 -0.41 16.06 20.00
C ILE B 145 0.30 14.85 20.60
N PHE B 146 -0.45 14.03 21.34
CA PHE B 146 0.11 12.92 22.09
C PHE B 146 -0.22 11.60 21.40
N LYS B 147 0.76 10.69 21.40
CA LYS B 147 0.62 9.35 20.84
C LYS B 147 0.88 8.36 21.96
N SER B 148 -0.17 8.02 22.71
CA SER B 148 -0.04 7.09 23.81
C SER B 148 -0.16 5.65 23.32
N SER B 149 0.29 4.72 24.15
CA SER B 149 0.27 3.29 23.84
C SER B 149 -0.95 2.69 24.53
N CYS B 150 -2.01 2.46 23.75
CA CYS B 150 -3.25 1.90 24.26
C CYS B 150 -3.32 0.40 23.98
N TYR B 151 -4.28 -0.26 24.63
CA TYR B 151 -4.57 -1.67 24.43
C TYR B 151 -5.94 -1.78 23.78
N ILE B 152 -5.95 -2.09 22.48
CA ILE B 152 -7.19 -2.21 21.72
C ILE B 152 -7.64 -3.66 21.82
N ASP B 153 -8.50 -3.96 22.79
CA ASP B 153 -9.06 -5.30 22.96
C ASP B 153 -10.08 -5.52 21.85
N VAL B 154 -9.64 -6.14 20.76
CA VAL B 154 -10.49 -6.31 19.58
C VAL B 154 -11.25 -7.63 19.77
N ARG B 155 -12.34 -7.54 20.53
CA ARG B 155 -13.31 -8.62 20.63
C ARG B 155 -14.68 -7.99 20.43
N TRP B 156 -15.51 -8.62 19.60
CA TRP B 156 -16.72 -7.98 19.07
C TRP B 156 -16.32 -6.68 18.35
N PHE B 157 -15.53 -6.85 17.29
CA PHE B 157 -14.84 -5.72 16.68
C PHE B 157 -15.77 -4.61 16.19
N PRO B 158 -16.84 -4.89 15.42
CA PRO B 158 -17.72 -3.80 15.01
C PRO B 158 -18.43 -3.11 16.17
N PHE B 159 -18.57 -3.79 17.29
CA PHE B 159 -19.39 -3.35 18.42
C PHE B 159 -18.57 -3.30 19.70
N ASP B 160 -17.37 -2.73 19.63
CA ASP B 160 -16.43 -2.75 20.73
C ASP B 160 -16.34 -1.38 21.39
N VAL B 161 -16.00 -1.38 22.69
CA VAL B 161 -15.75 -0.17 23.46
C VAL B 161 -14.33 -0.26 24.01
N GLN B 162 -13.55 0.78 23.77
CA GLN B 162 -12.14 0.79 24.13
C GLN B 162 -11.88 1.77 25.28
N HIS B 163 -11.03 1.34 26.22
CA HIS B 163 -10.60 2.16 27.33
C HIS B 163 -9.11 2.42 27.18
N CYS B 164 -8.74 3.67 26.94
CA CYS B 164 -7.35 4.06 26.74
C CYS B 164 -6.89 4.93 27.90
N LYS B 165 -5.75 4.59 28.47
CA LYS B 165 -5.21 5.29 29.63
C LYS B 165 -4.13 6.28 29.22
N LEU B 166 -4.02 7.37 29.98
CA LEU B 166 -3.00 8.39 29.79
C LEU B 166 -2.35 8.65 31.14
N LYS B 167 -1.10 8.20 31.30
CA LYS B 167 -0.40 8.26 32.58
C LYS B 167 0.52 9.48 32.58
N PHE B 168 0.22 10.45 33.44
CA PHE B 168 1.01 11.67 33.58
C PHE B 168 1.58 11.74 34.99
N GLY B 169 2.84 12.15 35.07
CA GLY B 169 3.48 12.30 36.37
C GLY B 169 4.88 12.84 36.21
N SER B 170 5.39 13.35 37.33
CA SER B 170 6.75 13.89 37.35
C SER B 170 7.78 12.78 37.22
N TRP B 171 8.92 13.10 36.61
CA TRP B 171 9.96 12.11 36.35
C TRP B 171 11.10 12.13 37.35
N SER B 172 11.38 13.29 37.97
CA SER B 172 12.51 13.40 38.88
C SER B 172 12.13 13.84 40.29
N TYR B 173 10.91 14.33 40.51
CA TYR B 173 10.48 14.81 41.80
C TYR B 173 9.54 13.79 42.44
N GLY B 174 9.84 13.42 43.69
CA GLY B 174 9.08 12.40 44.39
C GLY B 174 7.94 12.97 45.20
N GLY B 175 7.54 12.20 46.21
CA GLY B 175 6.40 12.59 47.03
C GLY B 175 6.66 13.84 47.86
N TRP B 176 7.83 13.94 48.47
CA TRP B 176 8.12 15.06 49.35
C TRP B 176 8.56 16.31 48.60
N SER B 177 8.82 16.22 47.30
CA SER B 177 9.29 17.36 46.52
C SER B 177 8.19 18.04 45.73
N LEU B 178 7.39 17.28 44.98
CA LEU B 178 6.33 17.83 44.14
C LEU B 178 5.04 17.08 44.44
N ASP B 179 4.15 17.71 45.20
CA ASP B 179 2.85 17.14 45.54
C ASP B 179 1.91 17.36 44.35
N LEU B 180 1.77 16.35 43.51
CA LEU B 180 0.95 16.46 42.31
C LEU B 180 -0.52 16.28 42.68
N GLN B 181 -1.34 17.27 42.35
CA GLN B 181 -2.78 17.22 42.58
C GLN B 181 -3.50 17.02 41.25
N MET B 182 -4.81 16.86 41.35
CA MET B 182 -5.65 16.53 40.20
C MET B 182 -6.81 17.50 40.09
N GLN B 183 -7.17 17.84 38.85
CA GLN B 183 -8.38 18.59 38.55
C GLN B 183 -9.16 17.84 37.47
N GLU B 184 -10.49 18.03 37.48
CA GLU B 184 -11.35 17.31 36.55
C GLU B 184 -11.04 17.68 35.11
N ALA B 185 -11.09 16.68 34.24
CA ALA B 185 -10.82 16.89 32.82
C ALA B 185 -11.90 17.77 32.19
N ASP B 186 -11.50 18.55 31.20
CA ASP B 186 -12.37 19.51 30.53
C ASP B 186 -12.68 19.00 29.12
N ILE B 187 -13.95 19.05 28.74
CA ILE B 187 -14.38 18.61 27.42
C ILE B 187 -15.21 19.69 26.75
N SER B 188 -15.03 20.94 27.16
CA SER B 188 -15.74 22.05 26.53
C SER B 188 -15.15 22.32 25.16
N GLY B 189 -15.75 21.74 24.13
CA GLY B 189 -15.19 21.79 22.80
C GLY B 189 -14.47 20.51 22.46
N TYR B 190 -15.13 19.63 21.70
CA TYR B 190 -14.59 18.29 21.49
C TYR B 190 -14.43 17.97 20.01
N ILE B 191 -15.23 18.60 19.15
CA ILE B 191 -15.19 18.40 17.70
C ILE B 191 -15.29 16.90 17.42
N PRO B 192 -16.47 16.30 17.55
CA PRO B 192 -16.57 14.84 17.51
C PRO B 192 -15.98 14.24 16.23
N ASN B 193 -15.30 13.11 16.40
CA ASN B 193 -14.58 12.50 15.28
C ASN B 193 -15.53 12.03 14.20
N GLY B 194 -16.65 11.42 14.59
CA GLY B 194 -17.59 10.82 13.66
C GLY B 194 -17.43 9.31 13.51
N GLU B 195 -16.28 8.77 13.88
CA GLU B 195 -16.06 7.33 13.90
C GLU B 195 -16.19 6.73 15.29
N TRP B 196 -15.65 7.41 16.29
CA TRP B 196 -15.67 6.98 17.68
C TRP B 196 -16.56 7.94 18.46
N ASP B 197 -17.46 7.38 19.28
CA ASP B 197 -18.35 8.16 20.12
C ASP B 197 -17.77 8.23 21.53
N LEU B 198 -17.41 9.43 21.97
CA LEU B 198 -16.82 9.59 23.29
C LEU B 198 -17.88 9.37 24.37
N VAL B 199 -17.54 8.59 25.38
CA VAL B 199 -18.42 8.34 26.51
C VAL B 199 -18.07 9.21 27.70
N GLY B 200 -16.79 9.29 28.05
CA GLY B 200 -16.35 10.12 29.13
C GLY B 200 -14.86 9.94 29.37
N ILE B 201 -14.29 10.90 30.09
CA ILE B 201 -12.87 10.86 30.40
C ILE B 201 -12.69 11.07 31.91
N PRO B 202 -12.84 10.03 32.71
CA PRO B 202 -12.57 10.15 34.15
C PRO B 202 -11.08 9.99 34.44
N GLY B 203 -10.72 10.32 35.68
CA GLY B 203 -9.33 10.30 36.07
C GLY B 203 -9.15 9.85 37.51
N LYS B 204 -7.89 9.78 37.92
CA LYS B 204 -7.51 9.23 39.21
C LYS B 204 -6.13 9.73 39.59
N ARG B 205 -5.93 9.97 40.88
CA ARG B 205 -4.63 10.36 41.41
C ARG B 205 -4.18 9.32 42.43
N SER B 206 -2.98 8.78 42.25
CA SER B 206 -2.43 7.76 43.14
C SER B 206 -0.92 7.84 43.10
N GLU B 207 -0.29 7.24 44.11
CA GLU B 207 1.16 7.20 44.20
C GLU B 207 1.64 5.78 44.48
N ARG B 208 2.69 5.36 43.78
CA ARG B 208 3.19 4.01 43.85
C ARG B 208 4.67 4.02 44.24
N PHE B 209 5.15 2.85 44.66
CA PHE B 209 6.55 2.67 45.01
C PHE B 209 7.26 1.93 43.89
N TYR B 210 8.36 2.50 43.41
CA TYR B 210 9.12 1.95 42.29
C TYR B 210 10.36 1.22 42.79
N GLU B 211 10.99 0.48 41.86
CA GLU B 211 12.12 -0.37 42.23
C GLU B 211 13.37 0.44 42.57
N CYS B 212 13.56 1.59 41.89
CA CYS B 212 14.79 2.35 42.09
C CYS B 212 14.94 2.83 43.52
N CYS B 213 13.87 3.41 44.07
CA CYS B 213 14.02 4.36 45.16
C CYS B 213 12.90 4.15 46.17
N LYS B 214 13.06 4.79 47.33
CA LYS B 214 12.00 4.88 48.32
C LYS B 214 11.10 6.09 48.08
N GLU B 215 11.06 6.58 46.83
CA GLU B 215 10.30 7.77 46.48
C GLU B 215 8.87 7.36 46.12
N PRO B 216 7.85 7.77 46.87
CA PRO B 216 6.47 7.54 46.43
C PRO B 216 6.10 8.55 45.35
N TYR B 217 5.90 8.05 44.12
CA TYR B 217 5.71 8.94 42.99
C TYR B 217 4.23 9.08 42.68
N PRO B 218 3.63 10.24 42.93
CA PRO B 218 2.23 10.45 42.53
C PRO B 218 2.11 10.59 41.01
N ASP B 219 0.91 10.27 40.51
CA ASP B 219 0.63 10.42 39.10
C ASP B 219 -0.87 10.65 38.91
N VAL B 220 -1.22 11.15 37.73
CA VAL B 220 -2.61 11.35 37.34
C VAL B 220 -2.86 10.54 36.08
N THR B 221 -3.83 9.63 36.14
CA THR B 221 -4.13 8.72 35.04
C THR B 221 -5.51 9.06 34.49
N PHE B 222 -5.56 9.66 33.31
CA PHE B 222 -6.81 9.98 32.64
C PHE B 222 -7.13 8.86 31.65
N THR B 223 -8.25 8.17 31.86
CA THR B 223 -8.70 7.11 30.99
C THR B 223 -9.78 7.62 30.05
N VAL B 224 -9.67 7.24 28.78
CA VAL B 224 -10.60 7.69 27.74
C VAL B 224 -11.44 6.50 27.32
N THR B 225 -12.76 6.65 27.45
CA THR B 225 -13.72 5.62 27.05
C THR B 225 -14.45 6.10 25.80
N MET B 226 -14.33 5.35 24.71
CA MET B 226 -14.97 5.70 23.45
C MET B 226 -15.66 4.48 22.87
N ARG B 227 -16.78 4.71 22.20
CA ARG B 227 -17.57 3.66 21.57
C ARG B 227 -17.51 3.83 20.05
N ARG B 228 -17.17 2.75 19.36
CA ARG B 228 -17.03 2.78 17.91
C ARG B 228 -18.40 2.77 17.25
N ARG B 229 -18.61 3.68 16.31
CA ARG B 229 -19.85 3.72 15.55
C ARG B 229 -19.86 2.62 14.50
N THR B 230 -21.05 2.13 14.17
CA THR B 230 -21.21 0.90 13.42
C THR B 230 -21.84 1.08 12.04
N LEU B 231 -22.25 2.30 11.68
CA LEU B 231 -22.95 2.49 10.41
C LEU B 231 -22.06 2.17 9.22
N TYR B 232 -20.81 2.63 9.24
CA TYR B 232 -19.91 2.36 8.13
C TYR B 232 -19.53 0.88 8.06
N TYR B 233 -19.15 0.30 9.19
CA TYR B 233 -18.74 -1.10 9.20
C TYR B 233 -19.91 -2.04 8.96
N GLY B 234 -21.09 -1.70 9.49
CA GLY B 234 -22.26 -2.55 9.27
C GLY B 234 -22.70 -2.57 7.82
N LEU B 235 -22.76 -1.40 7.18
CA LEU B 235 -23.28 -1.32 5.82
C LEU B 235 -22.25 -1.80 4.80
N ASN B 236 -20.99 -1.44 4.96
CA ASN B 236 -19.97 -1.79 3.97
C ASN B 236 -19.43 -3.20 4.12
N LEU B 237 -19.58 -3.80 5.30
CA LEU B 237 -19.01 -5.13 5.55
C LEU B 237 -20.06 -6.17 5.92
N LEU B 238 -20.93 -5.86 6.88
CA LEU B 238 -21.91 -6.86 7.32
C LEU B 238 -23.02 -7.06 6.30
N ILE B 239 -23.54 -5.97 5.74
CA ILE B 239 -24.65 -6.09 4.78
C ILE B 239 -24.26 -6.89 3.54
N PRO B 240 -23.14 -6.62 2.86
CA PRO B 240 -22.80 -7.43 1.67
C PRO B 240 -22.62 -8.90 1.98
N CYS B 241 -22.12 -9.24 3.18
CA CYS B 241 -21.88 -10.64 3.51
C CYS B 241 -23.17 -11.45 3.50
N VAL B 242 -24.24 -10.88 4.04
CA VAL B 242 -25.53 -11.57 4.01
C VAL B 242 -26.01 -11.73 2.58
N LEU B 243 -25.86 -10.67 1.76
CA LEU B 243 -26.34 -10.73 0.39
C LEU B 243 -25.53 -11.71 -0.45
N ILE B 244 -24.21 -11.74 -0.31
CA ILE B 244 -23.39 -12.68 -1.06
C ILE B 244 -23.68 -14.11 -0.62
N SER B 245 -23.84 -14.34 0.69
CA SER B 245 -24.16 -15.68 1.16
C SER B 245 -25.53 -16.12 0.69
N ALA B 246 -26.44 -15.19 0.43
CA ALA B 246 -27.76 -15.54 -0.08
C ALA B 246 -27.66 -16.15 -1.48
N LEU B 247 -26.78 -15.60 -2.32
CA LEU B 247 -26.64 -16.14 -3.67
C LEU B 247 -25.98 -17.51 -3.67
N ALA B 248 -25.11 -17.79 -2.69
CA ALA B 248 -24.57 -19.14 -2.55
C ALA B 248 -25.67 -20.13 -2.20
N LEU B 249 -26.74 -19.66 -1.56
CA LEU B 249 -27.90 -20.49 -1.25
C LEU B 249 -28.79 -20.72 -2.46
N LEU B 250 -28.55 -20.02 -3.56
CA LEU B 250 -29.37 -20.12 -4.77
C LEU B 250 -28.97 -21.27 -5.67
N VAL B 251 -27.93 -22.03 -5.30
CA VAL B 251 -27.50 -23.16 -6.13
C VAL B 251 -28.58 -24.23 -6.17
N PHE B 252 -29.22 -24.49 -5.03
CA PHE B 252 -30.23 -25.54 -4.93
C PHE B 252 -31.49 -25.23 -5.74
N LEU B 253 -31.69 -23.98 -6.15
CA LEU B 253 -32.82 -23.63 -7.00
C LEU B 253 -32.52 -23.79 -8.49
N LEU B 254 -31.24 -23.84 -8.86
CA LEU B 254 -30.89 -24.04 -10.25
C LEU B 254 -31.18 -25.47 -10.69
N PRO B 255 -31.82 -25.67 -11.84
CA PRO B 255 -31.99 -27.04 -12.35
C PRO B 255 -30.64 -27.67 -12.70
N ALA B 256 -30.56 -28.98 -12.48
CA ALA B 256 -29.31 -29.70 -12.75
C ALA B 256 -29.04 -29.83 -14.24
N ASP B 257 -30.05 -29.63 -15.09
CA ASP B 257 -29.83 -29.75 -16.53
C ASP B 257 -28.86 -28.69 -17.03
N SER B 258 -29.06 -27.45 -16.58
CA SER B 258 -28.14 -26.40 -16.96
C SER B 258 -26.80 -26.62 -16.28
N GLY B 259 -25.77 -26.91 -17.08
CA GLY B 259 -24.46 -27.19 -16.54
C GLY B 259 -23.83 -25.96 -15.96
N GLU B 260 -24.36 -25.52 -14.80
CA GLU B 260 -24.02 -24.20 -14.25
C GLU B 260 -24.04 -24.19 -12.72
N LYS B 261 -24.20 -25.34 -12.06
CA LYS B 261 -24.33 -25.38 -10.61
C LYS B 261 -23.00 -25.15 -9.90
N ILE B 262 -21.96 -25.89 -10.30
CA ILE B 262 -20.64 -25.67 -9.71
C ILE B 262 -20.09 -24.31 -10.13
N SER B 263 -20.44 -23.85 -11.33
CA SER B 263 -19.94 -22.57 -11.82
C SER B 263 -20.30 -21.43 -10.88
N LEU B 264 -21.57 -21.36 -10.47
CA LEU B 264 -22.02 -20.40 -9.47
C LEU B 264 -21.68 -20.84 -8.06
N GLY B 265 -21.50 -22.14 -7.84
CA GLY B 265 -21.10 -22.61 -6.53
C GLY B 265 -19.72 -22.15 -6.14
N ILE B 266 -18.76 -22.20 -7.09
CA ILE B 266 -17.36 -21.86 -6.83
C ILE B 266 -17.03 -20.40 -7.12
N THR B 267 -17.82 -19.73 -7.98
CA THR B 267 -17.57 -18.31 -8.23
C THR B 267 -17.90 -17.48 -7.01
N VAL B 268 -19.00 -17.79 -6.32
CA VAL B 268 -19.35 -17.08 -5.09
C VAL B 268 -18.27 -17.29 -4.03
N LEU B 269 -17.78 -18.53 -3.91
CA LEU B 269 -16.71 -18.80 -2.96
C LEU B 269 -15.44 -18.03 -3.31
N LEU B 270 -15.08 -17.97 -4.59
CA LEU B 270 -13.94 -17.17 -5.01
C LEU B 270 -14.19 -15.69 -4.75
N SER B 271 -15.41 -15.22 -5.02
CA SER B 271 -15.77 -13.82 -4.82
C SER B 271 -15.93 -13.45 -3.36
N LEU B 272 -15.93 -14.41 -2.44
CA LEU B 272 -16.18 -14.13 -1.04
C LEU B 272 -14.91 -14.23 -0.19
N THR B 273 -13.87 -14.90 -0.69
CA THR B 273 -12.60 -14.93 0.03
C THR B 273 -11.93 -13.57 0.06
N VAL B 274 -12.32 -12.66 -0.85
CA VAL B 274 -11.68 -11.36 -0.94
C VAL B 274 -11.99 -10.47 0.25
N PHE B 275 -13.02 -10.79 1.03
CA PHE B 275 -13.43 -9.89 2.09
C PHE B 275 -12.48 -9.90 3.27
N MET B 276 -11.97 -11.07 3.67
CA MET B 276 -10.98 -11.08 4.74
C MET B 276 -9.69 -10.40 4.32
N LEU B 277 -9.43 -10.29 3.00
CA LEU B 277 -8.27 -9.54 2.55
C LEU B 277 -8.35 -8.10 2.99
N LEU B 278 -9.53 -7.48 2.85
CA LEU B 278 -9.75 -6.17 3.42
C LEU B 278 -9.76 -6.23 4.95
N VAL B 279 -10.40 -7.26 5.51
CA VAL B 279 -10.55 -7.36 6.96
C VAL B 279 -9.19 -7.57 7.62
N ALA B 280 -8.39 -8.50 7.10
CA ALA B 280 -7.09 -8.78 7.71
C ALA B 280 -6.16 -7.58 7.64
N GLU B 281 -6.33 -6.72 6.63
CA GLU B 281 -5.56 -5.50 6.57
C GLU B 281 -5.88 -4.54 7.71
N ILE B 282 -7.08 -4.67 8.31
CA ILE B 282 -7.48 -3.84 9.44
C ILE B 282 -7.29 -4.58 10.76
N MET B 283 -7.48 -5.90 10.75
CA MET B 283 -7.40 -6.68 11.98
C MET B 283 -5.96 -6.73 12.49
N PRO B 284 -5.72 -6.32 13.73
CA PRO B 284 -4.39 -6.54 14.32
C PRO B 284 -4.13 -8.03 14.51
N ALA B 285 -2.88 -8.42 14.35
CA ALA B 285 -2.48 -9.82 14.47
C ALA B 285 -2.18 -10.18 15.93
N THR B 286 -3.22 -10.07 16.76
CA THR B 286 -3.12 -10.33 18.18
C THR B 286 -3.80 -11.65 18.52
N SER B 287 -3.08 -12.52 19.23
CA SER B 287 -3.62 -13.81 19.68
C SER B 287 -4.23 -13.71 21.06
N ASP B 288 -5.14 -12.76 21.25
CA ASP B 288 -5.84 -12.62 22.53
C ASP B 288 -7.14 -13.41 22.52
N SER B 289 -8.01 -13.14 21.56
CA SER B 289 -9.25 -13.89 21.38
C SER B 289 -9.68 -13.81 19.92
N VAL B 290 -10.51 -14.75 19.52
CA VAL B 290 -11.01 -14.77 18.14
C VAL B 290 -12.05 -13.66 18.00
N PRO B 291 -11.85 -12.71 17.09
CA PRO B 291 -12.82 -11.61 16.94
C PRO B 291 -14.15 -12.11 16.42
N LEU B 292 -15.20 -11.34 16.76
CA LEU B 292 -16.54 -11.69 16.30
C LEU B 292 -16.63 -11.68 14.78
N ILE B 293 -16.00 -10.69 14.14
CA ILE B 293 -16.01 -10.63 12.68
C ILE B 293 -15.26 -11.81 12.09
N ALA B 294 -14.26 -12.34 12.79
CA ALA B 294 -13.53 -13.51 12.29
C ALA B 294 -14.41 -14.75 12.32
N GLN B 295 -15.17 -14.96 13.40
CA GLN B 295 -16.06 -16.10 13.46
C GLN B 295 -17.18 -16.00 12.42
N TYR B 296 -17.74 -14.81 12.23
CA TYR B 296 -18.83 -14.64 11.28
C TYR B 296 -18.37 -14.92 9.86
N PHE B 297 -17.17 -14.45 9.49
CA PHE B 297 -16.61 -14.79 8.19
C PHE B 297 -16.30 -16.28 8.09
N ALA B 298 -15.78 -16.88 9.17
CA ALA B 298 -15.49 -18.30 9.14
C ALA B 298 -16.76 -19.13 8.98
N SER B 299 -17.86 -18.67 9.59
CA SER B 299 -19.13 -19.38 9.43
C SER B 299 -19.59 -19.34 7.97
N THR B 300 -19.39 -18.22 7.29
CA THR B 300 -19.78 -18.09 5.89
C THR B 300 -18.91 -18.96 5.00
N MET B 301 -17.62 -19.12 5.35
CA MET B 301 -16.77 -20.04 4.63
C MET B 301 -17.34 -21.45 4.62
N ILE B 302 -17.75 -21.94 5.78
CA ILE B 302 -18.23 -23.32 5.88
C ILE B 302 -19.58 -23.49 5.19
N ILE B 303 -20.49 -22.53 5.38
CA ILE B 303 -21.81 -22.64 4.76
C ILE B 303 -21.70 -22.63 3.24
N VAL B 304 -20.90 -21.71 2.69
CA VAL B 304 -20.69 -21.68 1.26
C VAL B 304 -19.86 -22.89 0.81
N GLY B 305 -18.86 -23.26 1.60
CA GLY B 305 -18.02 -24.40 1.26
C GLY B 305 -18.80 -25.71 1.24
N LEU B 306 -19.67 -25.92 2.24
CA LEU B 306 -20.47 -27.13 2.27
C LEU B 306 -21.52 -27.17 1.17
N SER B 307 -21.88 -26.01 0.61
CA SER B 307 -22.82 -25.98 -0.51
C SER B 307 -22.23 -26.68 -1.73
N VAL B 308 -20.94 -26.46 -2.00
CA VAL B 308 -20.30 -27.11 -3.14
C VAL B 308 -20.22 -28.61 -2.94
N VAL B 309 -19.93 -29.05 -1.71
CA VAL B 309 -19.87 -30.48 -1.42
C VAL B 309 -21.23 -31.13 -1.63
N VAL B 310 -22.29 -30.47 -1.17
CA VAL B 310 -23.64 -31.00 -1.38
C VAL B 310 -23.98 -31.02 -2.85
N THR B 311 -23.60 -29.97 -3.58
CA THR B 311 -23.91 -29.91 -5.02
C THR B 311 -23.25 -31.06 -5.77
N VAL B 312 -22.02 -31.41 -5.40
CA VAL B 312 -21.34 -32.53 -6.04
C VAL B 312 -22.12 -33.83 -5.80
N ILE B 313 -22.61 -34.03 -4.57
CA ILE B 313 -23.42 -35.19 -4.26
C ILE B 313 -24.71 -35.18 -5.07
N VAL B 314 -25.32 -34.00 -5.20
CA VAL B 314 -26.54 -33.88 -6.00
C VAL B 314 -26.26 -34.18 -7.47
N LEU B 315 -25.14 -33.66 -7.99
CA LEU B 315 -24.84 -33.81 -9.40
C LEU B 315 -24.64 -35.27 -9.78
N GLN B 316 -23.93 -36.04 -8.95
CA GLN B 316 -23.72 -37.45 -9.24
C GLN B 316 -24.99 -38.27 -9.11
N TYR B 317 -26.00 -37.75 -8.39
CA TYR B 317 -27.31 -38.38 -8.40
C TYR B 317 -28.06 -38.14 -9.70
N HIS B 318 -27.68 -37.09 -10.44
CA HIS B 318 -28.34 -36.79 -11.71
C HIS B 318 -27.80 -37.65 -12.84
N HIS B 319 -26.49 -37.55 -13.11
CA HIS B 319 -25.83 -38.33 -14.15
C HIS B 319 -25.34 -39.65 -13.56
N HIS B 320 -26.30 -40.49 -13.18
CA HIS B 320 -25.96 -41.74 -12.52
C HIS B 320 -25.60 -42.87 -13.48
N ASP B 321 -25.77 -42.66 -14.80
CA ASP B 321 -25.49 -43.70 -15.78
C ASP B 321 -26.25 -44.98 -15.46
N PRO B 322 -27.57 -45.02 -15.71
CA PRO B 322 -28.39 -46.17 -15.29
C PRO B 322 -27.96 -47.49 -15.89
N ASP B 323 -28.60 -48.57 -15.46
CA ASP B 323 -28.20 -49.94 -15.80
C ASP B 323 -26.81 -50.26 -15.29
N GLY B 324 -26.43 -49.64 -14.18
CA GLY B 324 -25.14 -49.89 -13.56
C GLY B 324 -25.23 -49.95 -12.05
N GLY B 325 -26.42 -50.29 -11.54
CA GLY B 325 -26.64 -50.38 -10.11
C GLY B 325 -27.90 -49.68 -9.67
N LYS B 326 -28.77 -50.40 -8.96
CA LYS B 326 -30.02 -49.86 -8.47
C LYS B 326 -29.84 -49.30 -7.06
N MET B 327 -30.82 -48.52 -6.62
CA MET B 327 -30.77 -47.96 -5.28
C MET B 327 -30.90 -49.06 -4.24
N PRO B 328 -30.28 -48.89 -3.06
CA PRO B 328 -30.19 -50.01 -2.09
C PRO B 328 -31.48 -50.29 -1.35
N LYS B 329 -32.60 -49.76 -1.85
CA LYS B 329 -33.95 -49.90 -1.29
C LYS B 329 -34.14 -49.06 -0.03
N TRP B 330 -33.10 -48.41 0.48
CA TRP B 330 -33.25 -47.40 1.51
C TRP B 330 -33.49 -46.03 0.90
N THR B 331 -32.92 -45.78 -0.27
CA THR B 331 -33.18 -44.52 -0.98
C THR B 331 -34.58 -44.50 -1.59
N ARG B 332 -35.10 -45.65 -2.00
CA ARG B 332 -36.47 -45.70 -2.51
C ARG B 332 -37.49 -45.32 -1.43
N VAL B 333 -37.16 -45.54 -0.16
CA VAL B 333 -38.10 -45.27 0.92
C VAL B 333 -37.80 -43.97 1.67
N ILE B 334 -36.57 -43.48 1.64
CA ILE B 334 -36.23 -42.27 2.38
C ILE B 334 -36.47 -41.03 1.52
N LEU B 335 -35.85 -40.98 0.34
CA LEU B 335 -35.91 -39.80 -0.51
C LEU B 335 -37.10 -39.81 -1.47
N LEU B 336 -37.87 -40.90 -1.52
CA LEU B 336 -39.02 -40.99 -2.41
C LEU B 336 -40.34 -41.19 -1.69
N ASN B 337 -40.33 -41.58 -0.42
CA ASN B 337 -41.56 -41.80 0.34
C ASN B 337 -41.64 -40.96 1.61
N TRP B 338 -40.52 -40.73 2.29
CA TRP B 338 -40.53 -39.96 3.53
C TRP B 338 -40.24 -38.48 3.25
N CYS B 339 -39.07 -38.18 2.68
CA CYS B 339 -38.72 -36.79 2.39
C CYS B 339 -39.61 -36.21 1.29
N ALA B 340 -40.01 -37.03 0.33
CA ALA B 340 -40.87 -36.55 -0.75
C ALA B 340 -42.24 -36.11 -0.23
N TRP B 341 -42.77 -36.82 0.79
CA TRP B 341 -44.06 -36.44 1.34
C TRP B 341 -43.97 -35.15 2.14
N PHE B 342 -42.83 -34.89 2.79
CA PHE B 342 -42.66 -33.65 3.54
C PHE B 342 -42.75 -32.43 2.63
N LEU B 343 -42.11 -32.49 1.47
CA LEU B 343 -41.91 -31.32 0.62
C LEU B 343 -42.92 -31.21 -0.52
N ARG B 344 -43.92 -32.08 -0.55
CA ARG B 344 -45.00 -32.06 -1.54
C ARG B 344 -44.45 -32.12 -2.98
N MET B 345 -43.79 -33.24 -3.28
CA MET B 345 -43.24 -33.46 -4.60
C MET B 345 -44.25 -34.14 -5.53
N LYS B 346 -44.92 -35.19 -5.06
CA LYS B 346 -45.89 -35.94 -5.86
C LYS B 346 -45.27 -36.44 -7.17
N ARG B 347 -44.03 -36.90 -7.08
CA ARG B 347 -43.29 -37.42 -8.24
C ARG B 347 -43.23 -36.42 -9.38
N ASP B 432 -41.80 -65.34 -46.61
CA ASP B 432 -40.89 -64.21 -46.48
C ASP B 432 -41.35 -63.27 -45.37
N LEU B 433 -42.63 -63.37 -45.01
CA LEU B 433 -43.17 -62.51 -43.96
C LEU B 433 -42.59 -62.87 -42.59
N ALA B 434 -42.19 -64.13 -42.40
CA ALA B 434 -41.61 -64.53 -41.12
C ALA B 434 -40.31 -63.78 -40.83
N LYS B 435 -39.45 -63.65 -41.83
CA LYS B 435 -38.21 -62.91 -41.65
C LYS B 435 -38.46 -61.41 -41.54
N ILE B 436 -39.51 -60.90 -42.21
CA ILE B 436 -39.89 -59.51 -42.03
C ILE B 436 -40.36 -59.27 -40.60
N LEU B 437 -41.18 -60.18 -40.07
CA LEU B 437 -41.68 -60.03 -38.70
C LEU B 437 -40.56 -60.07 -37.69
N GLU B 438 -39.58 -60.96 -37.88
CA GLU B 438 -38.46 -61.07 -36.95
C GLU B 438 -37.64 -59.79 -36.92
N GLU B 439 -37.43 -59.18 -38.08
CA GLU B 439 -36.64 -57.95 -38.13
C GLU B 439 -37.36 -56.80 -37.45
N VAL B 440 -38.67 -56.68 -37.66
CA VAL B 440 -39.46 -55.68 -36.95
C VAL B 440 -39.54 -56.00 -35.46
N ARG B 441 -39.47 -57.29 -35.11
CA ARG B 441 -39.53 -57.69 -33.71
C ARG B 441 -38.37 -57.08 -32.92
N TYR B 442 -37.17 -57.08 -33.49
CA TYR B 442 -36.02 -56.52 -32.79
C TYR B 442 -36.13 -55.01 -32.65
N ILE B 443 -36.64 -54.34 -33.69
CA ILE B 443 -36.70 -52.88 -33.68
C ILE B 443 -37.61 -52.39 -32.55
N ALA B 444 -38.79 -52.99 -32.42
CA ALA B 444 -39.71 -52.59 -31.38
C ALA B 444 -39.18 -52.95 -30.00
N ASN B 445 -38.56 -54.11 -29.86
CA ASN B 445 -38.01 -54.53 -28.57
C ASN B 445 -36.88 -53.61 -28.13
N ARG B 446 -36.06 -53.15 -29.07
CA ARG B 446 -35.00 -52.20 -28.73
C ARG B 446 -35.59 -50.90 -28.19
N PHE B 447 -36.66 -50.40 -28.80
CA PHE B 447 -37.31 -49.20 -28.29
C PHE B 447 -37.90 -49.43 -26.91
N ARG B 448 -38.48 -50.62 -26.68
CA ARG B 448 -39.05 -50.93 -25.38
C ARG B 448 -37.98 -50.93 -24.29
N CYS B 449 -36.79 -51.47 -24.60
CA CYS B 449 -35.70 -51.47 -23.64
C CYS B 449 -35.21 -50.06 -23.35
N GLN B 450 -35.24 -49.18 -24.36
CA GLN B 450 -34.86 -47.79 -24.14
C GLN B 450 -35.82 -47.10 -23.18
N ASP B 451 -37.11 -47.39 -23.30
CA ASP B 451 -38.10 -46.80 -22.39
C ASP B 451 -37.86 -47.25 -20.96
N GLU B 452 -37.53 -48.52 -20.76
CA GLU B 452 -37.27 -49.03 -19.42
C GLU B 452 -36.03 -48.36 -18.81
N SER B 453 -34.98 -48.17 -19.62
CA SER B 453 -33.79 -47.50 -19.13
C SER B 453 -34.07 -46.04 -18.81
N GLU B 454 -34.91 -45.38 -19.61
CA GLU B 454 -35.26 -43.99 -19.35
C GLU B 454 -36.04 -43.86 -18.05
N ALA B 455 -36.94 -44.81 -17.78
CA ALA B 455 -37.72 -44.76 -16.54
C ALA B 455 -36.82 -44.91 -15.32
N VAL B 456 -35.82 -45.79 -15.40
CA VAL B 456 -34.90 -45.97 -14.28
C VAL B 456 -34.09 -44.69 -14.05
N CYS B 457 -33.62 -44.07 -15.14
CA CYS B 457 -32.89 -42.82 -15.00
C CYS B 457 -33.79 -41.68 -14.55
N SER B 458 -35.09 -41.75 -14.86
CA SER B 458 -36.00 -40.68 -14.49
C SER B 458 -36.13 -40.55 -12.97
N GLU B 459 -36.22 -41.68 -12.27
CA GLU B 459 -36.34 -41.63 -10.82
C GLU B 459 -35.01 -41.26 -10.15
N TRP B 460 -33.89 -41.55 -10.82
CA TRP B 460 -32.60 -41.09 -10.32
C TRP B 460 -32.53 -39.57 -10.32
N LYS B 461 -33.03 -38.93 -11.38
CA LYS B 461 -33.05 -37.47 -11.44
C LYS B 461 -33.98 -36.88 -10.39
N PHE B 462 -35.13 -37.53 -10.17
CA PHE B 462 -36.08 -37.04 -9.18
C PHE B 462 -35.50 -37.11 -7.77
N ALA B 463 -34.68 -38.12 -7.48
CA ALA B 463 -34.02 -38.19 -6.19
C ALA B 463 -33.07 -37.01 -5.99
N ALA B 464 -32.37 -36.61 -7.04
CA ALA B 464 -31.48 -35.45 -6.94
C ALA B 464 -32.28 -34.17 -6.67
N CYS B 465 -33.46 -34.05 -7.27
CA CYS B 465 -34.30 -32.89 -7.01
C CYS B 465 -34.75 -32.84 -5.56
N VAL B 466 -35.07 -33.99 -4.98
CA VAL B 466 -35.50 -34.04 -3.58
C VAL B 466 -34.35 -33.60 -2.66
N VAL B 467 -33.13 -34.08 -2.94
CA VAL B 467 -31.99 -33.73 -2.10
C VAL B 467 -31.72 -32.23 -2.17
N ASP B 468 -31.78 -31.69 -3.38
CA ASP B 468 -31.54 -30.26 -3.59
C ASP B 468 -32.52 -29.43 -2.75
N ARG B 469 -33.80 -29.76 -2.86
CA ARG B 469 -34.84 -29.05 -2.11
C ARG B 469 -34.69 -29.28 -0.62
N LEU B 470 -34.37 -30.51 -0.22
CA LEU B 470 -34.17 -30.81 1.20
C LEU B 470 -32.99 -30.02 1.77
N CYS B 471 -31.88 -29.95 1.03
CA CYS B 471 -30.72 -29.20 1.50
C CYS B 471 -30.98 -27.70 1.50
N LEU B 472 -31.86 -27.23 0.62
CA LEU B 472 -32.20 -25.80 0.61
C LEU B 472 -32.86 -25.38 1.91
N MET B 473 -33.79 -26.20 2.43
CA MET B 473 -34.42 -25.90 3.70
C MET B 473 -33.43 -25.99 4.85
N ALA B 474 -32.56 -27.01 4.85
CA ALA B 474 -31.62 -27.19 5.94
C ALA B 474 -30.55 -26.11 5.95
N PHE B 475 -30.04 -25.74 4.78
CA PHE B 475 -28.99 -24.72 4.72
C PHE B 475 -29.55 -23.33 4.98
N SER B 476 -30.83 -23.11 4.69
CA SER B 476 -31.43 -21.80 4.91
C SER B 476 -31.54 -21.48 6.39
N VAL B 477 -32.05 -22.44 7.18
CA VAL B 477 -32.19 -22.19 8.61
C VAL B 477 -30.84 -22.12 9.30
N PHE B 478 -29.83 -22.81 8.76
CA PHE B 478 -28.48 -22.71 9.32
C PHE B 478 -27.94 -21.29 9.17
N THR B 479 -28.11 -20.69 8.00
CA THR B 479 -27.61 -19.35 7.76
C THR B 479 -28.35 -18.32 8.63
N ILE B 480 -29.65 -18.49 8.80
CA ILE B 480 -30.44 -17.53 9.57
C ILE B 480 -29.98 -17.51 11.02
N ILE B 481 -29.77 -18.68 11.62
CA ILE B 481 -29.37 -18.74 13.02
C ILE B 481 -27.88 -18.50 13.22
N CYS B 482 -27.06 -18.75 12.19
CA CYS B 482 -25.63 -18.47 12.32
C CYS B 482 -25.35 -16.97 12.28
N THR B 483 -25.98 -16.26 11.35
CA THR B 483 -25.78 -14.82 11.24
C THR B 483 -26.37 -14.10 12.45
N ILE B 484 -27.62 -14.43 12.81
CA ILE B 484 -28.25 -13.79 13.95
C ILE B 484 -27.55 -14.19 15.25
N GLY B 485 -27.24 -15.47 15.40
CA GLY B 485 -26.68 -15.95 16.66
C GLY B 485 -25.36 -15.29 17.02
N ILE B 486 -24.49 -15.10 16.03
CA ILE B 486 -23.20 -14.46 16.28
C ILE B 486 -23.39 -12.99 16.64
N LEU B 487 -24.25 -12.29 15.90
CA LEU B 487 -24.46 -10.86 16.17
C LEU B 487 -25.14 -10.63 17.52
N MET B 488 -26.09 -11.50 17.89
CA MET B 488 -26.75 -11.36 19.18
C MET B 488 -25.77 -11.55 20.34
N SER B 489 -24.75 -12.38 20.14
CA SER B 489 -23.83 -12.70 21.23
C SER B 489 -23.03 -11.50 21.68
N ALA B 490 -22.81 -10.54 20.79
CA ALA B 490 -22.02 -9.36 21.15
C ALA B 490 -22.77 -8.52 22.17
N PRO B 491 -22.14 -8.17 23.29
CA PRO B 491 -22.79 -7.26 24.25
C PRO B 491 -22.96 -5.87 23.65
N ASN B 492 -23.91 -5.13 24.21
CA ASN B 492 -24.27 -3.77 23.80
C ASN B 492 -24.46 -3.66 22.29
N PHE B 493 -24.86 -4.77 21.65
CA PHE B 493 -25.21 -4.73 20.23
C PHE B 493 -26.47 -3.92 20.00
N VAL B 494 -27.43 -3.99 20.92
CA VAL B 494 -28.72 -3.35 20.72
C VAL B 494 -28.58 -1.84 20.72
N GLU B 495 -27.77 -1.29 21.64
CA GLU B 495 -27.65 0.16 21.74
C GLU B 495 -27.01 0.75 20.49
N ALA B 496 -26.02 0.06 19.91
CA ALA B 496 -25.37 0.55 18.70
C ALA B 496 -26.35 0.61 17.54
N VAL B 497 -27.17 -0.43 17.39
CA VAL B 497 -28.20 -0.41 16.35
C VAL B 497 -29.23 0.67 16.63
N SER B 498 -29.62 0.82 17.89
CA SER B 498 -30.63 1.82 18.24
C SER B 498 -30.11 3.24 18.05
N LYS B 499 -28.79 3.44 18.07
CA LYS B 499 -28.19 4.76 17.93
C LYS B 499 -27.67 5.02 16.52
N ASP B 500 -26.77 4.15 16.03
CA ASP B 500 -26.16 4.39 14.73
C ASP B 500 -27.16 4.22 13.59
N PHE B 501 -27.97 3.16 13.65
CA PHE B 501 -28.92 2.87 12.58
C PHE B 501 -30.27 3.56 12.83
N ALA B 502 -30.90 3.26 13.95
CA ALA B 502 -32.20 3.84 14.28
C ALA B 502 -32.04 5.11 15.11
N GLY C 23 14.08 27.86 48.55
CA GLY C 23 14.58 28.30 49.84
C GLY C 23 15.98 28.88 49.77
N GLU C 24 16.42 29.51 50.86
CA GLU C 24 17.76 30.11 50.88
C GLU C 24 18.84 29.04 50.89
N PHE C 25 18.56 27.87 51.47
CA PHE C 25 19.57 26.82 51.50
C PHE C 25 19.72 26.16 50.12
N GLN C 26 18.61 25.96 49.42
CA GLN C 26 18.68 25.38 48.08
C GLN C 26 19.40 26.32 47.12
N ARG C 27 19.11 27.62 47.20
CA ARG C 27 19.80 28.59 46.36
C ARG C 27 21.29 28.64 46.68
N LYS C 28 21.64 28.60 47.96
CA LYS C 28 23.04 28.61 48.36
C LYS C 28 23.77 27.36 47.89
N LEU C 29 23.16 26.19 48.10
CA LEU C 29 23.83 24.94 47.77
C LEU C 29 24.14 24.84 46.28
N TYR C 30 23.20 25.28 45.43
CA TYR C 30 23.41 25.20 43.99
C TYR C 30 24.59 26.07 43.55
N LYS C 31 24.95 27.08 44.35
CA LYS C 31 25.99 28.01 43.93
C LYS C 31 27.39 27.44 44.18
N GLU C 32 27.59 26.75 45.30
CA GLU C 32 28.87 26.07 45.52
C GLU C 32 29.02 24.86 44.61
N LEU C 33 27.92 24.19 44.28
CA LEU C 33 28.00 22.94 43.52
C LEU C 33 28.50 23.20 42.09
N VAL C 34 28.10 24.31 41.49
CA VAL C 34 28.49 24.61 40.11
C VAL C 34 29.71 25.52 40.09
N LYS C 35 30.34 25.70 41.24
CA LYS C 35 31.52 26.55 41.34
C LYS C 35 32.76 25.77 40.89
N ASN C 36 33.44 26.30 39.87
CA ASN C 36 34.65 25.69 39.33
C ASN C 36 34.41 24.24 38.91
N TYR C 37 33.26 23.98 38.29
CA TYR C 37 32.89 22.65 37.85
C TYR C 37 33.04 22.55 36.34
N ASN C 38 33.71 21.50 35.88
CA ASN C 38 33.92 21.25 34.47
C ASN C 38 33.14 20.01 34.04
N PRO C 39 32.13 20.14 33.18
CA PRO C 39 31.36 18.95 32.77
C PRO C 39 32.12 17.99 31.87
N LEU C 40 33.30 18.38 31.38
CA LEU C 40 34.11 17.53 30.52
C LEU C 40 35.03 16.60 31.29
N GLU C 41 35.00 16.65 32.62
CA GLU C 41 35.95 15.93 33.45
C GLU C 41 35.27 14.74 34.13
N ARG C 42 35.97 13.61 34.15
CA ARG C 42 35.49 12.46 34.90
C ARG C 42 35.49 12.79 36.40
N PRO C 43 34.45 12.40 37.13
CA PRO C 43 34.33 12.81 38.53
C PRO C 43 35.18 11.98 39.49
N VAL C 44 36.14 11.23 38.96
CA VAL C 44 37.00 10.41 39.81
C VAL C 44 37.92 11.31 40.62
N ALA C 45 38.10 10.95 41.90
CA ALA C 45 38.99 11.72 42.76
C ALA C 45 40.44 11.49 42.39
N ASN C 46 40.80 10.26 42.03
CA ASN C 46 42.15 9.92 41.60
C ASN C 46 42.11 9.52 40.13
N ASP C 47 42.96 10.14 39.32
CA ASP C 47 42.97 9.91 37.89
C ASP C 47 43.83 8.70 37.52
N SER C 48 43.63 7.59 38.23
CA SER C 48 44.30 6.34 37.94
C SER C 48 43.40 5.13 38.00
N GLN C 49 42.20 5.24 38.55
CA GLN C 49 41.28 4.13 38.72
C GLN C 49 40.03 4.35 37.88
N PRO C 50 39.48 3.30 37.28
CA PRO C 50 38.27 3.46 36.47
C PRO C 50 37.07 3.84 37.33
N LEU C 51 36.14 4.55 36.72
CA LEU C 51 34.91 4.95 37.38
C LEU C 51 33.88 3.83 37.22
N THR C 52 33.35 3.34 38.34
CA THR C 52 32.39 2.24 38.31
C THR C 52 31.02 2.78 37.96
N VAL C 53 30.45 2.31 36.84
CA VAL C 53 29.14 2.71 36.38
C VAL C 53 28.26 1.47 36.30
N TYR C 54 27.11 1.51 36.96
CA TYR C 54 26.17 0.41 36.98
C TYR C 54 25.09 0.65 35.93
N PHE C 55 24.97 -0.28 34.99
CA PHE C 55 24.01 -0.17 33.89
C PHE C 55 22.97 -1.27 34.01
N SER C 56 21.71 -0.90 33.87
CA SER C 56 20.60 -1.85 33.93
C SER C 56 19.61 -1.51 32.84
N LEU C 57 18.49 -2.25 32.80
CA LEU C 57 17.48 -2.06 31.78
C LEU C 57 16.13 -2.48 32.33
N SER C 58 15.08 -1.84 31.83
CA SER C 58 13.71 -2.16 32.22
C SER C 58 12.86 -2.20 30.95
N LEU C 59 12.34 -3.37 30.61
CA LEU C 59 11.49 -3.53 29.44
C LEU C 59 10.06 -3.15 29.79
N LEU C 60 9.51 -2.15 29.10
CA LEU C 60 8.15 -1.69 29.34
C LEU C 60 7.14 -2.29 28.37
N GLN C 61 7.53 -2.50 27.11
CA GLN C 61 6.69 -3.14 26.11
C GLN C 61 7.50 -3.33 24.84
N ILE C 62 7.03 -4.23 23.99
CA ILE C 62 7.61 -4.44 22.67
C ILE C 62 6.69 -3.75 21.66
N MET C 63 7.18 -2.66 21.07
CA MET C 63 6.33 -1.87 20.16
C MET C 63 5.96 -2.67 18.92
N ASP C 64 6.95 -3.23 18.23
CA ASP C 64 6.70 -3.97 17.00
C ASP C 64 7.96 -4.70 16.58
N VAL C 65 7.76 -5.87 15.98
CA VAL C 65 8.85 -6.63 15.36
C VAL C 65 8.54 -6.75 13.89
N ASP C 66 9.41 -6.17 13.05
CA ASP C 66 9.20 -6.13 11.61
C ASP C 66 10.23 -7.03 10.94
N GLU C 67 9.74 -8.07 10.25
CA GLU C 67 10.63 -9.02 9.61
C GLU C 67 11.26 -8.47 8.33
N LYS C 68 10.53 -7.61 7.61
CA LYS C 68 11.02 -7.11 6.34
C LYS C 68 12.31 -6.30 6.51
N ASN C 69 12.31 -5.37 7.45
CA ASN C 69 13.50 -4.56 7.72
C ASN C 69 14.40 -5.16 8.79
N GLN C 70 13.97 -6.24 9.43
CA GLN C 70 14.75 -6.91 10.49
C GLN C 70 15.16 -5.94 11.59
N VAL C 71 14.18 -5.14 12.03
CA VAL C 71 14.39 -4.19 13.12
C VAL C 71 13.44 -4.54 14.25
N LEU C 72 13.82 -4.16 15.47
CA LEU C 72 13.02 -4.42 16.67
C LEU C 72 12.80 -3.11 17.40
N THR C 73 11.55 -2.68 17.48
CA THR C 73 11.18 -1.44 18.17
C THR C 73 10.67 -1.80 19.55
N THR C 74 11.33 -1.28 20.59
CA THR C 74 10.96 -1.54 21.97
C THR C 74 10.95 -0.24 22.75
N ASN C 75 10.03 -0.17 23.72
CA ASN C 75 9.95 0.95 24.66
C ASN C 75 10.53 0.48 25.98
N ILE C 76 11.73 0.95 26.32
CA ILE C 76 12.45 0.51 27.50
C ILE C 76 12.91 1.73 28.29
N TRP C 77 13.34 1.48 29.52
CA TRP C 77 13.96 2.48 30.37
C TRP C 77 15.39 2.06 30.67
N LEU C 78 16.25 3.06 30.84
CA LEU C 78 17.65 2.84 31.17
C LEU C 78 17.96 3.37 32.57
N GLN C 79 18.96 2.78 33.20
CA GLN C 79 19.41 3.25 34.52
C GLN C 79 20.94 3.23 34.53
N MET C 80 21.54 4.41 34.52
CA MET C 80 22.97 4.57 34.68
C MET C 80 23.24 5.23 36.02
N SER C 81 24.01 4.55 36.87
CA SER C 81 24.31 5.03 38.21
C SER C 81 25.81 5.00 38.44
N TRP C 82 26.36 6.13 38.88
CA TRP C 82 27.78 6.25 39.18
C TRP C 82 27.93 7.09 40.44
N THR C 83 29.17 7.38 40.80
CA THR C 83 29.47 8.15 42.00
C THR C 83 30.28 9.38 41.61
N ASP C 84 29.84 10.55 42.10
CA ASP C 84 30.52 11.81 41.86
C ASP C 84 31.26 12.25 43.12
N HIS C 85 32.40 12.90 42.91
CA HIS C 85 33.24 13.37 44.01
C HIS C 85 33.05 14.84 44.34
N TYR C 86 32.77 15.67 43.34
CA TYR C 86 32.61 17.11 43.57
C TYR C 86 31.19 17.50 43.97
N LEU C 87 30.20 16.63 43.74
CA LEU C 87 28.82 16.92 44.10
C LEU C 87 28.48 16.30 45.45
N GLN C 88 29.18 16.77 46.47
CA GLN C 88 28.98 16.32 47.85
C GLN C 88 28.84 17.52 48.77
N TRP C 89 28.00 17.38 49.79
CA TRP C 89 27.79 18.46 50.75
C TRP C 89 27.32 17.86 52.07
N ASN C 90 27.42 18.67 53.12
CA ASN C 90 27.02 18.25 54.45
C ASN C 90 25.54 18.55 54.68
N VAL C 91 24.82 17.58 55.24
CA VAL C 91 23.39 17.76 55.49
C VAL C 91 23.17 18.81 56.57
N SER C 92 24.06 18.89 57.56
CA SER C 92 23.87 19.85 58.65
C SER C 92 23.91 21.29 58.14
N GLU C 93 24.83 21.58 57.22
CA GLU C 93 24.93 22.95 56.70
C GLU C 93 23.68 23.35 55.93
N TYR C 94 23.13 22.44 55.13
CA TYR C 94 21.91 22.68 54.36
C TYR C 94 20.87 21.66 54.82
N PRO C 95 20.06 22.00 55.83
CA PRO C 95 19.18 20.98 56.42
C PRO C 95 18.03 20.58 55.52
N GLY C 96 17.37 21.55 54.87
CA GLY C 96 16.17 21.24 54.12
C GLY C 96 16.41 20.36 52.91
N VAL C 97 17.44 20.66 52.13
CA VAL C 97 17.67 19.98 50.86
C VAL C 97 18.41 18.66 51.11
N LYS C 98 17.98 17.62 50.41
CA LYS C 98 18.63 16.31 50.46
C LYS C 98 19.14 15.84 49.11
N THR C 99 18.42 16.15 48.03
CA THR C 99 18.83 15.79 46.67
C THR C 99 18.71 17.00 45.76
N VAL C 100 19.55 17.02 44.72
CA VAL C 100 19.50 18.08 43.71
C VAL C 100 19.47 17.42 42.34
N ARG C 101 18.95 18.17 41.36
CA ARG C 101 18.80 17.68 40.00
C ARG C 101 19.49 18.63 39.04
N PHE C 102 20.28 18.08 38.12
CA PHE C 102 20.99 18.85 37.12
C PHE C 102 20.56 18.42 35.73
N PRO C 103 20.23 19.37 34.84
CA PRO C 103 19.84 18.98 33.48
C PRO C 103 21.01 18.55 32.63
N ASP C 104 20.75 18.17 31.38
CA ASP C 104 21.81 17.72 30.49
C ASP C 104 22.72 18.89 30.16
N GLY C 105 24.01 18.60 30.02
CA GLY C 105 24.99 19.60 29.66
C GLY C 105 25.59 20.39 30.81
N GLN C 106 25.26 20.05 32.06
CA GLN C 106 25.79 20.76 33.20
C GLN C 106 26.60 19.88 34.15
N ILE C 107 26.44 18.56 34.08
CA ILE C 107 27.25 17.63 34.87
C ILE C 107 27.74 16.52 33.96
N TRP C 108 28.81 15.85 34.39
CA TRP C 108 29.38 14.77 33.62
C TRP C 108 28.44 13.55 33.65
N LYS C 109 28.20 12.97 32.49
CA LYS C 109 27.40 11.76 32.37
C LYS C 109 28.12 10.76 31.47
N PRO C 110 27.94 9.46 31.72
CA PRO C 110 28.51 8.45 30.83
C PRO C 110 27.87 8.52 29.45
N ASP C 111 28.65 8.14 28.45
CA ASP C 111 28.22 8.17 27.04
C ASP C 111 27.77 6.81 26.55
N ILE C 112 27.14 6.03 27.43
CA ILE C 112 26.66 4.70 27.05
C ILE C 112 25.52 4.85 26.05
N LEU C 113 25.61 4.13 24.93
CA LEU C 113 24.60 4.20 23.88
C LEU C 113 24.49 2.84 23.20
N LEU C 114 23.35 2.61 22.56
CA LEU C 114 23.12 1.36 21.86
C LEU C 114 24.04 1.26 20.65
N TYR C 115 24.71 0.11 20.52
CA TYR C 115 25.63 -0.08 19.41
C TYR C 115 24.88 -0.32 18.10
N ASN C 116 23.70 -0.94 18.16
CA ASN C 116 22.97 -1.26 16.94
C ASN C 116 22.29 -0.04 16.35
N SER C 117 21.32 0.52 17.09
CA SER C 117 20.68 1.79 16.78
C SER C 117 20.31 1.91 15.29
N ALA C 118 19.40 1.02 14.86
CA ALA C 118 18.96 0.99 13.46
C ALA C 118 17.86 2.04 13.26
N ASP C 119 18.28 3.30 13.29
CA ASP C 119 17.35 4.42 13.16
C ASP C 119 18.13 5.66 12.72
N GLU C 120 17.39 6.68 12.30
CA GLU C 120 17.99 7.91 11.78
C GLU C 120 18.87 8.58 12.82
N ARG C 121 18.28 9.05 13.91
CA ARG C 121 19.08 9.55 15.03
C ARG C 121 19.55 8.39 15.90
N PHE C 122 20.79 8.50 16.38
CA PHE C 122 21.50 7.35 16.92
C PHE C 122 21.39 7.22 18.44
N ASP C 123 21.00 8.27 19.15
CA ASP C 123 20.98 8.23 20.61
C ASP C 123 19.72 7.56 21.14
N ALA C 124 18.56 8.16 20.87
CA ALA C 124 17.27 7.66 21.33
C ALA C 124 17.26 7.45 22.85
N THR C 125 17.48 8.54 23.58
CA THR C 125 17.54 8.47 25.04
C THR C 125 16.72 9.53 25.76
N PHE C 126 16.38 10.65 25.11
CA PHE C 126 15.54 11.70 25.71
C PHE C 126 16.10 12.14 27.07
N HIS C 127 17.27 12.78 27.00
CA HIS C 127 17.96 13.25 28.20
C HIS C 127 17.01 14.01 29.13
N THR C 128 16.96 13.58 30.38
CA THR C 128 16.13 14.19 31.41
C THR C 128 17.02 14.65 32.57
N ASN C 129 16.38 15.10 33.64
CA ASN C 129 17.10 15.51 34.84
C ASN C 129 17.81 14.32 35.47
N VAL C 130 18.93 14.59 36.13
CA VAL C 130 19.79 13.56 36.70
C VAL C 130 19.80 13.76 38.22
N LEU C 131 19.32 12.76 38.95
CA LEU C 131 19.26 12.84 40.40
C LEU C 131 20.66 12.78 41.01
N VAL C 132 20.85 13.51 42.10
CA VAL C 132 22.12 13.57 42.80
C VAL C 132 21.87 13.29 44.27
N ASN C 133 22.69 12.42 44.86
CA ASN C 133 22.59 12.04 46.26
C ASN C 133 22.97 13.21 47.16
N SER C 134 22.91 12.97 48.46
CA SER C 134 23.53 13.87 49.42
C SER C 134 25.00 13.55 49.66
N SER C 135 25.50 12.43 49.11
CA SER C 135 26.87 12.02 49.27
C SER C 135 27.60 11.84 47.94
N GLY C 136 26.97 12.20 46.82
CA GLY C 136 27.62 12.17 45.53
C GLY C 136 27.24 11.01 44.63
N HIS C 137 26.32 10.14 45.04
CA HIS C 137 25.89 9.03 44.21
CA HIS C 137 25.89 9.02 44.22
C HIS C 137 24.86 9.52 43.20
N CYS C 138 25.25 9.57 41.94
CA CYS C 138 24.41 10.12 40.87
C CYS C 138 23.76 8.98 40.11
N GLN C 139 22.45 9.08 39.89
CA GLN C 139 21.70 8.11 39.12
C GLN C 139 20.97 8.81 37.98
N TYR C 140 20.89 8.12 36.84
CA TYR C 140 20.34 8.70 35.62
C TYR C 140 19.38 7.70 35.00
N LEU C 141 18.13 8.12 34.80
CA LEU C 141 17.04 7.23 34.38
C LEU C 141 16.34 7.83 33.16
N PRO C 142 16.92 7.69 31.98
CA PRO C 142 16.31 8.28 30.78
C PRO C 142 15.38 7.29 30.09
N PRO C 143 14.21 7.73 29.68
CA PRO C 143 13.32 6.89 28.87
C PRO C 143 13.53 7.11 27.38
N GLY C 144 13.24 6.07 26.60
CA GLY C 144 13.39 6.17 25.16
C GLY C 144 12.79 4.99 24.45
N ILE C 145 12.58 5.16 23.15
CA ILE C 145 12.11 4.11 22.26
C ILE C 145 13.26 3.74 21.34
N PHE C 146 13.70 2.49 21.42
CA PHE C 146 14.90 2.01 20.73
C PHE C 146 14.51 1.16 19.53
N LYS C 147 15.23 1.34 18.43
CA LYS C 147 15.05 0.56 17.20
C LYS C 147 16.36 -0.15 16.90
N SER C 148 16.53 -1.33 17.49
CA SER C 148 17.74 -2.11 17.29
C SER C 148 17.65 -2.94 16.01
N SER C 149 18.81 -3.39 15.53
CA SER C 149 18.91 -4.20 14.33
C SER C 149 19.00 -5.66 14.74
N CYS C 150 17.90 -6.38 14.64
CA CYS C 150 17.83 -7.78 15.00
C CYS C 150 17.95 -8.67 13.77
N TYR C 151 18.17 -9.96 14.02
CA TYR C 151 18.22 -10.98 12.99
C TYR C 151 17.02 -11.90 13.16
N ILE C 152 16.03 -11.75 12.29
CA ILE C 152 14.81 -12.55 12.35
C ILE C 152 15.03 -13.80 11.50
N ASP C 153 15.48 -14.87 12.14
CA ASP C 153 15.67 -16.15 11.46
C ASP C 153 14.31 -16.76 11.18
N VAL C 154 13.79 -16.51 9.97
CA VAL C 154 12.43 -16.93 9.62
C VAL C 154 12.55 -18.35 9.06
N ARG C 155 12.59 -19.31 9.97
CA ARG C 155 12.47 -20.72 9.64
C ARG C 155 11.45 -21.31 10.60
N TRP C 156 10.50 -22.08 10.07
CA TRP C 156 9.29 -22.45 10.80
C TRP C 156 8.56 -21.18 11.25
N PHE C 157 8.14 -20.40 10.25
CA PHE C 157 7.69 -19.03 10.49
C PHE C 157 6.52 -18.92 11.47
N PRO C 158 5.44 -19.68 11.33
CA PRO C 158 4.36 -19.55 12.33
C PRO C 158 4.77 -19.99 13.72
N PHE C 159 5.81 -20.81 13.85
CA PHE C 159 6.21 -21.45 15.11
C PHE C 159 7.67 -21.16 15.42
N ASP C 160 8.06 -19.89 15.30
CA ASP C 160 9.46 -19.50 15.44
C ASP C 160 9.69 -18.77 16.76
N VAL C 161 10.92 -18.88 17.25
CA VAL C 161 11.37 -18.16 18.44
C VAL C 161 12.57 -17.30 18.04
N GLN C 162 12.50 -16.02 18.36
CA GLN C 162 13.50 -15.05 17.94
C GLN C 162 14.32 -14.58 19.13
N HIS C 163 15.64 -14.46 18.92
CA HIS C 163 16.56 -13.93 19.92
C HIS C 163 17.13 -12.62 19.39
N CYS C 164 16.79 -11.51 20.05
CA CYS C 164 17.22 -10.19 19.63
C CYS C 164 18.18 -9.63 20.68
N LYS C 165 19.32 -9.13 20.22
CA LYS C 165 20.37 -8.62 21.09
C LYS C 165 20.33 -7.10 21.16
N LEU C 166 20.72 -6.57 22.31
CA LEU C 166 20.82 -5.13 22.53
C LEU C 166 22.19 -4.84 23.13
N LYS C 167 23.07 -4.23 22.35
CA LYS C 167 24.46 -4.01 22.73
C LYS C 167 24.62 -2.59 23.24
N PHE C 168 24.93 -2.45 24.53
CA PHE C 168 25.12 -1.16 25.17
C PHE C 168 26.55 -1.06 25.69
N GLY C 169 27.15 0.11 25.50
CA GLY C 169 28.51 0.32 25.98
C GLY C 169 28.95 1.74 25.71
N SER C 170 29.99 2.15 26.42
CA SER C 170 30.56 3.48 26.26
C SER C 170 31.26 3.59 24.91
N TRP C 171 31.25 4.80 24.36
CA TRP C 171 31.81 5.05 23.04
C TRP C 171 33.22 5.64 23.07
N SER C 172 33.57 6.39 24.11
CA SER C 172 34.86 7.07 24.17
C SER C 172 35.71 6.67 25.36
N TYR C 173 35.15 6.00 26.37
CA TYR C 173 35.87 5.62 27.57
C TYR C 173 36.18 4.14 27.53
N GLY C 174 37.45 3.79 27.74
CA GLY C 174 37.91 2.42 27.67
C GLY C 174 37.85 1.69 28.99
N GLY C 175 38.68 0.65 29.10
CA GLY C 175 38.67 -0.17 30.29
C GLY C 175 39.15 0.56 31.53
N TRP C 176 40.24 1.32 31.40
CA TRP C 176 40.81 1.99 32.56
C TRP C 176 40.10 3.28 32.94
N SER C 177 39.18 3.76 32.10
CA SER C 177 38.48 5.02 32.35
C SER C 177 37.09 4.83 32.96
N LEU C 178 36.28 3.97 32.35
CA LEU C 178 34.90 3.74 32.79
C LEU C 178 34.69 2.23 32.95
N ASP C 179 34.71 1.76 34.19
CA ASP C 179 34.47 0.34 34.47
C ASP C 179 32.96 0.10 34.46
N LEU C 180 32.46 -0.40 33.34
CA LEU C 180 31.03 -0.62 33.18
C LEU C 180 30.63 -1.92 33.85
N GLN C 181 29.69 -1.84 34.78
CA GLN C 181 29.16 -3.00 35.48
C GLN C 181 27.76 -3.31 34.98
N MET C 182 27.21 -4.42 35.47
CA MET C 182 25.93 -4.93 35.01
C MET C 182 24.99 -5.19 36.19
N GLN C 183 23.71 -4.91 35.97
CA GLN C 183 22.65 -5.28 36.90
C GLN C 183 21.56 -6.03 36.14
N GLU C 184 20.85 -6.89 36.85
CA GLU C 184 19.84 -7.74 36.22
C GLU C 184 18.72 -6.89 35.63
N ALA C 185 18.23 -7.31 34.47
CA ALA C 185 17.15 -6.59 33.81
C ALA C 185 15.85 -6.70 34.61
N ASP C 186 15.04 -5.65 34.53
CA ASP C 186 13.80 -5.54 35.28
C ASP C 186 12.61 -5.70 34.33
N ILE C 187 11.65 -6.52 34.73
CA ILE C 187 10.46 -6.76 33.92
C ILE C 187 9.21 -6.54 34.75
N SER C 188 9.31 -5.76 35.82
CA SER C 188 8.15 -5.44 36.64
C SER C 188 7.25 -4.47 35.90
N GLY C 189 6.25 -4.99 35.20
CA GLY C 189 5.42 -4.18 34.34
C GLY C 189 5.85 -4.34 32.89
N TYR C 190 5.12 -5.15 32.13
CA TYR C 190 5.55 -5.51 30.79
C TYR C 190 4.50 -5.19 29.74
N ILE C 191 3.23 -5.17 30.13
CA ILE C 191 2.12 -4.88 29.23
C ILE C 191 2.22 -5.79 28.01
N PRO C 192 1.87 -7.07 28.13
CA PRO C 192 2.16 -8.03 27.06
C PRO C 192 1.58 -7.61 25.72
N ASN C 193 2.36 -7.83 24.66
CA ASN C 193 1.97 -7.37 23.33
C ASN C 193 0.71 -8.08 22.84
N GLY C 194 0.62 -9.39 23.06
CA GLY C 194 -0.46 -10.20 22.55
C GLY C 194 -0.12 -10.96 21.29
N GLU C 195 0.91 -10.54 20.56
CA GLU C 195 1.41 -11.25 19.40
C GLU C 195 2.65 -12.09 19.70
N TRP C 196 3.56 -11.53 20.48
CA TRP C 196 4.80 -12.19 20.87
C TRP C 196 4.75 -12.48 22.37
N ASP C 197 5.10 -13.70 22.74
CA ASP C 197 5.14 -14.13 24.14
C ASP C 197 6.58 -14.03 24.64
N LEU C 198 6.82 -13.14 25.60
CA LEU C 198 8.16 -12.96 26.14
C LEU C 198 8.56 -14.17 26.97
N VAL C 199 9.77 -14.66 26.75
CA VAL C 199 10.33 -15.79 27.50
C VAL C 199 11.25 -15.31 28.61
N GLY C 200 12.16 -14.40 28.28
CA GLY C 200 13.06 -13.85 29.27
C GLY C 200 14.06 -12.92 28.61
N ILE C 201 14.69 -12.11 29.43
CA ILE C 201 15.68 -11.15 28.96
C ILE C 201 16.95 -11.29 29.80
N PRO C 202 17.81 -12.25 29.48
CA PRO C 202 19.09 -12.36 30.18
C PRO C 202 20.13 -11.44 29.56
N GLY C 203 21.25 -11.29 30.27
CA GLY C 203 22.28 -10.37 29.85
C GLY C 203 23.67 -10.90 30.17
N LYS C 204 24.67 -10.12 29.77
CA LYS C 204 26.06 -10.51 29.85
C LYS C 204 26.94 -9.27 29.82
N ARG C 205 28.05 -9.33 30.56
CA ARG C 205 29.04 -8.26 30.55
C ARG C 205 30.38 -8.84 30.09
N SER C 206 30.97 -8.21 29.08
CA SER C 206 32.25 -8.67 28.54
C SER C 206 32.96 -7.48 27.92
N GLU C 207 34.26 -7.64 27.69
CA GLU C 207 35.09 -6.61 27.08
C GLU C 207 35.93 -7.20 25.97
N ARG C 208 35.99 -6.47 24.84
CA ARG C 208 36.66 -6.94 23.64
C ARG C 208 37.72 -5.94 23.22
N PHE C 209 38.61 -6.40 22.34
CA PHE C 209 39.66 -5.56 21.77
C PHE C 209 39.28 -5.19 20.35
N TYR C 210 39.30 -3.89 20.07
CA TYR C 210 38.91 -3.37 18.76
C TYR C 210 40.14 -3.01 17.92
N GLU C 211 39.89 -2.74 16.65
CA GLU C 211 40.99 -2.51 15.70
C GLU C 211 41.68 -1.18 15.93
N CYS C 212 40.93 -0.16 16.38
CA CYS C 212 41.52 1.17 16.52
C CYS C 212 42.64 1.19 17.53
N CYS C 213 42.41 0.60 18.70
CA CYS C 213 43.12 0.99 19.90
C CYS C 213 43.44 -0.24 20.73
N LYS C 214 44.32 -0.04 21.71
CA LYS C 214 44.58 -1.04 22.75
C LYS C 214 43.60 -0.91 23.91
N GLU C 215 42.43 -0.31 23.68
CA GLU C 215 41.45 -0.06 24.72
C GLU C 215 40.53 -1.28 24.84
N PRO C 216 40.54 -1.99 25.97
CA PRO C 216 39.53 -3.04 26.18
C PRO C 216 38.19 -2.41 26.54
N TYR C 217 37.21 -2.53 25.65
CA TYR C 217 35.95 -1.83 25.82
C TYR C 217 34.91 -2.77 26.41
N PRO C 218 34.50 -2.58 27.67
CA PRO C 218 33.41 -3.38 28.22
C PRO C 218 32.06 -2.99 27.62
N ASP C 219 31.14 -3.94 27.64
CA ASP C 219 29.78 -3.68 27.17
C ASP C 219 28.81 -4.61 27.88
N VAL C 220 27.54 -4.25 27.84
CA VAL C 220 26.46 -5.06 28.39
C VAL C 220 25.51 -5.40 27.25
N THR C 221 25.30 -6.69 27.02
CA THR C 221 24.47 -7.17 25.91
C THR C 221 23.24 -7.85 26.49
N PHE C 222 22.09 -7.20 26.36
CA PHE C 222 20.82 -7.76 26.80
C PHE C 222 20.14 -8.42 25.60
N THR C 223 19.91 -9.73 25.69
CA THR C 223 19.25 -10.48 24.64
C THR C 223 17.79 -10.73 25.01
N VAL C 224 16.90 -10.53 24.05
CA VAL C 224 15.47 -10.66 24.26
C VAL C 224 15.00 -11.91 23.52
N THR C 225 14.40 -12.84 24.27
CA THR C 225 13.85 -14.07 23.71
C THR C 225 12.33 -13.99 23.77
N MET C 226 11.68 -14.07 22.61
CA MET C 226 10.24 -13.99 22.50
C MET C 226 9.72 -15.10 21.59
N ARG C 227 8.54 -15.60 21.91
CA ARG C 227 7.90 -16.67 21.16
C ARG C 227 6.65 -16.12 20.49
N ARG C 228 6.53 -16.33 19.18
CA ARG C 228 5.40 -15.82 18.42
C ARG C 228 4.16 -16.68 18.67
N ARG C 229 3.05 -16.02 18.97
CA ARG C 229 1.78 -16.71 19.15
C ARG C 229 1.20 -17.11 17.80
N THR C 230 0.45 -18.22 17.80
CA THR C 230 0.07 -18.88 16.56
C THR C 230 -1.43 -18.87 16.28
N LEU C 231 -2.25 -18.34 17.18
CA LEU C 231 -3.70 -18.41 16.98
C LEU C 231 -4.14 -17.62 15.76
N TYR C 232 -3.60 -16.41 15.58
CA TYR C 232 -3.99 -15.60 14.43
C TYR C 232 -3.49 -16.21 13.14
N TYR C 233 -2.20 -16.57 13.09
CA TYR C 233 -1.62 -17.12 11.87
C TYR C 233 -2.17 -18.51 11.56
N GLY C 234 -2.42 -19.32 12.58
CA GLY C 234 -2.98 -20.64 12.34
C GLY C 234 -4.39 -20.61 11.79
N LEU C 235 -5.24 -19.76 12.38
CA LEU C 235 -6.65 -19.73 11.97
C LEU C 235 -6.86 -18.99 10.65
N ASN C 236 -6.16 -17.87 10.46
CA ASN C 236 -6.38 -17.07 9.26
C ASN C 236 -5.61 -17.57 8.05
N LEU C 237 -4.56 -18.36 8.25
CA LEU C 237 -3.73 -18.81 7.14
C LEU C 237 -3.68 -20.31 7.00
N LEU C 238 -3.42 -21.05 8.08
CA LEU C 238 -3.28 -22.49 7.99
C LEU C 238 -4.64 -23.17 7.80
N ILE C 239 -5.65 -22.75 8.55
CA ILE C 239 -6.96 -23.39 8.47
C ILE C 239 -7.59 -23.25 7.07
N PRO C 240 -7.64 -22.07 6.46
CA PRO C 240 -8.24 -22.00 5.10
C PRO C 240 -7.50 -22.83 4.07
N CYS C 241 -6.18 -22.99 4.20
CA CYS C 241 -5.43 -23.74 3.22
C CYS C 241 -5.87 -25.20 3.16
N VAL C 242 -6.12 -25.81 4.33
CA VAL C 242 -6.62 -27.17 4.36
C VAL C 242 -8.01 -27.25 3.72
N LEU C 243 -8.87 -26.28 4.04
CA LEU C 243 -10.23 -26.29 3.51
C LEU C 243 -10.26 -26.07 1.99
N ILE C 244 -9.46 -25.14 1.49
CA ILE C 244 -9.43 -24.90 0.05
C ILE C 244 -8.84 -26.10 -0.68
N SER C 245 -7.78 -26.70 -0.13
CA SER C 245 -7.20 -27.89 -0.75
C SER C 245 -8.18 -29.07 -0.73
N ALA C 246 -9.10 -29.09 0.23
CA ALA C 246 -10.10 -30.17 0.27
C ALA C 246 -11.04 -30.08 -0.92
N LEU C 247 -11.43 -28.87 -1.32
CA LEU C 247 -12.32 -28.73 -2.46
C LEU C 247 -11.63 -29.07 -3.77
N ALA C 248 -10.32 -28.86 -3.86
CA ALA C 248 -9.57 -29.31 -5.03
C ALA C 248 -9.58 -30.83 -5.13
N LEU C 249 -9.72 -31.51 -3.99
CA LEU C 249 -9.85 -32.97 -3.96
C LEU C 249 -11.23 -33.45 -4.35
N LEU C 250 -12.20 -32.55 -4.48
CA LEU C 250 -13.57 -32.89 -4.80
C LEU C 250 -13.82 -33.05 -6.30
N VAL C 251 -12.79 -32.84 -7.14
CA VAL C 251 -12.96 -32.98 -8.58
C VAL C 251 -13.26 -34.43 -8.93
N PHE C 252 -12.59 -35.38 -8.28
CA PHE C 252 -12.75 -36.79 -8.58
C PHE C 252 -14.12 -37.33 -8.21
N LEU C 253 -14.90 -36.61 -7.40
CA LEU C 253 -16.25 -37.02 -7.08
C LEU C 253 -17.28 -36.48 -8.08
N LEU C 254 -16.93 -35.47 -8.85
CA LEU C 254 -17.84 -34.94 -9.84
C LEU C 254 -17.98 -35.93 -11.01
N PRO C 255 -19.19 -36.20 -11.47
CA PRO C 255 -19.34 -37.02 -12.68
C PRO C 255 -18.79 -36.31 -13.90
N ALA C 256 -18.23 -37.11 -14.81
CA ALA C 256 -17.63 -36.55 -16.01
C ALA C 256 -18.68 -36.02 -17.00
N ASP C 257 -19.94 -36.42 -16.84
CA ASP C 257 -20.99 -35.95 -17.74
C ASP C 257 -21.18 -34.45 -17.62
N SER C 258 -21.24 -33.96 -16.37
CA SER C 258 -21.35 -32.53 -16.17
C SER C 258 -20.06 -31.85 -16.58
N GLY C 259 -20.12 -31.04 -17.63
CA GLY C 259 -18.93 -30.39 -18.14
C GLY C 259 -18.45 -29.32 -17.20
N GLU C 260 -17.89 -29.75 -16.05
CA GLU C 260 -17.60 -28.85 -14.94
C GLU C 260 -16.36 -29.26 -14.16
N LYS C 261 -15.60 -30.26 -14.61
CA LYS C 261 -14.47 -30.77 -13.86
C LYS C 261 -13.27 -29.83 -13.91
N ILE C 262 -12.87 -29.40 -15.11
CA ILE C 262 -11.78 -28.44 -15.22
C ILE C 262 -12.19 -27.09 -14.65
N SER C 263 -13.48 -26.75 -14.75
CA SER C 263 -13.96 -25.46 -14.26
C SER C 263 -13.66 -25.28 -12.78
N LEU C 264 -13.99 -26.31 -11.97
CA LEU C 264 -13.64 -26.32 -10.56
C LEU C 264 -12.19 -26.72 -10.32
N GLY C 265 -11.59 -27.43 -11.27
CA GLY C 265 -10.19 -27.77 -11.13
C GLY C 265 -9.28 -26.56 -11.18
N ILE C 266 -9.57 -25.62 -12.11
CA ILE C 266 -8.73 -24.44 -12.33
C ILE C 266 -9.18 -23.23 -11.52
N THR C 267 -10.45 -23.18 -11.12
CA THR C 267 -10.91 -22.06 -10.29
C THR C 267 -10.30 -22.13 -8.90
N VAL C 268 -10.20 -23.33 -8.32
CA VAL C 268 -9.55 -23.48 -7.02
C VAL C 268 -8.08 -23.08 -7.11
N LEU C 269 -7.40 -23.51 -8.18
CA LEU C 269 -6.01 -23.13 -8.37
C LEU C 269 -5.86 -21.61 -8.51
N LEU C 270 -6.75 -20.97 -9.27
CA LEU C 270 -6.73 -19.52 -9.38
C LEU C 270 -7.02 -18.88 -8.02
N SER C 271 -7.99 -19.43 -7.28
CA SER C 271 -8.36 -18.89 -5.99
C SER C 271 -7.34 -19.18 -4.90
N LEU C 272 -6.33 -20.02 -5.16
CA LEU C 272 -5.37 -20.40 -4.14
C LEU C 272 -4.00 -19.75 -4.33
N THR C 273 -3.71 -19.25 -5.54
CA THR C 273 -2.47 -18.51 -5.75
C THR C 273 -2.46 -17.19 -5.00
N VAL C 274 -3.64 -16.68 -4.61
CA VAL C 274 -3.73 -15.38 -3.96
C VAL C 274 -3.14 -15.39 -2.56
N PHE C 275 -2.94 -16.56 -1.96
CA PHE C 275 -2.51 -16.62 -0.57
C PHE C 275 -1.05 -16.22 -0.40
N MET C 276 -0.16 -16.67 -1.29
CA MET C 276 1.22 -16.22 -1.19
C MET C 276 1.36 -14.72 -1.45
N LEU C 277 0.38 -14.11 -2.14
CA LEU C 277 0.40 -12.66 -2.32
C LEU C 277 0.35 -11.97 -0.96
N LEU C 278 -0.53 -12.44 -0.07
CA LEU C 278 -0.50 -11.96 1.31
C LEU C 278 0.75 -12.41 2.02
N VAL C 279 1.16 -13.66 1.81
CA VAL C 279 2.31 -14.22 2.53
C VAL C 279 3.60 -13.52 2.12
N ALA C 280 3.82 -13.35 0.81
CA ALA C 280 5.04 -12.71 0.34
C ALA C 280 5.15 -11.27 0.81
N GLU C 281 4.01 -10.61 1.02
CA GLU C 281 4.03 -9.26 1.56
C GLU C 281 4.56 -9.23 3.00
N ILE C 282 4.48 -10.35 3.72
CA ILE C 282 4.99 -10.46 5.08
C ILE C 282 6.36 -11.12 5.11
N MET C 283 6.60 -12.06 4.20
CA MET C 283 7.85 -12.82 4.19
C MET C 283 9.01 -11.91 3.80
N PRO C 284 10.05 -11.80 4.61
CA PRO C 284 11.27 -11.11 4.18
C PRO C 284 11.94 -11.88 3.05
N ALA C 285 12.54 -11.13 2.13
CA ALA C 285 13.21 -11.73 0.97
C ALA C 285 14.65 -12.11 1.31
N THR C 286 14.77 -13.04 2.25
CA THR C 286 16.07 -13.50 2.73
C THR C 286 16.34 -14.91 2.20
N SER C 287 17.51 -15.09 1.60
CA SER C 287 17.93 -16.40 1.09
C SER C 287 18.75 -17.17 2.12
N ASP C 288 18.20 -17.32 3.32
CA ASP C 288 18.85 -18.10 4.37
C ASP C 288 18.40 -19.55 4.33
N SER C 289 17.08 -19.77 4.42
CA SER C 289 16.51 -21.10 4.32
C SER C 289 15.08 -20.98 3.83
N VAL C 290 14.55 -22.06 3.27
CA VAL C 290 13.18 -22.09 2.79
C VAL C 290 12.25 -22.15 4.00
N PRO C 291 11.36 -21.17 4.17
CA PRO C 291 10.47 -21.18 5.33
C PRO C 291 9.49 -22.35 5.27
N LEU C 292 9.03 -22.75 6.47
CA LEU C 292 8.07 -23.84 6.56
C LEU C 292 6.77 -23.49 5.84
N ILE C 293 6.32 -22.24 5.98
CA ILE C 293 5.09 -21.83 5.30
C ILE C 293 5.28 -21.83 3.79
N ALA C 294 6.51 -21.59 3.32
CA ALA C 294 6.77 -21.63 1.88
C ALA C 294 6.66 -23.05 1.34
N GLN C 295 7.22 -24.03 2.05
CA GLN C 295 7.12 -25.41 1.61
C GLN C 295 5.67 -25.90 1.65
N TYR C 296 4.93 -25.53 2.69
CA TYR C 296 3.54 -26.00 2.81
C TYR C 296 2.68 -25.44 1.68
N PHE C 297 2.86 -24.16 1.33
CA PHE C 297 2.16 -23.60 0.19
C PHE C 297 2.62 -24.26 -1.11
N ALA C 298 3.93 -24.52 -1.24
CA ALA C 298 4.43 -25.16 -2.45
C ALA C 298 3.86 -26.56 -2.60
N SER C 299 3.69 -27.28 -1.49
CA SER C 299 3.09 -28.60 -1.54
C SER C 299 1.66 -28.54 -2.05
N THR C 300 0.91 -27.51 -1.64
CA THR C 300 -0.48 -27.37 -2.07
C THR C 300 -0.55 -26.99 -3.55
N MET C 301 0.44 -26.24 -4.04
CA MET C 301 0.52 -25.96 -5.47
C MET C 301 0.57 -27.24 -6.29
N ILE C 302 1.45 -28.17 -5.89
CA ILE C 302 1.66 -29.38 -6.67
C ILE C 302 0.45 -30.31 -6.56
N ILE C 303 -0.11 -30.46 -5.36
CA ILE C 303 -1.26 -31.34 -5.17
C ILE C 303 -2.45 -30.84 -5.98
N VAL C 304 -2.74 -29.55 -5.90
CA VAL C 304 -3.83 -28.98 -6.70
C VAL C 304 -3.45 -28.99 -8.19
N GLY C 305 -2.19 -28.67 -8.50
CA GLY C 305 -1.77 -28.66 -9.88
C GLY C 305 -1.83 -30.03 -10.54
N LEU C 306 -1.40 -31.07 -9.83
CA LEU C 306 -1.46 -32.42 -10.37
C LEU C 306 -2.89 -32.92 -10.50
N SER C 307 -3.84 -32.33 -9.76
CA SER C 307 -5.23 -32.72 -9.90
C SER C 307 -5.77 -32.38 -11.28
N VAL C 308 -5.38 -31.21 -11.81
CA VAL C 308 -5.83 -30.81 -13.15
C VAL C 308 -5.23 -31.73 -14.20
N VAL C 309 -3.96 -32.12 -14.04
CA VAL C 309 -3.33 -33.01 -14.99
C VAL C 309 -4.02 -34.37 -15.00
N VAL C 310 -4.35 -34.88 -13.82
CA VAL C 310 -5.06 -36.15 -13.73
C VAL C 310 -6.45 -36.04 -14.34
N THR C 311 -7.13 -34.91 -14.09
CA THR C 311 -8.48 -34.71 -14.64
C THR C 311 -8.47 -34.72 -16.15
N VAL C 312 -7.44 -34.11 -16.77
CA VAL C 312 -7.34 -34.13 -18.22
C VAL C 312 -7.20 -35.56 -18.74
N ILE C 313 -6.38 -36.37 -18.05
CA ILE C 313 -6.24 -37.77 -18.43
C ILE C 313 -7.57 -38.50 -18.27
N VAL C 314 -8.29 -38.22 -17.17
CA VAL C 314 -9.59 -38.84 -16.97
C VAL C 314 -10.57 -38.41 -18.04
N LEU C 315 -10.58 -37.12 -18.40
CA LEU C 315 -11.54 -36.61 -19.36
C LEU C 315 -11.37 -37.25 -20.73
N GLN C 316 -10.13 -37.42 -21.19
CA GLN C 316 -9.90 -38.03 -22.49
C GLN C 316 -10.23 -39.52 -22.48
N TYR C 317 -10.28 -40.15 -21.31
CA TYR C 317 -10.79 -41.51 -21.21
C TYR C 317 -12.30 -41.57 -21.35
N HIS C 318 -12.99 -40.45 -21.12
CA HIS C 318 -14.44 -40.41 -21.24
C HIS C 318 -14.88 -40.23 -22.69
N HIS C 319 -14.46 -39.13 -23.30
CA HIS C 319 -14.79 -38.83 -24.69
C HIS C 319 -13.71 -39.42 -25.61
N HIS C 320 -13.66 -40.76 -25.64
CA HIS C 320 -12.61 -41.45 -26.38
C HIS C 320 -12.94 -41.61 -27.86
N ASP C 321 -14.15 -41.25 -28.30
CA ASP C 321 -14.57 -41.41 -29.69
C ASP C 321 -14.34 -42.84 -30.15
N PRO C 322 -15.22 -43.78 -29.74
CA PRO C 322 -14.99 -45.21 -30.04
C PRO C 322 -14.92 -45.53 -31.53
N ASP C 323 -14.61 -46.78 -31.84
CA ASP C 323 -14.34 -47.23 -33.20
C ASP C 323 -13.13 -46.51 -33.79
N GLY C 324 -12.18 -46.15 -32.93
CA GLY C 324 -10.95 -45.51 -33.37
C GLY C 324 -9.74 -46.02 -32.62
N GLY C 325 -9.84 -47.25 -32.10
CA GLY C 325 -8.75 -47.85 -31.35
C GLY C 325 -9.22 -48.50 -30.06
N LYS C 326 -8.87 -49.78 -29.87
CA LYS C 326 -9.24 -50.50 -28.67
C LYS C 326 -8.13 -50.41 -27.63
N MET C 327 -8.48 -50.79 -26.40
CA MET C 327 -7.49 -50.75 -25.33
C MET C 327 -6.42 -51.82 -25.58
N PRO C 328 -5.18 -51.56 -25.12
CA PRO C 328 -4.05 -52.42 -25.51
C PRO C 328 -4.02 -53.76 -24.79
N LYS C 329 -5.14 -54.15 -24.17
CA LYS C 329 -5.33 -55.39 -23.40
C LYS C 329 -4.60 -55.36 -22.07
N TRP C 330 -3.83 -54.32 -21.77
CA TRP C 330 -3.32 -54.10 -20.43
C TRP C 330 -4.29 -53.27 -19.60
N THR C 331 -5.04 -52.38 -20.26
CA THR C 331 -6.07 -51.62 -19.55
C THR C 331 -7.29 -52.49 -19.23
N ARG C 332 -7.60 -53.47 -20.09
CA ARG C 332 -8.70 -54.38 -19.79
C ARG C 332 -8.43 -55.19 -18.52
N VAL C 333 -7.16 -55.43 -18.19
CA VAL C 333 -6.82 -56.26 -17.04
C VAL C 333 -6.39 -55.45 -15.82
N ILE C 334 -5.91 -54.22 -16.00
CA ILE C 334 -5.45 -53.42 -14.87
C ILE C 334 -6.60 -52.62 -14.27
N LEU C 335 -7.26 -51.81 -15.08
CA LEU C 335 -8.30 -50.91 -14.60
C LEU C 335 -9.69 -51.55 -14.58
N LEU C 336 -9.84 -52.77 -15.09
CA LEU C 336 -11.12 -53.44 -15.10
C LEU C 336 -11.15 -54.74 -14.32
N ASN C 337 -10.00 -55.31 -13.98
CA ASN C 337 -9.94 -56.56 -13.24
C ASN C 337 -9.16 -56.46 -11.94
N TRP C 338 -8.09 -55.67 -11.91
CA TRP C 338 -7.28 -55.53 -10.70
C TRP C 338 -7.74 -54.34 -9.85
N CYS C 339 -7.69 -53.13 -10.42
CA CYS C 339 -8.12 -51.95 -9.67
C CYS C 339 -9.61 -51.96 -9.41
N ALA C 340 -10.41 -52.51 -10.35
CA ALA C 340 -11.85 -52.56 -10.14
C ALA C 340 -12.22 -53.46 -8.97
N TRP C 341 -11.48 -54.55 -8.76
CA TRP C 341 -11.77 -55.44 -7.64
C TRP C 341 -11.40 -54.81 -6.31
N PHE C 342 -10.36 -53.97 -6.28
CA PHE C 342 -9.98 -53.28 -5.05
C PHE C 342 -11.09 -52.37 -4.55
N LEU C 343 -11.71 -51.61 -5.46
CA LEU C 343 -12.60 -50.53 -5.09
C LEU C 343 -14.08 -50.90 -5.15
N ARG C 344 -14.39 -52.18 -5.38
CA ARG C 344 -15.77 -52.70 -5.39
C ARG C 344 -16.64 -51.95 -6.40
N MET C 345 -16.26 -52.05 -7.67
CA MET C 345 -17.02 -51.42 -8.75
C MET C 345 -18.12 -52.32 -9.29
N LYS C 346 -17.80 -53.59 -9.56
CA LYS C 346 -18.75 -54.57 -10.10
C LYS C 346 -19.38 -54.06 -11.39
N ARG C 347 -18.57 -53.44 -12.24
CA ARG C 347 -19.02 -52.89 -13.52
C ARG C 347 -20.18 -51.93 -13.36
N ASP C 432 -42.56 -58.49 -54.36
CA ASP C 432 -42.29 -57.16 -53.83
C ASP C 432 -41.86 -57.22 -52.38
N LEU C 433 -42.18 -58.34 -51.72
CA LEU C 433 -41.81 -58.50 -50.31
C LEU C 433 -40.30 -58.66 -50.14
N ALA C 434 -39.62 -59.17 -51.17
CA ALA C 434 -38.17 -59.34 -51.08
C ALA C 434 -37.47 -57.99 -50.93
N LYS C 435 -37.89 -56.99 -51.71
CA LYS C 435 -37.29 -55.67 -51.59
C LYS C 435 -37.72 -54.96 -50.30
N ILE C 436 -38.93 -55.25 -49.81
CA ILE C 436 -39.35 -54.74 -48.52
C ILE C 436 -38.48 -55.33 -47.41
N LEU C 437 -38.22 -56.64 -47.47
CA LEU C 437 -37.39 -57.29 -46.46
C LEU C 437 -35.97 -56.74 -46.46
N GLU C 438 -35.41 -56.51 -47.65
CA GLU C 438 -34.05 -55.99 -47.75
C GLU C 438 -33.93 -54.61 -47.13
N GLU C 439 -34.94 -53.76 -47.34
CA GLU C 439 -34.89 -52.41 -46.78
C GLU C 439 -35.00 -52.43 -45.27
N VAL C 440 -35.87 -53.29 -44.71
CA VAL C 440 -35.94 -53.45 -43.27
C VAL C 440 -34.68 -54.11 -42.74
N ARG C 441 -34.02 -54.93 -43.56
CA ARG C 441 -32.79 -55.59 -43.12
C ARG C 441 -31.71 -54.57 -42.76
N TYR C 442 -31.57 -53.53 -43.58
CA TYR C 442 -30.56 -52.51 -43.31
C TYR C 442 -30.89 -51.71 -42.06
N ILE C 443 -32.18 -51.41 -41.84
CA ILE C 443 -32.57 -50.56 -40.72
C ILE C 443 -32.24 -51.24 -39.40
N ALA C 444 -32.57 -52.52 -39.28
CA ALA C 444 -32.29 -53.26 -38.05
C ALA C 444 -30.79 -53.45 -37.86
N ASN C 445 -30.06 -53.73 -38.93
CA ASN C 445 -28.62 -53.91 -38.82
C ASN C 445 -27.92 -52.63 -38.40
N ARG C 446 -28.40 -51.48 -38.89
CA ARG C 446 -27.83 -50.20 -38.46
C ARG C 446 -28.01 -50.00 -36.96
N PHE C 447 -29.19 -50.34 -36.43
CA PHE C 447 -29.41 -50.23 -34.99
C PHE C 447 -28.52 -51.18 -34.22
N ARG C 448 -28.32 -52.39 -34.75
CA ARG C 448 -27.45 -53.35 -34.09
C ARG C 448 -26.01 -52.84 -34.00
N CYS C 449 -25.52 -52.22 -35.08
CA CYS C 449 -24.18 -51.66 -35.05
C CYS C 449 -24.07 -50.50 -34.07
N GLN C 450 -25.13 -49.72 -33.90
CA GLN C 450 -25.13 -48.65 -32.91
C GLN C 450 -25.00 -49.20 -31.50
N ASP C 451 -25.67 -50.31 -31.22
CA ASP C 451 -25.58 -50.93 -29.90
C ASP C 451 -24.16 -51.42 -29.61
N GLU C 452 -23.50 -52.00 -30.61
CA GLU C 452 -22.13 -52.47 -30.42
C GLU C 452 -21.19 -51.30 -30.15
N SER C 453 -21.37 -50.19 -30.87
CA SER C 453 -20.54 -49.02 -30.64
C SER C 453 -20.79 -48.42 -29.25
N GLU C 454 -22.05 -48.43 -28.82
CA GLU C 454 -22.37 -47.92 -27.49
C GLU C 454 -21.73 -48.77 -26.39
N ALA C 455 -21.72 -50.10 -26.58
CA ALA C 455 -21.11 -50.97 -25.60
C ALA C 455 -19.62 -50.72 -25.48
N VAL C 456 -18.94 -50.50 -26.60
CA VAL C 456 -17.51 -50.22 -26.58
C VAL C 456 -17.24 -48.89 -25.86
N CYS C 457 -18.06 -47.88 -26.14
CA CYS C 457 -17.90 -46.60 -25.45
C CYS C 457 -18.28 -46.70 -23.97
N SER C 458 -19.17 -47.63 -23.63
CA SER C 458 -19.61 -47.77 -22.25
C SER C 458 -18.46 -48.19 -21.34
N GLU C 459 -17.63 -49.14 -21.78
CA GLU C 459 -16.52 -49.58 -20.96
C GLU C 459 -15.40 -48.54 -20.93
N TRP C 460 -15.30 -47.70 -21.96
CA TRP C 460 -14.35 -46.59 -21.93
C TRP C 460 -14.70 -45.61 -20.82
N LYS C 461 -16.00 -45.31 -20.66
CA LYS C 461 -16.42 -44.41 -19.58
C LYS C 461 -16.20 -45.04 -18.21
N PHE C 462 -16.43 -46.35 -18.09
CA PHE C 462 -16.21 -47.03 -16.82
C PHE C 462 -14.75 -47.01 -16.40
N ALA C 463 -13.83 -47.09 -17.38
CA ALA C 463 -12.42 -46.99 -17.06
C ALA C 463 -12.07 -45.62 -16.48
N ALA C 464 -12.69 -44.57 -17.02
CA ALA C 464 -12.46 -43.23 -16.48
C ALA C 464 -12.97 -43.12 -15.05
N CYS C 465 -14.10 -43.77 -14.74
CA CYS C 465 -14.62 -43.75 -13.39
C CYS C 465 -13.67 -44.45 -12.42
N VAL C 466 -13.06 -45.54 -12.86
CA VAL C 466 -12.10 -46.26 -12.01
C VAL C 466 -10.89 -45.39 -11.71
N VAL C 467 -10.37 -44.70 -12.74
CA VAL C 467 -9.19 -43.86 -12.54
C VAL C 467 -9.49 -42.72 -11.58
N ASP C 468 -10.66 -42.11 -11.75
CA ASP C 468 -11.08 -41.01 -10.89
C ASP C 468 -11.11 -41.46 -9.42
N ARG C 469 -11.76 -42.59 -9.18
CA ARG C 469 -11.86 -43.13 -7.82
C ARG C 469 -10.49 -43.56 -7.31
N LEU C 470 -9.68 -44.17 -8.16
CA LEU C 470 -8.33 -44.59 -7.75
C LEU C 470 -7.47 -43.38 -7.39
N CYS C 471 -7.54 -42.32 -8.19
CA CYS C 471 -6.76 -41.12 -7.88
C CYS C 471 -7.27 -40.40 -6.65
N LEU C 472 -8.57 -40.53 -6.35
CA LEU C 472 -9.11 -39.91 -5.15
C LEU C 472 -8.49 -40.50 -3.89
N MET C 473 -8.33 -41.83 -3.86
CA MET C 473 -7.68 -42.46 -2.71
C MET C 473 -6.20 -42.08 -2.63
N ALA C 474 -5.51 -42.05 -3.78
CA ALA C 474 -4.08 -41.75 -3.76
C ALA C 474 -3.82 -40.30 -3.41
N PHE C 475 -4.61 -39.38 -3.95
CA PHE C 475 -4.39 -37.96 -3.66
C PHE C 475 -4.82 -37.61 -2.24
N SER C 476 -5.78 -38.35 -1.67
CA SER C 476 -6.24 -38.05 -0.32
C SER C 476 -5.14 -38.34 0.70
N VAL C 477 -4.51 -39.51 0.61
CA VAL C 477 -3.47 -39.87 1.57
C VAL C 477 -2.24 -38.98 1.39
N PHE C 478 -1.98 -38.51 0.17
CA PHE C 478 -0.87 -37.59 -0.06
C PHE C 478 -1.08 -36.29 0.70
N THR C 479 -2.30 -35.73 0.62
CA THR C 479 -2.58 -34.47 1.31
C THR C 479 -2.50 -34.63 2.82
N ILE C 480 -2.99 -35.76 3.34
CA ILE C 480 -3.00 -35.96 4.80
C ILE C 480 -1.58 -35.99 5.34
N ILE C 481 -0.68 -36.72 4.66
CA ILE C 481 0.69 -36.84 5.16
C ILE C 481 1.54 -35.62 4.79
N CYS C 482 1.18 -34.89 3.74
CA CYS C 482 1.94 -33.69 3.39
C CYS C 482 1.66 -32.55 4.38
N THR C 483 0.39 -32.35 4.71
CA THR C 483 0.03 -31.29 5.66
C THR C 483 0.54 -31.61 7.06
N ILE C 484 0.29 -32.83 7.52
CA ILE C 484 0.74 -33.23 8.86
C ILE C 484 2.26 -33.31 8.91
N GLY C 485 2.89 -33.89 7.88
CA GLY C 485 4.32 -34.10 7.92
C GLY C 485 5.12 -32.81 8.01
N ILE C 486 4.69 -31.78 7.28
CA ILE C 486 5.39 -30.49 7.34
C ILE C 486 5.21 -29.84 8.71
N LEU C 487 3.98 -29.85 9.23
CA LEU C 487 3.73 -29.21 10.53
C LEU C 487 4.44 -29.94 11.66
N MET C 488 4.48 -31.27 11.62
CA MET C 488 5.17 -32.03 12.65
C MET C 488 6.66 -31.73 12.67
N SER C 489 7.24 -31.42 11.50
CA SER C 489 8.70 -31.23 11.42
C SER C 489 9.15 -30.00 12.20
N ALA C 490 8.29 -29.02 12.38
CA ALA C 490 8.67 -27.81 13.10
C ALA C 490 8.91 -28.13 14.56
N PRO C 491 10.06 -27.75 15.12
CA PRO C 491 10.29 -27.94 16.56
C PRO C 491 9.35 -27.05 17.38
N ASN C 492 9.14 -27.47 18.63
CA ASN C 492 8.26 -26.79 19.58
C ASN C 492 6.89 -26.48 19.00
N PHE C 493 6.46 -27.26 18.02
CA PHE C 493 5.11 -27.13 17.48
C PHE C 493 4.06 -27.50 18.53
N VAL C 494 4.35 -28.51 19.34
CA VAL C 494 3.37 -29.03 20.28
C VAL C 494 3.05 -28.01 21.35
N GLU C 495 4.07 -27.31 21.87
CA GLU C 495 3.83 -26.37 22.96
C GLU C 495 2.98 -25.19 22.50
N ALA C 496 3.19 -24.73 21.26
CA ALA C 496 2.41 -23.61 20.75
C ALA C 496 0.93 -24.00 20.63
N VAL C 497 0.65 -25.21 20.13
CA VAL C 497 -0.73 -25.68 20.06
C VAL C 497 -1.30 -25.86 21.45
N SER C 498 -0.50 -26.41 22.37
CA SER C 498 -0.97 -26.64 23.74
C SER C 498 -1.24 -25.33 24.48
N LYS C 499 -0.60 -24.24 24.06
CA LYS C 499 -0.76 -22.95 24.73
C LYS C 499 -1.72 -22.03 23.99
N ASP C 500 -1.45 -21.75 22.71
CA ASP C 500 -2.26 -20.80 21.96
C ASP C 500 -3.66 -21.35 21.70
N PHE C 501 -3.75 -22.61 21.28
CA PHE C 501 -5.04 -23.22 20.94
C PHE C 501 -5.69 -23.86 22.16
N ALA C 502 -5.02 -24.82 22.77
CA ALA C 502 -5.57 -25.52 23.93
C ALA C 502 -5.11 -24.85 25.24
N GLY D 23 39.85 14.45 39.21
CA GLY D 23 41.04 14.75 39.97
C GLY D 23 41.54 16.16 39.77
N GLU D 24 42.50 16.58 40.60
CA GLU D 24 43.04 17.94 40.48
C GLU D 24 43.87 18.10 39.22
N PHE D 25 44.52 17.02 38.75
CA PHE D 25 45.32 17.12 37.54
C PHE D 25 44.44 17.20 36.29
N GLN D 26 43.34 16.44 36.27
CA GLN D 26 42.43 16.50 35.14
C GLN D 26 41.76 17.87 35.04
N ARG D 27 41.35 18.42 36.18
CA ARG D 27 40.75 19.75 36.19
C ARG D 27 41.76 20.81 35.74
N LYS D 28 43.00 20.70 36.22
CA LYS D 28 44.03 21.65 35.82
C LYS D 28 44.34 21.56 34.33
N LEU D 29 44.51 20.33 33.82
CA LEU D 29 44.91 20.16 32.42
C LEU D 29 43.86 20.73 31.47
N TYR D 30 42.58 20.52 31.78
CA TYR D 30 41.52 21.02 30.91
C TYR D 30 41.54 22.54 30.82
N LYS D 31 42.10 23.21 31.83
CA LYS D 31 42.05 24.66 31.87
C LYS D 31 43.10 25.31 30.97
N GLU D 32 44.32 24.73 30.92
CA GLU D 32 45.31 25.21 29.98
C GLU D 32 44.96 24.82 28.54
N LEU D 33 44.31 23.69 28.35
CA LEU D 33 44.04 23.19 27.00
C LEU D 33 43.06 24.10 26.26
N VAL D 34 42.07 24.65 26.96
CA VAL D 34 41.05 25.48 26.32
C VAL D 34 41.42 26.96 26.47
N LYS D 35 42.65 27.23 26.92
CA LYS D 35 43.10 28.60 27.09
C LYS D 35 43.55 29.17 25.75
N ASN D 36 42.93 30.28 25.34
CA ASN D 36 43.26 30.96 24.09
C ASN D 36 43.17 30.01 22.89
N TYR D 37 42.14 29.17 22.88
CA TYR D 37 41.93 28.18 21.83
C TYR D 37 40.79 28.64 20.92
N ASN D 38 41.03 28.63 19.62
CA ASN D 38 40.04 29.01 18.63
C ASN D 38 39.62 27.79 17.82
N PRO D 39 38.36 27.34 17.93
CA PRO D 39 37.94 26.15 17.17
C PRO D 39 37.83 26.39 15.66
N LEU D 40 37.93 27.63 15.20
CA LEU D 40 37.85 27.94 13.78
C LEU D 40 39.19 27.85 13.07
N GLU D 41 40.26 27.51 13.79
CA GLU D 41 41.61 27.56 13.25
C GLU D 41 42.13 26.15 12.99
N ARG D 42 42.79 25.97 11.85
CA ARG D 42 43.47 24.71 11.59
C ARG D 42 44.61 24.51 12.57
N PRO D 43 44.79 23.29 13.10
CA PRO D 43 45.78 23.09 14.17
C PRO D 43 47.20 22.96 13.66
N VAL D 44 47.45 23.35 12.41
CA VAL D 44 48.79 23.27 11.85
C VAL D 44 49.71 24.28 12.54
N ALA D 45 50.93 23.85 12.84
CA ALA D 45 51.90 24.75 13.47
C ALA D 45 52.39 25.81 12.48
N ASN D 46 52.58 25.42 11.23
CA ASN D 46 53.02 26.32 10.17
C ASN D 46 51.89 26.45 9.15
N ASP D 47 51.50 27.69 8.85
CA ASP D 47 50.38 27.93 7.94
C ASP D 47 50.82 27.94 6.48
N SER D 48 51.59 26.92 6.10
CA SER D 48 52.02 26.74 4.72
C SER D 48 51.92 25.31 4.22
N GLN D 49 51.75 24.34 5.11
CA GLN D 49 51.70 22.93 4.76
C GLN D 49 50.31 22.35 5.04
N PRO D 50 49.82 21.47 4.19
CA PRO D 50 48.50 20.88 4.43
C PRO D 50 48.50 19.99 5.65
N LEU D 51 47.34 19.89 6.29
CA LEU D 51 47.16 19.03 7.45
C LEU D 51 46.79 17.63 6.97
N THR D 52 47.56 16.63 7.40
CA THR D 52 47.34 15.26 6.97
C THR D 52 46.21 14.65 7.79
N VAL D 53 45.14 14.25 7.12
CA VAL D 53 43.98 13.64 7.76
C VAL D 53 43.79 12.24 7.16
N TYR D 54 43.74 11.23 8.03
CA TYR D 54 43.57 9.86 7.61
C TYR D 54 42.10 9.48 7.73
N PHE D 55 41.49 9.07 6.62
CA PHE D 55 40.08 8.72 6.56
C PHE D 55 39.94 7.24 6.24
N SER D 56 39.09 6.55 6.99
CA SER D 56 38.83 5.14 6.78
C SER D 56 37.32 4.90 6.92
N LEU D 57 36.92 3.64 6.83
CA LEU D 57 35.52 3.28 6.89
C LEU D 57 35.40 1.86 7.44
N SER D 58 34.28 1.59 8.13
CA SER D 58 33.99 0.27 8.66
C SER D 58 32.53 -0.04 8.38
N LEU D 59 32.29 -1.05 7.55
CA LEU D 59 30.94 -1.47 7.21
C LEU D 59 30.41 -2.41 8.28
N LEU D 60 29.30 -2.01 8.92
CA LEU D 60 28.69 -2.81 9.98
C LEU D 60 27.53 -3.67 9.47
N GLN D 61 26.74 -3.16 8.52
CA GLN D 61 25.67 -3.92 7.89
C GLN D 61 25.08 -3.08 6.77
N ILE D 62 24.37 -3.75 5.87
CA ILE D 62 23.62 -3.10 4.80
C ILE D 62 22.16 -3.09 5.20
N MET D 63 21.64 -1.90 5.51
CA MET D 63 20.27 -1.81 6.01
C MET D 63 19.26 -2.24 4.96
N ASP D 64 19.34 -1.66 3.76
CA ASP D 64 18.39 -1.97 2.70
C ASP D 64 18.88 -1.37 1.40
N VAL D 65 18.59 -2.05 0.30
CA VAL D 65 18.83 -1.56 -1.05
C VAL D 65 17.48 -1.45 -1.74
N ASP D 66 17.10 -0.23 -2.10
CA ASP D 66 15.80 0.03 -2.71
C ASP D 66 16.00 0.43 -4.16
N GLU D 67 15.46 -0.39 -5.08
CA GLU D 67 15.62 -0.13 -6.50
C GLU D 67 14.74 1.02 -6.99
N LYS D 68 13.56 1.19 -6.40
CA LYS D 68 12.63 2.22 -6.88
C LYS D 68 13.22 3.62 -6.74
N ASN D 69 13.75 3.94 -5.57
CA ASN D 69 14.36 5.24 -5.35
C ASN D 69 15.86 5.26 -5.64
N GLN D 70 16.46 4.10 -5.93
CA GLN D 70 17.88 3.99 -6.25
C GLN D 70 18.75 4.59 -5.14
N VAL D 71 18.41 4.24 -3.90
CA VAL D 71 19.17 4.67 -2.74
C VAL D 71 19.71 3.45 -2.01
N LEU D 72 20.80 3.63 -1.29
CA LEU D 72 21.44 2.57 -0.54
C LEU D 72 21.59 3.00 0.91
N THR D 73 20.92 2.31 1.81
CA THR D 73 20.98 2.59 3.23
C THR D 73 21.95 1.62 3.89
N THR D 74 22.99 2.16 4.51
CA THR D 74 24.02 1.36 5.18
C THR D 74 24.31 1.92 6.55
N ASN D 75 24.64 1.03 7.47
CA ASN D 75 25.06 1.40 8.82
C ASN D 75 26.58 1.19 8.89
N ILE D 76 27.33 2.28 8.90
CA ILE D 76 28.78 2.23 8.85
C ILE D 76 29.35 3.12 9.95
N TRP D 77 30.64 2.94 10.19
CA TRP D 77 31.41 3.78 11.11
C TRP D 77 32.48 4.52 10.33
N LEU D 78 32.81 5.72 10.80
CA LEU D 78 33.84 6.54 10.19
C LEU D 78 35.00 6.72 11.16
N GLN D 79 36.19 6.94 10.61
CA GLN D 79 37.38 7.20 11.41
C GLN D 79 38.16 8.33 10.75
N MET D 80 38.16 9.49 11.38
CA MET D 80 38.97 10.63 10.95
C MET D 80 40.04 10.86 12.00
N SER D 81 41.31 10.80 11.59
CA SER D 81 42.43 10.95 12.50
C SER D 81 43.39 11.99 11.94
N TRP D 82 43.74 12.96 12.77
CA TRP D 82 44.68 14.02 12.40
C TRP D 82 45.56 14.31 13.60
N THR D 83 46.43 15.31 13.46
CA THR D 83 47.36 15.69 14.51
C THR D 83 47.13 17.14 14.90
N ASP D 84 47.01 17.39 16.20
CA ASP D 84 46.83 18.74 16.72
C ASP D 84 48.13 19.22 17.37
N HIS D 85 48.37 20.52 17.28
CA HIS D 85 49.58 21.13 17.81
C HIS D 85 49.36 21.80 19.16
N TYR D 86 48.19 22.37 19.41
CA TYR D 86 47.93 23.07 20.66
C TYR D 86 47.44 22.14 21.77
N LEU D 87 46.98 20.94 21.42
CA LEU D 87 46.49 19.97 22.42
C LEU D 87 47.59 18.99 22.78
N GLN D 88 48.67 19.52 23.35
CA GLN D 88 49.80 18.72 23.78
C GLN D 88 50.18 19.11 25.21
N TRP D 89 50.63 18.12 25.98
CA TRP D 89 51.03 18.36 27.36
C TRP D 89 52.04 17.29 27.77
N ASN D 90 52.74 17.58 28.86
CA ASN D 90 53.74 16.66 29.39
C ASN D 90 53.10 15.68 30.37
N VAL D 91 53.45 14.40 30.24
CA VAL D 91 52.88 13.38 31.11
C VAL D 91 53.39 13.55 32.54
N SER D 92 54.63 14.01 32.71
CA SER D 92 55.18 14.15 34.06
C SER D 92 54.42 15.20 34.86
N GLU D 93 54.05 16.31 34.23
CA GLU D 93 53.33 17.36 34.94
C GLU D 93 51.95 16.89 35.40
N TYR D 94 51.25 16.14 34.55
CA TYR D 94 49.93 15.57 34.86
C TYR D 94 50.04 14.06 34.78
N PRO D 95 50.37 13.39 35.89
CA PRO D 95 50.67 11.95 35.79
C PRO D 95 49.45 11.08 35.55
N GLY D 96 48.34 11.37 36.23
CA GLY D 96 47.19 10.48 36.14
C GLY D 96 46.55 10.44 34.77
N VAL D 97 46.36 11.60 34.16
CA VAL D 97 45.61 11.70 32.92
C VAL D 97 46.52 11.39 31.74
N LYS D 98 46.00 10.63 30.78
CA LYS D 98 46.70 10.29 29.55
C LYS D 98 45.97 10.75 28.31
N THR D 99 44.64 10.70 28.30
CA THR D 99 43.84 11.15 27.18
C THR D 99 42.71 12.04 27.68
N VAL D 100 42.27 12.96 26.81
CA VAL D 100 41.15 13.84 27.10
C VAL D 100 40.18 13.78 25.94
N ARG D 101 38.92 14.11 26.23
CA ARG D 101 37.84 14.07 25.25
C ARG D 101 37.16 15.43 25.18
N PHE D 102 36.94 15.91 23.97
CA PHE D 102 36.28 17.19 23.74
C PHE D 102 35.03 16.98 22.90
N PRO D 103 33.89 17.56 23.30
CA PRO D 103 32.67 17.38 22.50
C PRO D 103 32.68 18.23 21.25
N ASP D 104 31.62 18.14 20.45
CA ASP D 104 31.53 18.89 19.21
C ASP D 104 31.43 20.37 19.52
N GLY D 105 32.05 21.20 18.68
CA GLY D 105 31.99 22.63 18.82
C GLY D 105 33.03 23.26 19.74
N GLN D 106 33.97 22.47 20.26
CA GLN D 106 35.01 22.99 21.13
C GLN D 106 36.42 22.81 20.60
N ILE D 107 36.63 21.89 19.65
CA ILE D 107 37.92 21.72 19.00
C ILE D 107 37.71 21.65 17.49
N TRP D 108 38.78 21.93 16.75
CA TRP D 108 38.72 21.89 15.31
C TRP D 108 38.59 20.46 14.81
N LYS D 109 37.65 20.23 13.89
CA LYS D 109 37.46 18.94 13.27
C LYS D 109 37.35 19.10 11.76
N PRO D 110 37.79 18.10 11.00
CA PRO D 110 37.61 18.16 9.55
C PRO D 110 36.14 18.09 9.18
N ASP D 111 35.81 18.71 8.06
CA ASP D 111 34.43 18.79 7.56
C ASP D 111 34.15 17.75 6.49
N ILE D 112 34.75 16.56 6.61
CA ILE D 112 34.53 15.50 5.64
C ILE D 112 33.09 15.01 5.74
N LEU D 113 32.42 14.94 4.59
CA LEU D 113 31.02 14.52 4.54
C LEU D 113 30.77 13.79 3.24
N LEU D 114 29.72 12.97 3.24
CA LEU D 114 29.34 12.23 2.05
C LEU D 114 28.84 13.17 0.97
N TYR D 115 29.37 13.01 -0.24
CA TYR D 115 28.97 13.87 -1.35
C TYR D 115 27.58 13.53 -1.86
N ASN D 116 27.19 12.26 -1.79
CA ASN D 116 25.90 11.83 -2.33
C ASN D 116 24.76 12.24 -1.40
N SER D 117 24.73 11.65 -0.20
CA SER D 117 23.81 12.03 0.88
C SER D 117 22.38 12.22 0.37
N ALA D 118 21.79 11.13 -0.12
CA ALA D 118 20.42 11.15 -0.65
C ALA D 118 19.43 11.02 0.51
N ASP D 119 19.34 12.10 1.30
CA ASP D 119 18.47 12.12 2.47
C ASP D 119 18.19 13.57 2.83
N GLU D 120 17.20 13.76 3.71
CA GLU D 120 16.76 15.09 4.11
C GLU D 120 17.89 15.89 4.75
N ARG D 121 18.36 15.44 5.91
CA ARG D 121 19.56 16.04 6.51
C ARG D 121 20.81 15.45 5.86
N PHE D 122 21.81 16.31 5.65
CA PHE D 122 22.92 15.99 4.76
C PHE D 122 24.14 15.43 5.47
N ASP D 123 24.25 15.59 6.79
CA ASP D 123 25.46 15.15 7.49
C ASP D 123 25.43 13.67 7.80
N ALA D 124 24.46 13.23 8.62
CA ALA D 124 24.31 11.83 9.03
C ALA D 124 25.61 11.29 9.64
N THR D 125 26.03 11.93 10.73
CA THR D 125 27.29 11.54 11.38
C THR D 125 27.18 11.38 12.89
N PHE D 126 26.19 11.98 13.55
CA PHE D 126 25.99 11.84 14.99
C PHE D 126 27.28 12.16 15.77
N HIS D 127 27.64 13.44 15.71
CA HIS D 127 28.86 13.91 16.37
C HIS D 127 28.95 13.42 17.82
N THR D 128 30.06 12.79 18.14
CA THR D 128 30.33 12.26 19.47
C THR D 128 31.61 12.89 20.02
N ASN D 129 32.05 12.39 21.17
CA ASN D 129 33.30 12.87 21.76
C ASN D 129 34.48 12.49 20.88
N VAL D 130 35.52 13.33 20.93
CA VAL D 130 36.70 13.18 20.08
C VAL D 130 37.89 12.91 20.99
N LEU D 131 38.51 11.74 20.82
CA LEU D 131 39.66 11.36 21.63
C LEU D 131 40.88 12.20 21.28
N VAL D 132 41.68 12.50 22.30
CA VAL D 132 42.89 13.29 22.15
C VAL D 132 44.05 12.54 22.79
N ASN D 133 45.17 12.46 22.07
CA ASN D 133 46.36 11.78 22.53
C ASN D 133 47.00 12.53 23.69
N SER D 134 48.10 11.99 24.20
CA SER D 134 48.98 12.74 25.09
C SER D 134 50.00 13.58 24.32
N SER D 135 50.08 13.42 23.01
CA SER D 135 51.02 14.15 22.18
C SER D 135 50.34 14.94 21.06
N GLY D 136 49.01 14.99 21.05
CA GLY D 136 48.29 15.80 20.08
C GLY D 136 47.65 15.06 18.93
N HIS D 137 47.75 13.74 18.89
CA HIS D 137 47.14 12.95 17.82
CA HIS D 137 47.14 12.95 17.82
C HIS D 137 45.66 12.76 18.14
N CYS D 138 44.80 13.41 17.36
CA CYS D 138 43.36 13.42 17.60
C CYS D 138 42.70 12.44 16.64
N GLN D 139 41.83 11.59 17.18
CA GLN D 139 41.06 10.64 16.38
C GLN D 139 39.57 10.83 16.65
N TYR D 140 38.78 10.66 15.60
CA TYR D 140 37.35 10.93 15.65
C TYR D 140 36.61 9.77 15.01
N LEU D 141 35.70 9.14 15.76
CA LEU D 141 35.03 7.90 15.35
C LEU D 141 33.53 8.07 15.50
N PRO D 142 32.88 8.74 14.55
CA PRO D 142 31.43 8.96 14.65
C PRO D 142 30.65 7.85 13.97
N PRO D 143 29.59 7.35 14.59
CA PRO D 143 28.70 6.40 13.94
C PRO D 143 27.52 7.09 13.26
N GLY D 144 27.00 6.45 12.22
CA GLY D 144 25.87 7.02 11.51
C GLY D 144 25.30 6.03 10.52
N ILE D 145 24.07 6.33 10.09
CA ILE D 145 23.38 5.58 9.06
C ILE D 145 23.30 6.46 7.82
N PHE D 146 23.92 6.00 6.73
CA PHE D 146 24.07 6.79 5.52
C PHE D 146 23.11 6.31 4.45
N LYS D 147 22.53 7.25 3.71
CA LYS D 147 21.62 6.97 2.60
C LYS D 147 22.23 7.60 1.35
N SER D 148 23.10 6.84 0.67
CA SER D 148 23.75 7.33 -0.53
C SER D 148 22.87 7.10 -1.75
N SER D 149 23.19 7.81 -2.83
CA SER D 149 22.45 7.72 -4.09
C SER D 149 23.22 6.79 -5.01
N CYS D 150 22.76 5.55 -5.13
CA CYS D 150 23.38 4.55 -5.97
C CYS D 150 22.67 4.44 -7.31
N TYR D 151 23.32 3.73 -8.24
CA TYR D 151 22.76 3.43 -9.55
C TYR D 151 22.53 1.93 -9.62
N ILE D 152 21.27 1.51 -9.53
CA ILE D 152 20.91 0.11 -9.57
C ILE D 152 20.65 -0.26 -11.02
N ASP D 153 21.68 -0.76 -11.70
CA ASP D 153 21.55 -1.20 -13.09
C ASP D 153 20.77 -2.51 -13.09
N VAL D 154 19.46 -2.42 -13.29
CA VAL D 154 18.60 -3.61 -13.19
C VAL D 154 18.56 -4.23 -14.59
N ARG D 155 19.57 -5.03 -14.88
CA ARG D 155 19.60 -5.90 -16.05
C ARG D 155 20.03 -7.27 -15.56
N TRP D 156 19.32 -8.31 -16.00
CA TRP D 156 19.39 -9.62 -15.39
C TRP D 156 19.06 -9.52 -13.90
N PHE D 157 17.83 -9.09 -13.63
CA PHE D 157 17.44 -8.65 -12.29
C PHE D 157 17.63 -9.72 -11.22
N PRO D 158 17.16 -10.97 -11.38
CA PRO D 158 17.40 -11.95 -10.32
C PRO D 158 18.87 -12.29 -10.12
N PHE D 159 19.72 -12.04 -11.13
CA PHE D 159 21.11 -12.48 -11.15
C PHE D 159 22.03 -11.30 -11.40
N ASP D 160 21.80 -10.19 -10.69
CA ASP D 160 22.52 -8.95 -10.92
C ASP D 160 23.54 -8.69 -9.81
N VAL D 161 24.60 -7.96 -10.17
CA VAL D 161 25.62 -7.51 -9.23
C VAL D 161 25.68 -6.00 -9.31
N GLN D 162 25.57 -5.35 -8.15
CA GLN D 162 25.49 -3.89 -8.07
C GLN D 162 26.77 -3.32 -7.47
N HIS D 163 27.22 -2.21 -8.05
CA HIS D 163 28.38 -1.47 -7.56
C HIS D 163 27.88 -0.10 -7.09
N CYS D 164 27.97 0.14 -5.79
CA CYS D 164 27.51 1.39 -5.18
C CYS D 164 28.71 2.16 -4.66
N LYS D 165 28.78 3.44 -5.01
CA LYS D 165 29.90 4.30 -4.64
C LYS D 165 29.53 5.18 -3.44
N LEU D 166 30.55 5.49 -2.63
CA LEU D 166 30.41 6.38 -1.49
C LEU D 166 31.52 7.41 -1.57
N LYS D 167 31.16 8.66 -1.89
CA LYS D 167 32.12 9.72 -2.12
C LYS D 167 32.26 10.57 -0.86
N PHE D 168 33.43 10.53 -0.25
CA PHE D 168 33.73 11.29 0.96
C PHE D 168 34.85 12.28 0.68
N GLY D 169 34.70 13.50 1.19
CA GLY D 169 35.73 14.51 1.01
C GLY D 169 35.36 15.77 1.75
N SER D 170 36.38 16.60 1.96
CA SER D 170 36.17 17.88 2.63
C SER D 170 35.40 18.84 1.75
N TRP D 171 34.63 19.72 2.38
CA TRP D 171 33.76 20.65 1.66
C TRP D 171 34.35 22.04 1.51
N SER D 172 35.19 22.49 2.45
CA SER D 172 35.72 23.84 2.42
C SER D 172 37.24 23.91 2.36
N TYR D 173 37.95 22.81 2.61
CA TYR D 173 39.41 22.80 2.61
C TYR D 173 39.91 22.13 1.34
N GLY D 174 40.83 22.81 0.65
CA GLY D 174 41.34 22.34 -0.62
C GLY D 174 42.59 21.50 -0.48
N GLY D 175 43.36 21.46 -1.56
CA GLY D 175 44.56 20.62 -1.58
C GLY D 175 45.63 21.10 -0.61
N TRP D 176 45.88 22.41 -0.56
CA TRP D 176 46.96 22.93 0.27
C TRP D 176 46.56 23.09 1.73
N SER D 177 45.28 22.92 2.07
CA SER D 177 44.82 23.10 3.43
C SER D 177 44.65 21.78 4.19
N LEU D 178 43.96 20.81 3.60
CA LEU D 178 43.69 19.53 4.24
C LEU D 178 44.10 18.41 3.27
N ASP D 179 45.25 17.80 3.54
CA ASP D 179 45.73 16.68 2.72
C ASP D 179 45.02 15.41 3.19
N LEU D 180 43.97 15.03 2.46
CA LEU D 180 43.16 13.87 2.84
C LEU D 180 43.86 12.60 2.38
N GLN D 181 44.13 11.70 3.31
CA GLN D 181 44.73 10.41 3.01
C GLN D 181 43.69 9.31 3.14
N MET D 182 44.11 8.09 2.79
CA MET D 182 43.21 6.95 2.72
C MET D 182 43.77 5.79 3.53
N GLN D 183 42.86 5.05 4.17
CA GLN D 183 43.19 3.79 4.83
C GLN D 183 42.20 2.72 4.36
N GLU D 184 42.65 1.47 4.36
CA GLU D 184 41.84 0.38 3.86
C GLU D 184 40.57 0.21 4.67
N ALA D 185 39.47 -0.09 3.99
CA ALA D 185 38.19 -0.29 4.66
C ALA D 185 38.23 -1.53 5.55
N ASP D 186 37.47 -1.49 6.64
CA ASP D 186 37.43 -2.55 7.64
C ASP D 186 36.10 -3.26 7.55
N ILE D 187 36.15 -4.60 7.55
CA ILE D 187 34.93 -5.41 7.47
C ILE D 187 34.93 -6.44 8.60
N SER D 188 35.66 -6.17 9.67
CA SER D 188 35.66 -7.05 10.83
C SER D 188 34.34 -6.94 11.59
N GLY D 189 33.39 -7.82 11.26
CA GLY D 189 32.05 -7.71 11.79
C GLY D 189 31.11 -7.10 10.77
N TYR D 190 30.34 -7.94 10.08
CA TYR D 190 29.55 -7.47 8.95
C TYR D 190 28.07 -7.78 9.13
N ILE D 191 27.74 -8.82 9.89
CA ILE D 191 26.36 -9.23 10.13
C ILE D 191 25.64 -9.37 8.79
N PRO D 192 25.90 -10.45 8.04
CA PRO D 192 25.41 -10.53 6.66
C PRO D 192 23.90 -10.34 6.55
N ASN D 193 23.49 -9.62 5.51
CA ASN D 193 22.08 -9.27 5.36
C ASN D 193 21.22 -10.51 5.13
N GLY D 194 21.70 -11.44 4.30
CA GLY D 194 20.94 -12.59 3.90
C GLY D 194 20.27 -12.47 2.55
N GLU D 195 20.09 -11.24 2.05
CA GLU D 195 19.56 -11.00 0.72
C GLU D 195 20.66 -10.66 -0.28
N TRP D 196 21.63 -9.85 0.13
CA TRP D 196 22.74 -9.43 -0.70
C TRP D 196 24.01 -10.05 -0.15
N ASP D 197 24.82 -10.63 -1.03
CA ASP D 197 26.10 -11.23 -0.66
C ASP D 197 27.22 -10.24 -0.96
N LEU D 198 27.90 -9.78 0.08
CA LEU D 198 28.98 -8.81 -0.09
C LEU D 198 30.18 -9.47 -0.74
N VAL D 199 30.73 -8.81 -1.76
CA VAL D 199 31.93 -9.28 -2.46
C VAL D 199 33.18 -8.60 -1.95
N GLY D 200 33.13 -7.28 -1.81
CA GLY D 200 34.27 -6.53 -1.30
C GLY D 200 33.99 -5.05 -1.36
N ILE D 201 34.78 -4.30 -0.60
CA ILE D 201 34.64 -2.85 -0.56
C ILE D 201 36.00 -2.22 -0.79
N PRO D 202 36.43 -2.07 -2.04
CA PRO D 202 37.69 -1.38 -2.32
C PRO D 202 37.47 0.14 -2.39
N GLY D 203 38.58 0.86 -2.40
CA GLY D 203 38.52 2.31 -2.38
C GLY D 203 39.62 2.94 -3.21
N LYS D 204 39.60 4.26 -3.25
CA LYS D 204 40.47 5.04 -4.11
C LYS D 204 40.57 6.46 -3.58
N ARG D 205 41.76 7.06 -3.72
CA ARG D 205 41.98 8.45 -3.35
C ARG D 205 42.43 9.21 -4.59
N SER D 206 41.73 10.31 -4.90
CA SER D 206 42.05 11.13 -6.06
C SER D 206 41.61 12.55 -5.78
N GLU D 207 42.12 13.49 -6.58
CA GLU D 207 41.77 14.89 -6.46
C GLU D 207 41.42 15.47 -7.83
N ARG D 208 40.35 16.25 -7.87
CA ARG D 208 39.82 16.79 -9.12
C ARG D 208 39.75 18.30 -9.04
N PHE D 209 39.61 18.93 -10.21
CA PHE D 209 39.45 20.37 -10.31
C PHE D 209 38.00 20.71 -10.59
N TYR D 210 37.43 21.58 -9.76
CA TYR D 210 36.03 21.96 -9.86
C TYR D 210 35.88 23.32 -10.54
N GLU D 211 34.62 23.64 -10.88
CA GLU D 211 34.35 24.85 -11.66
C GLU D 211 34.54 26.11 -10.83
N CYS D 212 34.27 26.06 -9.53
CA CYS D 212 34.32 27.27 -8.71
C CYS D 212 35.74 27.85 -8.67
N CYS D 213 36.73 27.00 -8.42
CA CYS D 213 37.98 27.46 -7.84
C CYS D 213 39.14 26.72 -8.48
N LYS D 214 40.34 27.22 -8.22
CA LYS D 214 41.58 26.53 -8.55
C LYS D 214 42.00 25.57 -7.46
N GLU D 215 41.06 25.12 -6.62
CA GLU D 215 41.36 24.26 -5.48
C GLU D 215 41.31 22.80 -5.94
N PRO D 216 42.42 22.08 -5.91
CA PRO D 216 42.35 20.63 -6.16
C PRO D 216 41.80 19.91 -4.92
N TYR D 217 40.61 19.34 -5.05
CA TYR D 217 39.93 18.79 -3.89
C TYR D 217 40.13 17.28 -3.84
N PRO D 218 40.90 16.76 -2.89
CA PRO D 218 41.02 15.30 -2.75
C PRO D 218 39.74 14.70 -2.18
N ASP D 219 39.54 13.42 -2.48
CA ASP D 219 38.39 12.69 -1.94
C ASP D 219 38.73 11.21 -1.86
N VAL D 220 37.95 10.49 -1.06
CA VAL D 220 38.06 9.05 -0.93
C VAL D 220 36.73 8.44 -1.34
N THR D 221 36.76 7.56 -2.34
CA THR D 221 35.56 6.95 -2.89
C THR D 221 35.59 5.45 -2.59
N PHE D 222 34.74 5.03 -1.66
CA PHE D 222 34.60 3.62 -1.32
C PHE D 222 33.44 3.03 -2.12
N THR D 223 33.73 2.05 -2.96
CA THR D 223 32.73 1.38 -3.77
C THR D 223 32.36 0.05 -3.14
N VAL D 224 31.07 -0.25 -3.08
CA VAL D 224 30.54 -1.46 -2.47
C VAL D 224 30.02 -2.37 -3.56
N THR D 225 30.56 -3.58 -3.63
CA THR D 225 30.15 -4.59 -4.60
C THR D 225 29.41 -5.70 -3.85
N MET D 226 28.14 -5.91 -4.21
CA MET D 226 27.30 -6.91 -3.58
C MET D 226 26.58 -7.72 -4.64
N ARG D 227 26.38 -9.01 -4.36
CA ARG D 227 25.71 -9.93 -5.25
C ARG D 227 24.38 -10.35 -4.63
N ARG D 228 23.30 -10.21 -5.40
CA ARG D 228 21.97 -10.54 -4.92
C ARG D 228 21.77 -12.05 -4.90
N ARG D 229 21.27 -12.57 -3.77
CA ARG D 229 20.97 -13.99 -3.65
C ARG D 229 19.66 -14.30 -4.39
N THR D 230 19.56 -15.52 -4.90
CA THR D 230 18.53 -15.88 -5.84
C THR D 230 17.53 -16.92 -5.34
N LEU D 231 17.72 -17.45 -4.13
CA LEU D 231 16.84 -18.52 -3.65
C LEU D 231 15.41 -18.04 -3.48
N TYR D 232 15.23 -16.85 -2.90
CA TYR D 232 13.87 -16.34 -2.70
C TYR D 232 13.21 -15.98 -4.02
N TYR D 233 13.93 -15.24 -4.88
CA TYR D 233 13.36 -14.81 -6.15
C TYR D 233 13.18 -15.98 -7.11
N GLY D 234 14.10 -16.94 -7.10
CA GLY D 234 13.97 -18.09 -7.97
C GLY D 234 12.78 -18.97 -7.60
N LEU D 235 12.62 -19.26 -6.31
CA LEU D 235 11.57 -20.18 -5.89
C LEU D 235 10.18 -19.52 -5.91
N ASN D 236 10.08 -18.27 -5.46
CA ASN D 236 8.78 -17.63 -5.36
C ASN D 236 8.31 -17.03 -6.68
N LEU D 237 9.21 -16.78 -7.63
CA LEU D 237 8.84 -16.14 -8.88
C LEU D 237 9.14 -16.98 -10.10
N LEU D 238 10.35 -17.52 -10.22
CA LEU D 238 10.71 -18.28 -11.42
C LEU D 238 10.05 -19.65 -11.44
N ILE D 239 10.04 -20.35 -10.29
CA ILE D 239 9.46 -21.70 -10.26
C ILE D 239 7.98 -21.71 -10.58
N PRO D 240 7.13 -20.86 -9.98
CA PRO D 240 5.70 -20.89 -10.35
C PRO D 240 5.45 -20.58 -11.81
N CYS D 241 6.26 -19.72 -12.43
CA CYS D 241 6.04 -19.36 -13.82
C CYS D 241 6.14 -20.57 -14.74
N VAL D 242 7.12 -21.43 -14.51
CA VAL D 242 7.24 -22.65 -15.31
C VAL D 242 6.04 -23.55 -15.08
N LEU D 243 5.61 -23.70 -13.83
CA LEU D 243 4.49 -24.58 -13.51
C LEU D 243 3.18 -24.05 -14.10
N ILE D 244 2.93 -22.75 -13.99
CA ILE D 244 1.69 -22.19 -14.55
C ILE D 244 1.70 -22.28 -16.07
N SER D 245 2.85 -22.03 -16.70
CA SER D 245 2.93 -22.14 -18.15
C SER D 245 2.76 -23.59 -18.60
N ALA D 246 3.11 -24.55 -17.75
CA ALA D 246 2.90 -25.96 -18.10
C ALA D 246 1.42 -26.29 -18.23
N LEU D 247 0.58 -25.74 -17.34
CA LEU D 247 -0.85 -26.01 -17.43
C LEU D 247 -1.49 -25.35 -18.64
N ALA D 248 -0.94 -24.22 -19.10
CA ALA D 248 -1.42 -23.62 -20.34
C ALA D 248 -1.11 -24.53 -21.53
N LEU D 249 -0.07 -25.36 -21.41
CA LEU D 249 0.28 -26.34 -22.43
C LEU D 249 -0.63 -27.57 -22.39
N LEU D 250 -1.46 -27.70 -21.36
CA LEU D 250 -2.33 -28.85 -21.19
C LEU D 250 -3.65 -28.73 -21.96
N VAL D 251 -3.86 -27.61 -22.65
CA VAL D 251 -5.10 -27.44 -23.41
C VAL D 251 -5.17 -28.46 -24.56
N PHE D 252 -4.04 -28.69 -25.23
CA PHE D 252 -4.01 -29.59 -26.37
C PHE D 252 -4.27 -31.05 -25.99
N LEU D 253 -4.17 -31.40 -24.71
CA LEU D 253 -4.50 -32.75 -24.27
C LEU D 253 -5.97 -32.93 -23.92
N LEU D 254 -6.69 -31.84 -23.70
CA LEU D 254 -8.12 -31.94 -23.42
C LEU D 254 -8.88 -32.32 -24.68
N PRO D 255 -9.80 -33.26 -24.60
CA PRO D 255 -10.66 -33.56 -25.75
C PRO D 255 -11.57 -32.38 -26.07
N ALA D 256 -11.83 -32.20 -27.37
CA ALA D 256 -12.66 -31.09 -27.81
C ALA D 256 -14.13 -31.30 -27.46
N ASP D 257 -14.54 -32.52 -27.14
CA ASP D 257 -15.93 -32.77 -26.78
C ASP D 257 -16.32 -32.04 -25.50
N SER D 258 -15.45 -32.11 -24.50
CA SER D 258 -15.72 -31.38 -23.26
C SER D 258 -15.57 -29.89 -23.53
N GLY D 259 -16.67 -29.16 -23.42
CA GLY D 259 -16.67 -27.74 -23.70
C GLY D 259 -15.92 -26.98 -22.62
N GLU D 260 -14.58 -27.13 -22.61
CA GLU D 260 -13.75 -26.67 -21.52
C GLU D 260 -12.37 -26.20 -21.96
N LYS D 261 -12.11 -26.13 -23.27
CA LYS D 261 -10.78 -25.79 -23.77
C LYS D 261 -10.45 -24.31 -23.60
N ILE D 262 -11.34 -23.44 -24.05
CA ILE D 262 -11.14 -22.00 -23.86
C ILE D 262 -11.22 -21.64 -22.38
N SER D 263 -12.05 -22.37 -21.62
CA SER D 263 -12.22 -22.06 -20.19
C SER D 263 -10.90 -22.15 -19.45
N LEU D 264 -10.14 -23.22 -19.67
CA LEU D 264 -8.79 -23.36 -19.12
C LEU D 264 -7.76 -22.58 -19.92
N GLY D 265 -8.05 -22.31 -21.20
CA GLY D 265 -7.14 -21.51 -21.99
C GLY D 265 -7.04 -20.08 -21.49
N ILE D 266 -8.19 -19.47 -21.13
CA ILE D 266 -8.25 -18.07 -20.72
C ILE D 266 -8.13 -17.89 -19.22
N THR D 267 -8.45 -18.91 -18.41
CA THR D 267 -8.29 -18.79 -16.97
C THR D 267 -6.81 -18.75 -16.58
N VAL D 268 -5.99 -19.56 -17.24
CA VAL D 268 -4.55 -19.52 -16.98
C VAL D 268 -3.98 -18.16 -17.37
N LEU D 269 -4.41 -17.62 -18.51
CA LEU D 269 -3.95 -16.30 -18.93
C LEU D 269 -4.38 -15.23 -17.93
N LEU D 270 -5.63 -15.30 -17.44
CA LEU D 270 -6.07 -14.37 -16.41
C LEU D 270 -5.28 -14.56 -15.13
N SER D 271 -5.02 -15.82 -14.75
CA SER D 271 -4.28 -16.11 -13.53
C SER D 271 -2.78 -15.82 -13.65
N LEU D 272 -2.28 -15.51 -14.84
CA LEU D 272 -0.86 -15.30 -15.03
C LEU D 272 -0.48 -13.84 -15.23
N THR D 273 -1.46 -12.99 -15.58
CA THR D 273 -1.20 -11.55 -15.67
C THR D 273 -0.92 -10.94 -14.31
N VAL D 274 -1.32 -11.62 -13.22
CA VAL D 274 -1.17 -11.07 -11.89
C VAL D 274 0.28 -11.01 -11.45
N PHE D 275 1.17 -11.73 -12.11
CA PHE D 275 2.55 -11.82 -11.64
C PHE D 275 3.33 -10.53 -11.88
N MET D 276 3.17 -9.91 -13.05
CA MET D 276 3.83 -8.63 -13.26
C MET D 276 3.29 -7.54 -12.33
N LEU D 277 2.08 -7.71 -11.80
CA LEU D 277 1.57 -6.78 -10.80
C LEU D 277 2.47 -6.74 -9.58
N LEU D 278 2.89 -7.93 -9.11
CA LEU D 278 3.90 -7.99 -8.06
C LEU D 278 5.25 -7.52 -8.59
N VAL D 279 5.61 -7.93 -9.81
CA VAL D 279 6.92 -7.60 -10.35
C VAL D 279 7.05 -6.10 -10.59
N ALA D 280 6.04 -5.48 -11.21
CA ALA D 280 6.13 -4.05 -11.51
C ALA D 280 6.19 -3.22 -10.24
N GLU D 281 5.61 -3.72 -9.14
CA GLU D 281 5.73 -3.03 -7.86
C GLU D 281 7.16 -3.00 -7.35
N ILE D 282 8.01 -3.94 -7.80
CA ILE D 282 9.41 -3.99 -7.42
C ILE D 282 10.30 -3.38 -8.49
N MET D 283 9.92 -3.53 -9.76
CA MET D 283 10.74 -3.05 -10.86
C MET D 283 10.76 -1.53 -10.88
N PRO D 284 11.95 -0.91 -10.84
CA PRO D 284 12.02 0.54 -11.07
C PRO D 284 11.63 0.87 -12.50
N ALA D 285 10.99 2.03 -12.66
CA ALA D 285 10.53 2.47 -13.97
C ALA D 285 11.64 3.22 -14.71
N THR D 286 12.71 2.49 -14.99
CA THR D 286 13.89 3.05 -15.66
C THR D 286 13.95 2.54 -17.09
N SER D 287 14.10 3.47 -18.04
CA SER D 287 14.23 3.12 -19.45
C SER D 287 15.69 2.98 -19.87
N ASP D 288 16.44 2.16 -19.14
CA ASP D 288 17.83 1.89 -19.47
C ASP D 288 17.95 0.66 -20.39
N SER D 289 17.41 -0.47 -19.94
CA SER D 289 17.38 -1.68 -20.76
C SER D 289 16.21 -2.54 -20.28
N VAL D 290 15.78 -3.45 -21.15
CA VAL D 290 14.68 -4.35 -20.81
C VAL D 290 15.22 -5.41 -19.85
N PRO D 291 14.66 -5.53 -18.66
CA PRO D 291 15.16 -6.51 -17.70
C PRO D 291 14.92 -7.94 -18.17
N LEU D 292 15.77 -8.84 -17.68
CA LEU D 292 15.64 -10.25 -18.03
C LEU D 292 14.30 -10.81 -17.57
N ILE D 293 13.87 -10.42 -16.36
CA ILE D 293 12.58 -10.91 -15.87
C ILE D 293 11.44 -10.36 -16.71
N ALA D 294 11.61 -9.17 -17.30
CA ALA D 294 10.57 -8.61 -18.16
C ALA D 294 10.44 -9.41 -19.46
N GLN D 295 11.57 -9.79 -20.07
CA GLN D 295 11.51 -10.59 -21.28
C GLN D 295 10.92 -11.97 -21.01
N TYR D 296 11.31 -12.59 -19.89
CA TYR D 296 10.83 -13.93 -19.58
C TYR D 296 9.32 -13.93 -19.36
N PHE D 297 8.80 -12.92 -18.65
CA PHE D 297 7.35 -12.79 -18.51
C PHE D 297 6.69 -12.49 -19.85
N ALA D 298 7.31 -11.65 -20.67
CA ALA D 298 6.74 -11.35 -21.98
C ALA D 298 6.69 -12.58 -22.86
N SER D 299 7.71 -13.45 -22.76
CA SER D 299 7.70 -14.69 -23.53
C SER D 299 6.54 -15.58 -23.11
N THR D 300 6.22 -15.63 -21.82
CA THR D 300 5.13 -16.45 -21.32
C THR D 300 3.78 -15.88 -21.76
N MET D 301 3.68 -14.55 -21.86
CA MET D 301 2.47 -13.94 -22.41
C MET D 301 2.17 -14.46 -23.80
N ILE D 302 3.18 -14.47 -24.68
CA ILE D 302 2.96 -14.85 -26.07
C ILE D 302 2.67 -16.35 -26.18
N ILE D 303 3.41 -17.18 -25.45
CA ILE D 303 3.21 -18.62 -25.53
C ILE D 303 1.81 -19.00 -25.05
N VAL D 304 1.39 -18.44 -23.91
CA VAL D 304 0.04 -18.68 -23.42
C VAL D 304 -0.99 -18.01 -24.32
N GLY D 305 -0.69 -16.80 -24.80
CA GLY D 305 -1.61 -16.10 -25.66
C GLY D 305 -1.83 -16.80 -26.99
N LEU D 306 -0.76 -17.31 -27.59
CA LEU D 306 -0.89 -18.03 -28.85
C LEU D 306 -1.59 -19.37 -28.68
N SER D 307 -1.61 -19.91 -27.46
CA SER D 307 -2.33 -21.16 -27.22
C SER D 307 -3.83 -20.98 -27.42
N VAL D 308 -4.37 -19.84 -26.98
CA VAL D 308 -5.79 -19.56 -27.16
C VAL D 308 -6.12 -19.40 -28.64
N VAL D 309 -5.25 -18.73 -29.39
CA VAL D 309 -5.48 -18.54 -30.82
C VAL D 309 -5.48 -19.88 -31.54
N VAL D 310 -4.54 -20.76 -31.18
CA VAL D 310 -4.51 -22.10 -31.79
C VAL D 310 -5.75 -22.89 -31.40
N THR D 311 -6.18 -22.78 -30.14
CA THR D 311 -7.36 -23.52 -29.69
C THR D 311 -8.60 -23.10 -30.46
N VAL D 312 -8.74 -21.81 -30.76
CA VAL D 312 -9.88 -21.35 -31.54
C VAL D 312 -9.86 -21.97 -32.94
N ILE D 313 -8.68 -22.04 -33.56
CA ILE D 313 -8.55 -22.69 -34.86
C ILE D 313 -8.90 -24.17 -34.75
N VAL D 314 -8.44 -24.82 -33.67
CA VAL D 314 -8.77 -26.24 -33.47
C VAL D 314 -10.26 -26.42 -33.26
N LEU D 315 -10.89 -25.54 -32.48
CA LEU D 315 -12.31 -25.70 -32.15
C LEU D 315 -13.18 -25.58 -33.40
N GLN D 316 -12.88 -24.64 -34.29
CA GLN D 316 -13.68 -24.49 -35.50
C GLN D 316 -13.45 -25.64 -36.48
N TYR D 317 -12.34 -26.38 -36.33
CA TYR D 317 -12.17 -27.62 -37.09
C TYR D 317 -13.04 -28.74 -36.55
N HIS D 318 -13.49 -28.64 -35.29
CA HIS D 318 -14.33 -29.67 -34.71
C HIS D 318 -15.79 -29.49 -35.10
N HIS D 319 -16.38 -28.34 -34.76
CA HIS D 319 -17.76 -28.03 -35.11
C HIS D 319 -17.81 -27.34 -36.47
N HIS D 320 -17.46 -28.12 -37.50
CA HIS D 320 -17.37 -27.55 -38.85
C HIS D 320 -18.71 -27.49 -39.57
N ASP D 321 -19.78 -28.07 -39.00
CA ASP D 321 -21.09 -28.08 -39.64
C ASP D 321 -20.98 -28.68 -41.04
N PRO D 322 -20.85 -30.01 -41.16
CA PRO D 322 -20.60 -30.62 -42.48
C PRO D 322 -21.71 -30.37 -43.49
N ASP D 323 -21.49 -30.83 -44.73
CA ASP D 323 -22.35 -30.53 -45.87
C ASP D 323 -22.41 -29.03 -46.15
N GLY D 324 -21.32 -28.33 -45.86
CA GLY D 324 -21.21 -26.91 -46.12
C GLY D 324 -19.85 -26.52 -46.65
N GLY D 325 -19.16 -27.48 -47.27
CA GLY D 325 -17.84 -27.24 -47.81
C GLY D 325 -16.85 -28.32 -47.45
N LYS D 326 -16.19 -28.89 -48.46
CA LYS D 326 -15.21 -29.94 -48.24
C LYS D 326 -13.81 -29.33 -48.12
N MET D 327 -12.87 -30.15 -47.64
CA MET D 327 -11.50 -29.68 -47.51
C MET D 327 -10.88 -29.46 -48.89
N PRO D 328 -9.96 -28.51 -49.01
CA PRO D 328 -9.47 -28.09 -50.34
C PRO D 328 -8.51 -29.07 -50.99
N LYS D 329 -8.47 -30.30 -50.48
CA LYS D 329 -7.63 -31.41 -50.95
C LYS D 329 -6.16 -31.21 -50.57
N TRP D 330 -5.80 -30.08 -49.97
CA TRP D 330 -4.50 -29.92 -49.35
C TRP D 330 -4.52 -30.37 -47.90
N THR D 331 -5.67 -30.21 -47.23
CA THR D 331 -5.81 -30.70 -45.87
C THR D 331 -5.93 -32.23 -45.84
N ARG D 332 -6.54 -32.82 -46.87
CA ARG D 332 -6.62 -34.28 -46.93
C ARG D 332 -5.23 -34.92 -47.01
N VAL D 333 -4.25 -34.20 -47.57
CA VAL D 333 -2.92 -34.76 -47.76
C VAL D 333 -1.91 -34.28 -46.72
N ILE D 334 -2.13 -33.12 -46.11
CA ILE D 334 -1.17 -32.60 -45.14
C ILE D 334 -1.47 -33.12 -43.74
N LEU D 335 -2.69 -32.91 -43.26
CA LEU D 335 -3.06 -33.27 -41.89
C LEU D 335 -3.57 -34.69 -41.76
N LEU D 336 -3.75 -35.41 -42.87
CA LEU D 336 -4.24 -36.77 -42.82
C LEU D 336 -3.27 -37.81 -43.39
N ASN D 337 -2.27 -37.38 -44.14
CA ASN D 337 -1.30 -38.30 -44.74
C ASN D 337 0.14 -38.00 -44.35
N TRP D 338 0.51 -36.72 -44.19
CA TRP D 338 1.87 -36.36 -43.83
C TRP D 338 2.02 -36.21 -42.32
N CYS D 339 1.27 -35.29 -41.72
CA CYS D 339 1.36 -35.08 -40.27
C CYS D 339 0.82 -36.28 -39.50
N ALA D 340 -0.20 -36.95 -40.04
CA ALA D 340 -0.76 -38.12 -39.36
C ALA D 340 0.25 -39.26 -39.28
N TRP D 341 1.08 -39.42 -40.32
CA TRP D 341 2.08 -40.48 -40.29
C TRP D 341 3.21 -40.18 -39.31
N PHE D 342 3.53 -38.90 -39.12
CA PHE D 342 4.57 -38.53 -38.15
C PHE D 342 4.17 -38.94 -36.73
N LEU D 343 2.91 -38.69 -36.35
CA LEU D 343 2.48 -38.79 -34.97
C LEU D 343 1.78 -40.11 -34.64
N ARG D 344 1.76 -41.06 -35.58
CA ARG D 344 1.20 -42.40 -35.38
C ARG D 344 -0.27 -42.32 -34.96
N MET D 345 -1.10 -41.76 -35.83
CA MET D 345 -2.53 -41.65 -35.57
C MET D 345 -3.30 -42.88 -36.05
N LYS D 346 -3.03 -43.34 -37.27
CA LYS D 346 -3.71 -44.50 -37.87
C LYS D 346 -5.22 -44.31 -37.86
N ARG D 347 -5.66 -43.09 -38.16
CA ARG D 347 -7.08 -42.75 -38.21
C ARG D 347 -7.80 -43.08 -36.91
N ASP D 432 -51.16 -52.77 -52.75
CA ASP D 432 -50.93 -51.88 -51.62
C ASP D 432 -49.49 -51.99 -51.11
N LEU D 433 -48.83 -53.09 -51.47
CA LEU D 433 -47.45 -53.29 -51.05
C LEU D 433 -46.50 -52.31 -51.74
N ALA D 434 -46.86 -51.84 -52.93
CA ALA D 434 -46.00 -50.88 -53.63
C ALA D 434 -45.87 -49.57 -52.86
N LYS D 435 -46.99 -49.07 -52.32
CA LYS D 435 -46.93 -47.84 -51.52
C LYS D 435 -46.28 -48.09 -50.16
N ILE D 436 -46.41 -49.31 -49.61
CA ILE D 436 -45.69 -49.64 -48.40
C ILE D 436 -44.18 -49.65 -48.66
N LEU D 437 -43.77 -50.24 -49.79
CA LEU D 437 -42.35 -50.29 -50.12
C LEU D 437 -41.77 -48.90 -50.32
N GLU D 438 -42.52 -48.01 -50.99
CA GLU D 438 -42.03 -46.65 -51.24
C GLU D 438 -41.83 -45.89 -49.94
N GLU D 439 -42.73 -46.07 -48.97
CA GLU D 439 -42.61 -45.37 -47.70
C GLU D 439 -41.40 -45.87 -46.91
N VAL D 440 -41.17 -47.18 -46.90
CA VAL D 440 -39.98 -47.73 -46.26
C VAL D 440 -38.73 -47.33 -47.03
N ARG D 441 -38.86 -47.12 -48.35
CA ARG D 441 -37.71 -46.73 -49.16
C ARG D 441 -37.13 -45.40 -48.68
N TYR D 442 -37.99 -44.43 -48.37
CA TYR D 442 -37.52 -43.13 -47.91
C TYR D 442 -36.87 -43.23 -46.53
N ILE D 443 -37.43 -44.06 -45.64
CA ILE D 443 -36.93 -44.14 -44.28
C ILE D 443 -35.50 -44.66 -44.27
N ALA D 444 -35.23 -45.73 -45.02
CA ALA D 444 -33.88 -46.29 -45.07
C ALA D 444 -32.91 -45.34 -45.76
N ASN D 445 -33.36 -44.68 -46.83
CA ASN D 445 -32.49 -43.74 -47.54
C ASN D 445 -32.12 -42.55 -46.67
N ARG D 446 -33.06 -42.08 -45.84
CA ARG D 446 -32.76 -40.99 -44.92
C ARG D 446 -31.67 -41.40 -43.94
N PHE D 447 -31.74 -42.63 -43.41
CA PHE D 447 -30.71 -43.11 -42.51
C PHE D 447 -29.37 -43.24 -43.22
N ARG D 448 -29.39 -43.69 -44.48
CA ARG D 448 -28.15 -43.81 -45.25
C ARG D 448 -27.48 -42.45 -45.44
N CYS D 449 -28.28 -41.41 -45.72
CA CYS D 449 -27.72 -40.07 -45.87
C CYS D 449 -27.16 -39.55 -44.56
N GLN D 450 -27.77 -39.91 -43.42
CA GLN D 450 -27.22 -39.51 -42.13
C GLN D 450 -25.85 -40.14 -41.89
N ASP D 451 -25.68 -41.40 -42.29
CA ASP D 451 -24.39 -42.06 -42.13
C ASP D 451 -23.31 -41.37 -42.96
N GLU D 452 -23.64 -40.97 -44.19
CA GLU D 452 -22.67 -40.28 -45.03
C GLU D 452 -22.28 -38.94 -44.43
N SER D 453 -23.24 -38.20 -43.89
CA SER D 453 -22.93 -36.93 -43.24
C SER D 453 -22.08 -37.12 -41.99
N GLU D 454 -22.36 -38.19 -41.24
CA GLU D 454 -21.55 -38.48 -40.04
C GLU D 454 -20.12 -38.82 -40.41
N ALA D 455 -19.92 -39.56 -41.50
CA ALA D 455 -18.56 -39.91 -41.93
C ALA D 455 -17.78 -38.67 -42.33
N VAL D 456 -18.42 -37.72 -43.02
CA VAL D 456 -17.75 -36.49 -43.41
C VAL D 456 -17.36 -35.68 -42.18
N CYS D 457 -18.27 -35.59 -41.20
CA CYS D 457 -17.95 -34.88 -39.96
C CYS D 457 -16.91 -35.62 -39.14
N SER D 458 -16.84 -36.95 -39.27
CA SER D 458 -15.88 -37.73 -38.50
C SER D 458 -14.45 -37.37 -38.85
N GLU D 459 -14.15 -37.21 -40.14
CA GLU D 459 -12.79 -36.87 -40.54
C GLU D 459 -12.46 -35.41 -40.23
N TRP D 460 -13.48 -34.55 -40.16
CA TRP D 460 -13.25 -33.18 -39.71
C TRP D 460 -12.77 -33.14 -38.28
N LYS D 461 -13.37 -33.97 -37.41
CA LYS D 461 -12.94 -34.04 -36.02
C LYS D 461 -11.54 -34.61 -35.90
N PHE D 462 -11.22 -35.61 -36.71
CA PHE D 462 -9.89 -36.21 -36.68
C PHE D 462 -8.82 -35.21 -37.09
N ALA D 463 -9.13 -34.33 -38.03
CA ALA D 463 -8.17 -33.29 -38.42
C ALA D 463 -7.89 -32.35 -37.25
N ALA D 464 -8.90 -32.03 -36.45
CA ALA D 464 -8.69 -31.18 -35.28
C ALA D 464 -7.80 -31.88 -34.26
N CYS D 465 -7.96 -33.20 -34.10
CA CYS D 465 -7.11 -33.94 -33.18
C CYS D 465 -5.65 -33.91 -33.64
N VAL D 466 -5.41 -34.01 -34.94
CA VAL D 466 -4.05 -33.97 -35.46
C VAL D 466 -3.42 -32.60 -35.19
N VAL D 467 -4.17 -31.52 -35.40
CA VAL D 467 -3.63 -30.18 -35.19
C VAL D 467 -3.29 -29.98 -33.72
N ASP D 468 -4.17 -30.42 -32.84
CA ASP D 468 -3.96 -30.30 -31.40
C ASP D 468 -2.66 -30.99 -30.99
N ARG D 469 -2.49 -32.23 -31.43
CA ARG D 469 -1.29 -32.99 -31.12
C ARG D 469 -0.06 -32.38 -31.77
N LEU D 470 -0.20 -31.92 -33.01
CA LEU D 470 0.93 -31.28 -33.70
C LEU D 470 1.36 -30.00 -32.98
N CYS D 471 0.39 -29.18 -32.55
CA CYS D 471 0.72 -27.95 -31.84
C CYS D 471 1.28 -28.23 -30.46
N LEU D 472 0.91 -29.36 -29.85
CA LEU D 472 1.46 -29.71 -28.55
C LEU D 472 2.96 -29.94 -28.64
N MET D 473 3.43 -30.63 -29.67
CA MET D 473 4.85 -30.85 -29.85
C MET D 473 5.57 -29.54 -30.17
N ALA D 474 4.98 -28.70 -31.01
CA ALA D 474 5.62 -27.45 -31.41
C ALA D 474 5.68 -26.46 -30.25
N PHE D 475 4.59 -26.35 -29.49
CA PHE D 475 4.58 -25.40 -28.38
C PHE D 475 5.43 -25.88 -27.20
N SER D 476 5.61 -27.20 -27.07
CA SER D 476 6.42 -27.72 -25.97
C SER D 476 7.89 -27.37 -26.14
N VAL D 477 8.43 -27.58 -27.34
CA VAL D 477 9.84 -27.27 -27.57
C VAL D 477 10.09 -25.77 -27.54
N PHE D 478 9.08 -24.96 -27.91
CA PHE D 478 9.22 -23.52 -27.81
C PHE D 478 9.40 -23.08 -26.36
N THR D 479 8.59 -23.63 -25.46
CA THR D 479 8.67 -23.26 -24.05
C THR D 479 10.00 -23.71 -23.43
N ILE D 480 10.48 -24.89 -23.81
CA ILE D 480 11.72 -25.41 -23.24
C ILE D 480 12.89 -24.52 -23.60
N ILE D 481 12.99 -24.10 -24.87
CA ILE D 481 14.11 -23.29 -25.30
C ILE D 481 13.93 -21.82 -24.93
N CYS D 482 12.69 -21.36 -24.76
CA CYS D 482 12.49 -19.96 -24.36
C CYS D 482 12.86 -19.75 -22.90
N THR D 483 12.44 -20.66 -22.02
CA THR D 483 12.75 -20.53 -20.61
C THR D 483 14.25 -20.73 -20.36
N ILE D 484 14.82 -21.79 -20.94
CA ILE D 484 16.25 -22.05 -20.76
C ILE D 484 17.07 -20.97 -21.45
N GLY D 485 16.70 -20.59 -22.67
CA GLY D 485 17.51 -19.65 -23.42
C GLY D 485 17.67 -18.30 -22.75
N ILE D 486 16.58 -17.79 -22.15
CA ILE D 486 16.64 -16.51 -21.47
C ILE D 486 17.51 -16.60 -20.22
N LEU D 487 17.33 -17.68 -19.43
CA LEU D 487 18.09 -17.82 -18.19
C LEU D 487 19.57 -18.04 -18.47
N MET D 488 19.91 -18.81 -19.52
CA MET D 488 21.30 -19.03 -19.86
C MET D 488 22.00 -17.74 -20.27
N SER D 489 21.25 -16.81 -20.87
CA SER D 489 21.87 -15.59 -21.39
C SER D 489 22.43 -14.71 -20.29
N ALA D 490 21.88 -14.81 -19.09
CA ALA D 490 22.36 -13.97 -17.98
C ALA D 490 23.77 -14.38 -17.60
N PRO D 491 24.71 -13.45 -17.53
CA PRO D 491 26.05 -13.78 -17.05
C PRO D 491 26.02 -14.15 -15.56
N ASN D 492 27.05 -14.90 -15.17
CA ASN D 492 27.22 -15.40 -13.79
C ASN D 492 25.96 -16.07 -13.24
N PHE D 493 25.14 -16.62 -14.15
CA PHE D 493 23.97 -17.39 -13.73
C PHE D 493 24.40 -18.69 -13.04
N VAL D 494 25.48 -19.30 -13.52
CA VAL D 494 25.88 -20.61 -13.01
C VAL D 494 26.34 -20.51 -11.56
N GLU D 495 27.11 -19.46 -11.23
CA GLU D 495 27.63 -19.36 -9.86
C GLU D 495 26.51 -19.15 -8.85
N ALA D 496 25.48 -18.37 -9.22
CA ALA D 496 24.38 -18.15 -8.30
C ALA D 496 23.64 -19.45 -8.01
N VAL D 497 23.39 -20.25 -9.05
CA VAL D 497 22.76 -21.55 -8.85
C VAL D 497 23.66 -22.47 -8.03
N SER D 498 24.97 -22.46 -8.33
CA SER D 498 25.90 -23.32 -7.61
C SER D 498 26.04 -22.92 -6.14
N LYS D 499 25.74 -21.66 -5.81
CA LYS D 499 25.88 -21.18 -4.44
C LYS D 499 24.54 -21.13 -3.70
N ASP D 500 23.56 -20.42 -4.25
CA ASP D 500 22.28 -20.25 -3.56
C ASP D 500 21.50 -21.55 -3.51
N PHE D 501 21.44 -22.27 -4.62
CA PHE D 501 20.67 -23.51 -4.68
C PHE D 501 21.49 -24.72 -4.28
N ALA D 502 22.59 -24.96 -4.98
CA ALA D 502 23.46 -26.11 -4.69
C ALA D 502 24.58 -25.72 -3.73
N GLY E 23 48.73 28.02 13.33
CA GLY E 23 49.88 28.90 13.42
C GLY E 23 49.60 30.19 14.16
N GLU E 24 50.66 30.92 14.48
CA GLU E 24 50.48 32.19 15.20
C GLU E 24 49.82 33.25 14.32
N PHE E 25 50.05 33.19 13.01
CA PHE E 25 49.43 34.19 12.13
C PHE E 25 47.95 33.90 11.94
N GLN E 26 47.56 32.64 11.83
CA GLN E 26 46.15 32.30 11.70
C GLN E 26 45.38 32.66 12.97
N ARG E 27 45.97 32.37 14.14
CA ARG E 27 45.32 32.74 15.40
C ARG E 27 45.20 34.25 15.53
N LYS E 28 46.24 34.98 15.14
CA LYS E 28 46.19 36.44 15.21
C LYS E 28 45.16 37.02 14.26
N LEU E 29 45.13 36.54 13.01
CA LEU E 29 44.23 37.09 12.02
C LEU E 29 42.77 36.92 12.41
N TYR E 30 42.42 35.75 12.96
CA TYR E 30 41.04 35.49 13.36
C TYR E 30 40.58 36.46 14.46
N LYS E 31 41.54 37.02 15.21
CA LYS E 31 41.16 37.85 16.35
C LYS E 31 40.79 39.27 15.92
N GLU E 32 41.51 39.84 14.94
CA GLU E 32 41.11 41.13 14.40
C GLU E 32 39.85 41.03 13.55
N LEU E 33 39.66 39.88 12.88
CA LEU E 33 38.54 39.75 11.95
C LEU E 33 37.20 39.77 12.67
N VAL E 34 37.14 39.18 13.87
CA VAL E 34 35.88 39.10 14.61
C VAL E 34 35.80 40.24 15.63
N LYS E 35 36.73 41.20 15.52
CA LYS E 35 36.74 42.32 16.45
C LYS E 35 35.72 43.37 16.01
N ASN E 36 34.79 43.69 16.89
CA ASN E 36 33.75 44.68 16.64
C ASN E 36 32.96 44.36 15.36
N TYR E 37 32.65 43.08 15.17
CA TYR E 37 31.93 42.61 14.00
C TYR E 37 30.49 42.28 14.38
N ASN E 38 29.55 42.80 13.61
CA ASN E 38 28.13 42.55 13.84
C ASN E 38 27.57 41.71 12.69
N PRO E 39 27.14 40.48 12.95
CA PRO E 39 26.60 39.64 11.86
C PRO E 39 25.26 40.11 11.32
N LEU E 40 24.60 41.07 11.98
CA LEU E 40 23.31 41.58 11.55
C LEU E 40 23.43 42.71 10.54
N GLU E 41 24.65 43.11 10.18
CA GLU E 41 24.88 44.28 9.36
C GLU E 41 25.31 43.89 7.95
N ARG E 42 24.74 44.58 6.96
CA ARG E 42 25.19 44.39 5.59
C ARG E 42 26.63 44.85 5.45
N PRO E 43 27.47 44.11 4.72
CA PRO E 43 28.90 44.43 4.68
C PRO E 43 29.24 45.55 3.71
N VAL E 44 28.24 46.31 3.27
CA VAL E 44 28.48 47.41 2.35
C VAL E 44 29.25 48.52 3.06
N ALA E 45 30.24 49.09 2.36
CA ALA E 45 31.00 50.19 2.94
C ALA E 45 30.16 51.47 3.02
N ASN E 46 29.32 51.72 2.02
CA ASN E 46 28.44 52.87 1.98
C ASN E 46 27.00 52.39 2.03
N ASP E 47 26.23 52.93 2.99
CA ASP E 47 24.86 52.49 3.20
C ASP E 47 23.88 53.22 2.27
N SER E 48 24.23 53.27 0.98
CA SER E 48 23.35 53.85 -0.02
C SER E 48 23.27 53.04 -1.30
N GLN E 49 24.16 52.07 -1.52
CA GLN E 49 24.21 51.28 -2.72
C GLN E 49 23.89 49.82 -2.41
N PRO E 50 23.16 49.14 -3.28
CA PRO E 50 22.84 47.73 -3.04
C PRO E 50 24.08 46.86 -3.09
N LEU E 51 24.05 45.77 -2.34
CA LEU E 51 25.13 44.79 -2.33
C LEU E 51 24.91 43.79 -3.46
N THR E 52 25.91 43.65 -4.33
CA THR E 52 25.80 42.76 -5.48
C THR E 52 26.07 41.32 -5.04
N VAL E 53 25.08 40.46 -5.21
CA VAL E 53 25.17 39.05 -4.86
C VAL E 53 24.94 38.22 -6.11
N TYR E 54 25.89 37.34 -6.42
CA TYR E 54 25.82 36.48 -7.58
C TYR E 54 25.27 35.12 -7.17
N PHE E 55 24.15 34.73 -7.78
CA PHE E 55 23.48 33.47 -7.45
C PHE E 55 23.52 32.55 -8.67
N SER E 56 23.88 31.29 -8.43
CA SER E 56 23.95 30.29 -9.48
C SER E 56 23.37 28.99 -8.95
N LEU E 57 23.42 27.95 -9.77
CA LEU E 57 22.86 26.65 -9.40
C LEU E 57 23.61 25.56 -10.14
N SER E 58 23.68 24.39 -9.51
CA SER E 58 24.31 23.21 -10.10
C SER E 58 23.41 22.01 -9.86
N LEU E 59 22.88 21.43 -10.93
CA LEU E 59 22.01 20.27 -10.82
C LEU E 59 22.87 19.01 -10.76
N LEU E 60 22.73 18.26 -9.67
CA LEU E 60 23.50 17.03 -9.48
C LEU E 60 22.72 15.77 -9.87
N GLN E 61 21.41 15.75 -9.63
CA GLN E 61 20.54 14.65 -10.05
C GLN E 61 19.11 15.03 -9.73
N ILE E 62 18.18 14.33 -10.38
CA ILE E 62 16.75 14.46 -10.11
C ILE E 62 16.34 13.26 -9.27
N MET E 63 16.03 13.52 -8.00
CA MET E 63 15.71 12.41 -7.08
C MET E 63 14.45 11.68 -7.50
N ASP E 64 13.35 12.42 -7.70
CA ASP E 64 12.08 11.81 -8.06
C ASP E 64 11.10 12.90 -8.47
N VAL E 65 10.22 12.54 -9.40
CA VAL E 65 9.11 13.40 -9.82
C VAL E 65 7.83 12.64 -9.50
N ASP E 66 7.02 13.18 -8.60
CA ASP E 66 5.80 12.53 -8.15
C ASP E 66 4.61 13.32 -8.67
N GLU E 67 3.79 12.66 -9.50
CA GLU E 67 2.64 13.33 -10.10
C GLU E 67 1.49 13.50 -9.11
N LYS E 68 1.33 12.58 -8.16
CA LYS E 68 0.20 12.63 -7.24
C LYS E 68 0.25 13.88 -6.38
N ASN E 69 1.40 14.16 -5.77
CA ASN E 69 1.56 15.35 -4.95
C ASN E 69 2.07 16.56 -5.73
N GLN E 70 2.42 16.38 -7.00
CA GLN E 70 2.92 17.46 -7.85
C GLN E 70 4.11 18.17 -7.22
N VAL E 71 5.06 17.38 -6.72
CA VAL E 71 6.29 17.89 -6.14
C VAL E 71 7.46 17.35 -6.93
N LEU E 72 8.57 18.09 -6.89
CA LEU E 72 9.79 17.72 -7.60
C LEU E 72 10.94 17.71 -6.61
N THR E 73 11.52 16.53 -6.39
CA THR E 73 12.65 16.37 -5.47
C THR E 73 13.94 16.33 -6.30
N THR E 74 14.84 17.28 -6.03
CA THR E 74 16.10 17.37 -6.75
C THR E 74 17.24 17.56 -5.76
N ASN E 75 18.39 17.01 -6.10
CA ASN E 75 19.63 17.20 -5.34
C ASN E 75 20.49 18.18 -6.11
N ILE E 76 20.61 19.40 -5.61
CA ILE E 76 21.31 20.47 -6.29
C ILE E 76 22.29 21.13 -5.32
N TRP E 77 23.19 21.93 -5.89
CA TRP E 77 24.10 22.76 -5.13
C TRP E 77 23.81 24.23 -5.44
N LEU E 78 24.05 25.08 -4.44
CA LEU E 78 23.86 26.52 -4.58
C LEU E 78 25.20 27.22 -4.46
N GLN E 79 25.29 28.40 -5.08
CA GLN E 79 26.50 29.22 -5.00
C GLN E 79 26.05 30.67 -4.82
N MET E 80 26.26 31.21 -3.63
CA MET E 80 26.04 32.63 -3.34
C MET E 80 27.39 33.28 -3.11
N SER E 81 27.70 34.30 -3.90
CA SER E 81 28.98 34.99 -3.82
C SER E 81 28.73 36.48 -3.73
N TRP E 82 29.34 37.12 -2.73
CA TRP E 82 29.23 38.56 -2.53
C TRP E 82 30.60 39.08 -2.10
N THR E 83 30.66 40.37 -1.78
CA THR E 83 31.91 41.01 -1.39
C THR E 83 31.73 41.62 -0.01
N ASP E 84 32.67 41.34 0.90
CA ASP E 84 32.67 41.88 2.24
C ASP E 84 33.73 42.96 2.37
N HIS E 85 33.43 43.97 3.19
CA HIS E 85 34.33 45.10 3.40
C HIS E 85 35.16 44.99 4.66
N TYR E 86 34.62 44.39 5.72
CA TYR E 86 35.34 44.28 6.99
C TYR E 86 36.24 43.06 7.06
N LEU E 87 36.03 42.06 6.19
CA LEU E 87 36.86 40.86 6.18
C LEU E 87 37.97 40.97 5.14
N GLN E 88 38.84 41.95 5.36
CA GLN E 88 39.98 42.20 4.49
C GLN E 88 41.25 42.33 5.33
N TRP E 89 42.36 41.86 4.79
CA TRP E 89 43.64 41.93 5.48
C TRP E 89 44.76 41.92 4.46
N ASN E 90 45.94 42.33 4.91
CA ASN E 90 47.12 42.37 4.06
C ASN E 90 47.86 41.04 4.11
N VAL E 91 48.24 40.55 2.92
CA VAL E 91 48.95 39.27 2.83
C VAL E 91 50.34 39.37 3.47
N SER E 92 50.99 40.52 3.35
CA SER E 92 52.34 40.67 3.90
C SER E 92 52.33 40.52 5.42
N GLU E 93 51.35 41.09 6.10
CA GLU E 93 51.29 41.00 7.56
C GLU E 93 51.09 39.56 8.02
N TYR E 94 50.24 38.81 7.33
CA TYR E 94 49.97 37.40 7.64
C TYR E 94 50.36 36.58 6.42
N PRO E 95 51.60 36.12 6.33
CA PRO E 95 52.06 35.49 5.08
C PRO E 95 51.46 34.12 4.82
N GLY E 96 51.38 33.28 5.86
CA GLY E 96 50.95 31.90 5.64
C GLY E 96 49.50 31.77 5.21
N VAL E 97 48.60 32.50 5.85
CA VAL E 97 47.18 32.34 5.62
C VAL E 97 46.75 33.15 4.40
N LYS E 98 45.91 32.54 3.58
CA LYS E 98 45.33 33.21 2.40
C LYS E 98 43.82 33.27 2.44
N THR E 99 43.15 32.24 2.97
CA THR E 99 41.70 32.22 3.09
C THR E 99 41.31 31.79 4.50
N VAL E 100 40.15 32.25 4.94
CA VAL E 100 39.59 31.87 6.24
C VAL E 100 38.15 31.42 6.03
N ARG E 101 37.67 30.60 6.96
CA ARG E 101 36.32 30.04 6.90
C ARG E 101 35.58 30.38 8.17
N PHE E 102 34.34 30.84 8.03
CA PHE E 102 33.49 31.19 9.16
C PHE E 102 32.23 30.35 9.12
N PRO E 103 31.83 29.74 10.23
CA PRO E 103 30.59 28.93 10.23
C PRO E 103 29.34 29.80 10.23
N ASP E 104 28.18 29.16 10.24
CA ASP E 104 26.92 29.89 10.21
C ASP E 104 26.74 30.64 11.52
N GLY E 105 26.15 31.83 11.45
CA GLY E 105 25.86 32.61 12.63
C GLY E 105 26.98 33.52 13.09
N GLN E 106 28.09 33.60 12.36
CA GLN E 106 29.20 34.46 12.74
C GLN E 106 29.52 35.55 11.72
N ILE E 107 29.08 35.42 10.48
CA ILE E 107 29.25 36.44 9.46
C ILE E 107 27.92 36.65 8.75
N TRP E 108 27.79 37.81 8.13
CA TRP E 108 26.56 38.12 7.40
C TRP E 108 26.47 37.29 6.13
N LYS E 109 25.30 36.71 5.90
CA LYS E 109 25.03 35.93 4.70
C LYS E 109 23.69 36.36 4.11
N PRO E 110 23.55 36.29 2.79
CA PRO E 110 22.25 36.57 2.18
C PRO E 110 21.21 35.53 2.58
N ASP E 111 19.95 35.97 2.63
CA ASP E 111 18.83 35.12 3.03
C ASP E 111 18.08 34.56 1.83
N ILE E 112 18.79 34.25 0.75
CA ILE E 112 18.16 33.71 -0.44
C ILE E 112 17.63 32.30 -0.14
N LEU E 113 16.36 32.07 -0.47
CA LEU E 113 15.73 30.78 -0.22
C LEU E 113 14.71 30.50 -1.31
N LEU E 114 14.40 29.21 -1.47
CA LEU E 114 13.42 28.80 -2.46
C LEU E 114 12.03 29.29 -2.08
N TYR E 115 11.34 29.92 -3.04
CA TYR E 115 10.01 30.44 -2.77
C TYR E 115 8.98 29.32 -2.68
N ASN E 116 9.17 28.24 -3.44
CA ASN E 116 8.17 27.17 -3.47
C ASN E 116 8.25 26.31 -2.21
N SER E 117 9.37 25.61 -2.03
CA SER E 117 9.70 24.86 -0.81
C SER E 117 8.50 24.05 -0.30
N ALA E 118 8.09 23.07 -1.11
CA ALA E 118 6.96 22.21 -0.78
C ALA E 118 7.44 21.08 0.14
N ASP E 119 7.76 21.45 1.37
CA ASP E 119 8.27 20.51 2.36
C ASP E 119 8.06 21.09 3.76
N GLU E 120 8.23 20.22 4.76
CA GLU E 120 8.00 20.60 6.15
C GLU E 120 8.89 21.76 6.57
N ARG E 121 10.20 21.53 6.62
CA ARG E 121 11.14 22.62 6.85
C ARG E 121 11.39 23.37 5.54
N PHE E 122 11.50 24.70 5.65
CA PHE E 122 11.42 25.56 4.49
C PHE E 122 12.76 25.94 3.90
N ASP E 123 13.87 25.77 4.63
CA ASP E 123 15.17 26.22 4.14
C ASP E 123 15.79 25.21 3.19
N ALA E 124 16.09 24.01 3.70
CA ALA E 124 16.71 22.93 2.92
C ALA E 124 18.01 23.40 2.26
N THR E 125 18.96 23.83 3.10
CA THR E 125 20.23 24.34 2.59
C THR E 125 21.46 23.77 3.29
N PHE E 126 21.34 23.21 4.49
CA PHE E 126 22.46 22.58 5.19
C PHE E 126 23.67 23.53 5.26
N HIS E 127 23.48 24.60 6.04
CA HIS E 127 24.51 25.62 6.20
C HIS E 127 25.87 25.00 6.52
N THR E 128 26.87 25.36 5.72
CA THR E 128 28.24 24.88 5.89
C THR E 128 29.18 26.08 6.09
N ASN E 129 30.48 25.80 6.08
CA ASN E 129 31.47 26.85 6.21
C ASN E 129 31.45 27.75 4.97
N VAL E 130 31.80 29.02 5.18
CA VAL E 130 31.73 30.03 4.14
C VAL E 130 33.15 30.52 3.87
N LEU E 131 33.63 30.31 2.64
CA LEU E 131 34.97 30.71 2.27
C LEU E 131 35.08 32.23 2.20
N VAL E 132 36.25 32.74 2.59
CA VAL E 132 36.54 34.17 2.58
C VAL E 132 37.84 34.40 1.84
N ASN E 133 37.84 35.38 0.94
CA ASN E 133 39.00 35.73 0.14
C ASN E 133 40.09 36.35 1.02
N SER E 134 41.20 36.71 0.39
CA SER E 134 42.18 37.59 1.03
C SER E 134 41.86 39.06 0.82
N SER E 135 40.86 39.38 0.01
CA SER E 135 40.46 40.75 -0.26
C SER E 135 39.00 41.03 0.06
N GLY E 136 38.29 40.06 0.67
CA GLY E 136 36.93 40.28 1.10
C GLY E 136 35.85 39.66 0.24
N HIS E 137 36.21 38.94 -0.82
CA HIS E 137 35.22 38.29 -1.68
CA HIS E 137 35.22 38.29 -1.68
C HIS E 137 34.78 36.99 -1.02
N CYS E 138 33.54 36.95 -0.55
CA CYS E 138 33.01 35.82 0.19
C CYS E 138 32.13 34.98 -0.74
N GLN E 139 32.36 33.67 -0.73
CA GLN E 139 31.55 32.73 -1.51
C GLN E 139 30.97 31.67 -0.60
N TYR E 140 29.75 31.25 -0.90
CA TYR E 140 28.99 30.33 -0.06
C TYR E 140 28.39 29.25 -0.93
N LEU E 141 28.72 27.98 -0.63
CA LEU E 141 28.36 26.85 -1.48
C LEU E 141 27.68 25.78 -0.63
N PRO E 142 26.39 25.96 -0.33
CA PRO E 142 25.69 24.99 0.51
C PRO E 142 25.01 23.92 -0.33
N PRO E 143 25.13 22.65 0.08
CA PRO E 143 24.37 21.58 -0.58
C PRO E 143 23.04 21.31 0.10
N GLY E 144 22.10 20.82 -0.68
CA GLY E 144 20.79 20.50 -0.13
C GLY E 144 19.94 19.73 -1.10
N ILE E 145 18.89 19.12 -0.57
CA ILE E 145 17.88 18.41 -1.36
C ILE E 145 16.60 19.23 -1.28
N PHE E 146 16.13 19.70 -2.43
CA PHE E 146 15.01 20.62 -2.52
C PHE E 146 13.76 19.90 -3.01
N LYS E 147 12.62 20.24 -2.42
CA LYS E 147 11.32 19.70 -2.80
C LYS E 147 10.43 20.86 -3.22
N SER E 148 10.52 21.23 -4.49
CA SER E 148 9.73 22.34 -5.01
C SER E 148 8.34 21.87 -5.42
N SER E 149 7.44 22.82 -5.56
CA SER E 149 6.05 22.56 -5.94
C SER E 149 5.92 22.82 -7.44
N CYS E 150 5.90 21.75 -8.23
CA CYS E 150 5.80 21.84 -9.67
C CYS E 150 4.36 21.59 -10.12
N TYR E 151 4.11 21.89 -11.39
CA TYR E 151 2.82 21.65 -12.04
C TYR E 151 3.04 20.58 -13.10
N ILE E 152 2.58 19.36 -12.83
CA ILE E 152 2.73 18.24 -13.74
C ILE E 152 1.49 18.22 -14.63
N ASP E 153 1.58 18.86 -15.79
CA ASP E 153 0.49 18.87 -16.76
C ASP E 153 0.44 17.49 -17.41
N VAL E 154 -0.41 16.62 -16.88
CA VAL E 154 -0.46 15.23 -17.34
C VAL E 154 -1.47 15.19 -18.50
N ARG E 155 -0.99 15.54 -19.68
CA ARG E 155 -1.71 15.35 -20.93
C ARG E 155 -0.74 14.70 -21.90
N TRP E 156 -1.19 13.66 -22.59
CA TRP E 156 -0.30 12.74 -23.30
C TRP E 156 0.73 12.16 -22.33
N PHE E 157 0.21 11.43 -21.35
CA PHE E 157 1.00 11.05 -20.18
C PHE E 157 2.25 10.26 -20.52
N PRO E 158 2.20 9.19 -21.33
CA PRO E 158 3.45 8.48 -21.65
C PRO E 158 4.45 9.32 -22.43
N PHE E 159 3.98 10.37 -23.11
CA PHE E 159 4.79 11.15 -24.06
C PHE E 159 4.75 12.62 -23.69
N ASP E 160 4.93 12.93 -22.41
CA ASP E 160 4.79 14.29 -21.91
C ASP E 160 6.14 14.91 -21.59
N VAL E 161 6.19 16.25 -21.68
CA VAL E 161 7.36 17.03 -21.32
C VAL E 161 6.94 18.02 -20.24
N GLN E 162 7.67 18.02 -19.14
CA GLN E 162 7.32 18.82 -17.96
C GLN E 162 8.31 19.97 -17.78
N HIS E 163 7.78 21.13 -17.44
CA HIS E 163 8.57 22.33 -17.13
C HIS E 163 8.36 22.66 -15.66
N CYS E 164 9.41 22.52 -14.86
CA CYS E 164 9.35 22.78 -13.42
C CYS E 164 10.19 24.00 -13.10
N LYS E 165 9.61 24.93 -12.34
CA LYS E 165 10.25 26.18 -11.99
C LYS E 165 10.83 26.13 -10.59
N LEU E 166 11.92 26.85 -10.38
CA LEU E 166 12.57 26.98 -9.08
C LEU E 166 12.80 28.46 -8.83
N LYS E 167 12.03 29.04 -7.90
CA LYS E 167 12.05 30.47 -7.64
C LYS E 167 12.93 30.75 -6.42
N PHE E 168 14.04 31.44 -6.65
CA PHE E 168 14.98 31.79 -5.60
C PHE E 168 15.07 33.31 -5.48
N GLY E 169 15.10 33.80 -4.25
CA GLY E 169 15.21 35.23 -4.02
C GLY E 169 15.31 35.53 -2.55
N SER E 170 15.79 36.74 -2.25
CA SER E 170 15.90 37.19 -0.87
C SER E 170 14.53 37.43 -0.27
N TRP E 171 14.43 37.22 1.04
CA TRP E 171 13.16 37.34 1.74
C TRP E 171 12.97 38.66 2.46
N SER E 172 14.06 39.31 2.90
CA SER E 172 13.95 40.53 3.68
C SER E 172 14.65 41.73 3.05
N TYR E 173 15.50 41.53 2.04
CA TYR E 173 16.25 42.60 1.40
C TYR E 173 15.63 42.91 0.05
N GLY E 174 15.35 44.20 -0.18
CA GLY E 174 14.69 44.63 -1.39
C GLY E 174 15.66 45.02 -2.49
N GLY E 175 15.17 45.86 -3.40
CA GLY E 175 15.98 46.24 -4.55
C GLY E 175 17.19 47.08 -4.17
N TRP E 176 17.01 48.04 -3.28
CA TRP E 176 18.11 48.94 -2.93
C TRP E 176 19.07 48.35 -1.91
N SER E 177 18.74 47.20 -1.32
CA SER E 177 19.59 46.60 -0.29
C SER E 177 20.46 45.47 -0.83
N LEU E 178 19.88 44.53 -1.55
CA LEU E 178 20.60 43.37 -2.08
C LEU E 178 20.31 43.25 -3.57
N ASP E 179 21.27 43.66 -4.40
CA ASP E 179 21.13 43.56 -5.85
C ASP E 179 21.48 42.13 -6.26
N LEU E 180 20.45 41.31 -6.45
CA LEU E 180 20.65 39.91 -6.79
C LEU E 180 20.95 39.78 -8.28
N GLN E 181 22.09 39.18 -8.60
CA GLN E 181 22.48 38.92 -9.98
C GLN E 181 22.34 37.44 -10.29
N MET E 182 22.58 37.10 -11.55
CA MET E 182 22.36 35.76 -12.06
C MET E 182 23.61 35.24 -12.77
N GLN E 183 23.88 33.95 -12.61
CA GLN E 183 24.90 33.24 -13.37
C GLN E 183 24.29 31.99 -13.97
N GLU E 184 24.85 31.56 -15.10
CA GLU E 184 24.30 30.42 -15.83
C GLU E 184 24.38 29.15 -14.99
N ALA E 185 23.34 28.33 -15.09
CA ALA E 185 23.29 27.08 -14.35
C ALA E 185 24.36 26.11 -14.85
N ASP E 186 24.86 25.29 -13.94
CA ASP E 186 25.94 24.34 -14.22
C ASP E 186 25.38 22.93 -14.22
N ILE E 187 25.75 22.15 -15.25
CA ILE E 187 25.28 20.77 -15.36
C ILE E 187 26.46 19.84 -15.57
N SER E 188 27.65 20.26 -15.15
CA SER E 188 28.84 19.42 -15.24
C SER E 188 28.76 18.30 -14.20
N GLY E 189 28.24 17.14 -14.61
CA GLY E 189 27.96 16.06 -13.68
C GLY E 189 26.49 16.01 -13.34
N TYR E 190 25.75 15.10 -13.97
CA TYR E 190 24.30 15.10 -13.85
C TYR E 190 23.77 13.76 -13.35
N ILE E 191 24.50 12.69 -13.62
CA ILE E 191 24.10 11.34 -13.20
C ILE E 191 22.68 11.07 -13.67
N PRO E 192 22.47 10.80 -14.96
CA PRO E 192 21.10 10.78 -15.52
C PRO E 192 20.22 9.78 -14.78
N ASN E 193 18.95 10.19 -14.57
CA ASN E 193 18.03 9.40 -13.79
C ASN E 193 17.72 8.06 -14.46
N GLY E 194 17.52 8.08 -15.77
CA GLY E 194 17.11 6.91 -16.52
C GLY E 194 15.62 6.85 -16.80
N GLU E 195 14.81 7.60 -16.06
CA GLU E 195 13.38 7.71 -16.32
C GLU E 195 13.03 9.01 -17.05
N TRP E 196 13.65 10.11 -16.65
CA TRP E 196 13.41 11.42 -17.23
C TRP E 196 14.67 11.85 -17.96
N ASP E 197 14.51 12.33 -19.19
CA ASP E 197 15.61 12.82 -20.01
C ASP E 197 15.69 14.34 -19.90
N LEU E 198 16.77 14.85 -19.33
CA LEU E 198 16.92 16.29 -19.15
C LEU E 198 17.16 16.96 -20.50
N VAL E 199 16.43 18.05 -20.74
CA VAL E 199 16.60 18.83 -21.96
C VAL E 199 17.47 20.05 -21.73
N GLY E 200 17.22 20.79 -20.65
CA GLY E 200 18.02 21.95 -20.34
C GLY E 200 17.44 22.66 -19.12
N ILE E 201 18.27 23.51 -18.53
CA ILE E 201 17.86 24.27 -17.35
C ILE E 201 18.20 25.74 -17.58
N PRO E 202 17.36 26.48 -18.29
CA PRO E 202 17.57 27.92 -18.46
C PRO E 202 17.02 28.69 -17.26
N GLY E 203 17.39 29.97 -17.20
CA GLY E 203 17.00 30.80 -16.08
C GLY E 203 16.71 32.21 -16.50
N LYS E 204 16.33 33.03 -15.51
CA LYS E 204 15.85 34.38 -15.74
C LYS E 204 15.98 35.18 -14.45
N ARG E 205 16.31 36.47 -14.59
CA ARG E 205 16.36 37.39 -13.46
C ARG E 205 15.37 38.51 -13.69
N SER E 206 14.48 38.74 -12.73
CA SER E 206 13.48 39.79 -12.83
C SER E 206 13.11 40.25 -11.44
N GLU E 207 12.47 41.42 -11.35
CA GLU E 207 12.03 41.99 -10.09
C GLU E 207 10.59 42.44 -10.20
N ARG E 208 9.79 42.13 -9.18
CA ARG E 208 8.36 42.39 -9.17
C ARG E 208 8.00 43.24 -7.96
N PHE E 209 6.81 43.82 -8.02
CA PHE E 209 6.27 44.62 -6.92
C PHE E 209 5.22 43.81 -6.17
N TYR E 210 5.38 43.70 -4.86
CA TYR E 210 4.50 42.92 -4.03
C TYR E 210 3.51 43.81 -3.28
N GLU E 211 2.51 43.17 -2.68
CA GLU E 211 1.42 43.90 -2.03
C GLU E 211 1.87 44.59 -0.76
N CYS E 212 2.82 44.00 -0.02
CA CYS E 212 3.21 44.57 1.27
C CYS E 212 3.80 45.96 1.11
N CYS E 213 4.73 46.12 0.17
CA CYS E 213 5.72 47.18 0.26
C CYS E 213 5.98 47.77 -1.11
N LYS E 214 6.67 48.90 -1.12
CA LYS E 214 7.21 49.49 -2.33
C LYS E 214 8.57 48.92 -2.69
N GLU E 215 8.89 47.73 -2.20
CA GLU E 215 10.20 47.12 -2.40
C GLU E 215 10.17 46.32 -3.70
N PRO E 216 10.95 46.69 -4.71
CA PRO E 216 11.09 45.82 -5.89
C PRO E 216 12.01 44.66 -5.57
N TYR E 217 11.45 43.45 -5.55
CA TYR E 217 12.21 42.29 -5.09
C TYR E 217 12.74 41.51 -6.28
N PRO E 218 14.05 41.51 -6.53
CA PRO E 218 14.60 40.68 -7.60
C PRO E 218 14.57 39.20 -7.21
N ASP E 219 14.55 38.35 -8.23
CA ASP E 219 14.60 36.91 -8.02
C ASP E 219 15.23 36.24 -9.23
N VAL E 220 15.67 35.00 -9.03
CA VAL E 220 16.22 34.17 -10.10
C VAL E 220 15.35 32.92 -10.19
N THR E 221 14.79 32.68 -11.37
CA THR E 221 13.88 31.56 -11.59
C THR E 221 14.52 30.59 -12.56
N PHE E 222 14.96 29.44 -12.05
CA PHE E 222 15.54 28.38 -12.87
C PHE E 222 14.45 27.37 -13.21
N THR E 223 14.16 27.22 -14.49
CA THR E 223 13.16 26.28 -14.97
C THR E 223 13.84 25.02 -15.50
N VAL E 224 13.30 23.87 -15.13
CA VAL E 224 13.86 22.57 -15.50
C VAL E 224 12.93 21.93 -16.51
N THR E 225 13.47 21.61 -17.69
CA THR E 225 12.72 20.94 -18.75
C THR E 225 13.24 19.52 -18.88
N MET E 226 12.35 18.54 -18.68
CA MET E 226 12.71 17.13 -18.76
C MET E 226 11.68 16.39 -19.59
N ARG E 227 12.15 15.38 -20.31
CA ARG E 227 11.31 14.54 -21.17
C ARG E 227 11.25 13.13 -20.60
N ARG E 228 10.03 12.62 -20.42
CA ARG E 228 9.85 11.30 -19.85
C ARG E 228 10.16 10.22 -20.88
N ARG E 229 10.97 9.24 -20.49
CA ARG E 229 11.27 8.12 -21.37
C ARG E 229 10.09 7.15 -21.40
N THR E 230 9.94 6.46 -22.53
CA THR E 230 8.72 5.73 -22.83
C THR E 230 8.90 4.21 -22.92
N LEU E 231 10.13 3.71 -22.80
CA LEU E 231 10.35 2.28 -22.98
C LEU E 231 9.65 1.46 -21.92
N TYR E 232 9.72 1.88 -20.65
CA TYR E 232 9.07 1.13 -19.58
C TYR E 232 7.55 1.21 -19.70
N TYR E 233 7.03 2.43 -19.88
CA TYR E 233 5.58 2.60 -19.95
C TYR E 233 5.00 2.01 -21.23
N GLY E 234 5.72 2.12 -22.35
CA GLY E 234 5.24 1.55 -23.59
C GLY E 234 5.16 0.03 -23.55
N LEU E 235 6.21 -0.62 -23.05
CA LEU E 235 6.27 -2.08 -23.07
C LEU E 235 5.39 -2.70 -22.00
N ASN E 236 5.38 -2.13 -20.79
CA ASN E 236 4.63 -2.74 -19.70
C ASN E 236 3.15 -2.37 -19.70
N LEU E 237 2.77 -1.30 -20.38
CA LEU E 237 1.38 -0.85 -20.36
C LEU E 237 0.75 -0.81 -21.74
N LEU E 238 1.41 -0.20 -22.73
CA LEU E 238 0.80 -0.08 -24.05
C LEU E 238 0.81 -1.39 -24.80
N ILE E 239 1.92 -2.14 -24.76
CA ILE E 239 2.00 -3.40 -25.50
C ILE E 239 0.99 -4.42 -25.03
N PRO E 240 0.84 -4.70 -23.72
CA PRO E 240 -0.17 -5.69 -23.31
C PRO E 240 -1.59 -5.30 -23.71
N CYS E 241 -1.91 -4.01 -23.72
CA CYS E 241 -3.27 -3.57 -24.05
C CYS E 241 -3.66 -3.99 -25.46
N VAL E 242 -2.75 -3.84 -26.42
CA VAL E 242 -3.02 -4.28 -27.79
C VAL E 242 -3.21 -5.78 -27.84
N LEU E 243 -2.36 -6.54 -27.12
CA LEU E 243 -2.44 -7.99 -27.14
C LEU E 243 -3.73 -8.49 -26.48
N ILE E 244 -4.10 -7.91 -25.34
CA ILE E 244 -5.33 -8.34 -24.67
C ILE E 244 -6.55 -7.99 -25.51
N SER E 245 -6.55 -6.80 -26.12
CA SER E 245 -7.67 -6.42 -26.98
C SER E 245 -7.76 -7.31 -28.21
N ALA E 246 -6.63 -7.88 -28.65
CA ALA E 246 -6.66 -8.79 -29.79
C ALA E 246 -7.43 -10.06 -29.47
N LEU E 247 -7.28 -10.59 -28.25
CA LEU E 247 -8.00 -11.80 -27.88
C LEU E 247 -9.50 -11.54 -27.72
N ALA E 248 -9.88 -10.33 -27.33
CA ALA E 248 -11.30 -9.98 -27.31
C ALA E 248 -11.89 -9.99 -28.72
N LEU E 249 -11.04 -9.75 -29.72
CA LEU E 249 -11.46 -9.82 -31.12
C LEU E 249 -11.57 -11.25 -31.63
N LEU E 250 -11.11 -12.23 -30.86
CA LEU E 250 -11.11 -13.62 -31.26
C LEU E 250 -12.44 -14.32 -30.99
N VAL E 251 -13.41 -13.62 -30.40
CA VAL E 251 -14.71 -14.23 -30.13
C VAL E 251 -15.41 -14.59 -31.43
N PHE E 252 -15.34 -13.72 -32.43
CA PHE E 252 -16.02 -13.95 -33.69
C PHE E 252 -15.47 -15.12 -34.48
N LEU E 253 -14.28 -15.61 -34.14
CA LEU E 253 -13.73 -16.79 -34.79
C LEU E 253 -14.14 -18.09 -34.12
N LEU E 254 -14.61 -18.02 -32.88
CA LEU E 254 -15.07 -19.21 -32.19
C LEU E 254 -16.40 -19.68 -32.78
N PRO E 255 -16.56 -20.97 -33.06
CA PRO E 255 -17.86 -21.48 -33.49
C PRO E 255 -18.89 -21.36 -32.37
N ALA E 256 -20.13 -21.10 -32.78
CA ALA E 256 -21.21 -20.93 -31.81
C ALA E 256 -21.61 -22.23 -31.14
N ASP E 257 -21.23 -23.38 -31.73
CA ASP E 257 -21.58 -24.67 -31.14
C ASP E 257 -20.92 -24.84 -29.77
N SER E 258 -19.63 -24.51 -29.70
CA SER E 258 -18.94 -24.60 -28.43
C SER E 258 -19.47 -23.51 -27.51
N GLY E 259 -20.13 -23.92 -26.42
CA GLY E 259 -20.72 -22.97 -25.50
C GLY E 259 -19.66 -22.24 -24.72
N GLU E 260 -18.94 -21.33 -25.41
CA GLU E 260 -17.73 -20.73 -24.86
C GLU E 260 -17.52 -19.29 -25.33
N LYS E 261 -18.47 -18.70 -26.04
CA LYS E 261 -18.30 -17.37 -26.62
C LYS E 261 -18.38 -16.28 -25.56
N ILE E 262 -19.43 -16.28 -24.74
CA ILE E 262 -19.54 -15.31 -23.67
C ILE E 262 -18.46 -15.55 -22.61
N SER E 263 -18.07 -16.81 -22.41
CA SER E 263 -17.06 -17.14 -21.41
C SER E 263 -15.75 -16.39 -21.67
N LEU E 264 -15.28 -16.43 -22.91
CA LEU E 264 -14.11 -15.65 -23.31
C LEU E 264 -14.44 -14.20 -23.58
N GLY E 265 -15.71 -13.91 -23.90
CA GLY E 265 -16.11 -12.52 -24.08
C GLY E 265 -16.01 -11.71 -22.80
N ILE E 266 -16.46 -12.29 -21.66
CA ILE E 266 -16.52 -11.60 -20.39
C ILE E 266 -15.26 -11.80 -19.55
N THR E 267 -14.51 -12.88 -19.78
CA THR E 267 -13.26 -13.07 -19.03
C THR E 267 -12.21 -12.05 -19.44
N VAL E 268 -12.11 -11.74 -20.74
CA VAL E 268 -11.18 -10.72 -21.19
C VAL E 268 -11.56 -9.37 -20.62
N LEU E 269 -12.87 -9.05 -20.60
CA LEU E 269 -13.32 -7.80 -20.01
C LEU E 269 -12.99 -7.73 -18.53
N LEU E 270 -13.22 -8.83 -17.80
CA LEU E 270 -12.83 -8.87 -16.39
C LEU E 270 -11.32 -8.75 -16.23
N SER E 271 -10.55 -9.41 -17.09
CA SER E 271 -9.09 -9.37 -17.03
C SER E 271 -8.51 -8.05 -17.51
N LEU E 272 -9.33 -7.16 -18.09
CA LEU E 272 -8.80 -5.92 -18.64
C LEU E 272 -9.16 -4.71 -17.80
N THR E 273 -10.16 -4.81 -16.93
CA THR E 273 -10.48 -3.72 -16.01
C THR E 273 -9.37 -3.50 -14.99
N VAL E 274 -8.52 -4.51 -14.78
CA VAL E 274 -7.47 -4.42 -13.76
C VAL E 274 -6.39 -3.42 -14.11
N PHE E 275 -6.30 -3.02 -15.38
CA PHE E 275 -5.18 -2.16 -15.80
C PHE E 275 -5.33 -0.74 -15.30
N MET E 276 -6.54 -0.17 -15.35
CA MET E 276 -6.69 1.17 -14.78
C MET E 276 -6.49 1.17 -13.27
N LEU E 277 -6.62 0.02 -12.61
CA LEU E 277 -6.31 -0.05 -11.19
C LEU E 277 -4.85 0.31 -10.93
N LEU E 278 -3.94 -0.23 -11.76
CA LEU E 278 -2.56 0.21 -11.72
C LEU E 278 -2.42 1.65 -12.22
N VAL E 279 -3.14 1.99 -13.29
CA VAL E 279 -3.01 3.32 -13.88
C VAL E 279 -3.54 4.40 -12.94
N ALA E 280 -4.71 4.18 -12.35
CA ALA E 280 -5.28 5.19 -11.46
C ALA E 280 -4.42 5.41 -10.21
N GLU E 281 -3.68 4.38 -9.80
CA GLU E 281 -2.75 4.54 -8.69
C GLU E 281 -1.61 5.49 -9.04
N ILE E 282 -1.30 5.66 -10.32
CA ILE E 282 -0.27 6.58 -10.77
C ILE E 282 -0.86 7.91 -11.24
N MET E 283 -2.06 7.87 -11.82
CA MET E 283 -2.67 9.07 -12.37
C MET E 283 -3.07 10.03 -11.26
N PRO E 284 -2.60 11.27 -11.27
CA PRO E 284 -3.12 12.27 -10.34
C PRO E 284 -4.58 12.57 -10.63
N ALA E 285 -5.34 12.83 -9.58
CA ALA E 285 -6.77 13.11 -9.71
C ALA E 285 -7.00 14.59 -9.99
N THR E 286 -6.50 15.03 -11.14
CA THR E 286 -6.60 16.43 -11.57
C THR E 286 -7.61 16.55 -12.70
N SER E 287 -8.55 17.47 -12.54
CA SER E 287 -9.56 17.75 -13.56
C SER E 287 -9.12 18.86 -14.51
N ASP E 288 -7.94 18.72 -15.08
CA ASP E 288 -7.44 19.69 -16.05
C ASP E 288 -7.81 19.27 -17.48
N SER E 289 -7.43 18.06 -17.87
CA SER E 289 -7.79 17.52 -19.17
C SER E 289 -7.77 16.01 -19.07
N VAL E 290 -8.47 15.35 -20.01
CA VAL E 290 -8.52 13.90 -20.04
C VAL E 290 -7.18 13.40 -20.58
N PRO E 291 -6.45 12.58 -19.82
CA PRO E 291 -5.15 12.10 -20.30
C PRO E 291 -5.29 11.18 -21.50
N LEU E 292 -4.23 11.14 -22.30
CA LEU E 292 -4.22 10.27 -23.48
C LEU E 292 -4.38 8.81 -23.09
N ILE E 293 -3.70 8.40 -22.01
CA ILE E 293 -3.82 7.00 -21.57
C ILE E 293 -5.24 6.72 -21.09
N ALA E 294 -5.95 7.73 -20.57
CA ALA E 294 -7.32 7.52 -20.13
C ALA E 294 -8.24 7.28 -21.32
N GLN E 295 -8.08 8.05 -22.39
CA GLN E 295 -8.90 7.86 -23.58
C GLN E 295 -8.62 6.50 -24.23
N TYR E 296 -7.34 6.11 -24.29
CA TYR E 296 -6.98 4.86 -24.94
C TYR E 296 -7.56 3.67 -24.18
N PHE E 297 -7.51 3.70 -22.84
CA PHE E 297 -8.15 2.67 -22.05
C PHE E 297 -9.67 2.71 -22.21
N ALA E 298 -10.24 3.91 -22.26
CA ALA E 298 -11.69 4.02 -22.44
C ALA E 298 -12.12 3.46 -23.79
N SER E 299 -11.30 3.67 -24.83
CA SER E 299 -11.62 3.12 -26.14
C SER E 299 -11.63 1.59 -26.10
N THR E 300 -10.71 0.99 -25.36
CA THR E 300 -10.65 -0.46 -25.25
C THR E 300 -11.84 -1.00 -24.46
N MET E 301 -12.31 -0.25 -23.46
CA MET E 301 -13.53 -0.62 -22.76
C MET E 301 -14.70 -0.79 -23.73
N ILE E 302 -14.91 0.19 -24.61
CA ILE E 302 -16.06 0.16 -25.49
C ILE E 302 -15.92 -0.94 -26.55
N ILE E 303 -14.72 -1.07 -27.12
CA ILE E 303 -14.52 -2.09 -28.16
C ILE E 303 -14.73 -3.50 -27.59
N VAL E 304 -14.15 -3.77 -26.42
CA VAL E 304 -14.37 -5.06 -25.78
C VAL E 304 -15.81 -5.17 -25.29
N GLY E 305 -16.35 -4.08 -24.75
CA GLY E 305 -17.73 -4.12 -24.25
C GLY E 305 -18.74 -4.35 -25.36
N LEU E 306 -18.57 -3.69 -26.50
CA LEU E 306 -19.48 -3.90 -27.62
C LEU E 306 -19.34 -5.28 -28.23
N SER E 307 -18.20 -5.96 -28.02
CA SER E 307 -18.05 -7.32 -28.52
C SER E 307 -19.04 -8.27 -27.83
N VAL E 308 -19.24 -8.10 -26.52
CA VAL E 308 -20.17 -8.95 -25.80
C VAL E 308 -21.60 -8.70 -26.28
N VAL E 309 -21.94 -7.43 -26.52
CA VAL E 309 -23.28 -7.11 -27.01
C VAL E 309 -23.53 -7.74 -28.37
N VAL E 310 -22.54 -7.67 -29.25
CA VAL E 310 -22.67 -8.29 -30.57
C VAL E 310 -22.78 -9.80 -30.44
N THR E 311 -21.99 -10.39 -29.55
CA THR E 311 -22.01 -11.84 -29.36
C THR E 311 -23.39 -12.32 -28.90
N VAL E 312 -24.04 -11.55 -28.02
CA VAL E 312 -25.39 -11.91 -27.58
C VAL E 312 -26.36 -11.89 -28.75
N ILE E 313 -26.25 -10.89 -29.62
CA ILE E 313 -27.09 -10.84 -30.82
C ILE E 313 -26.80 -12.04 -31.73
N VAL E 314 -25.52 -12.38 -31.87
CA VAL E 314 -25.14 -13.54 -32.68
C VAL E 314 -25.69 -14.82 -32.07
N LEU E 315 -25.59 -14.96 -30.75
CA LEU E 315 -26.00 -16.21 -30.10
C LEU E 315 -27.50 -16.45 -30.26
N GLN E 316 -28.32 -15.41 -30.12
CA GLN E 316 -29.76 -15.60 -30.28
C GLN E 316 -30.15 -15.86 -31.73
N TYR E 317 -29.28 -15.52 -32.69
CA TYR E 317 -29.48 -15.94 -34.07
C TYR E 317 -29.20 -17.43 -34.26
N HIS E 318 -28.42 -18.04 -33.37
CA HIS E 318 -28.09 -19.45 -33.48
C HIS E 318 -29.21 -20.33 -32.92
N HIS E 319 -29.52 -20.14 -31.63
CA HIS E 319 -30.59 -20.90 -30.98
C HIS E 319 -31.91 -20.15 -31.13
N HIS E 320 -32.38 -20.08 -32.36
CA HIS E 320 -33.59 -19.31 -32.66
C HIS E 320 -34.88 -20.09 -32.40
N ASP E 321 -34.80 -21.38 -32.09
CA ASP E 321 -35.99 -22.21 -31.86
C ASP E 321 -36.94 -22.12 -33.05
N PRO E 322 -36.62 -22.78 -34.16
CA PRO E 322 -37.42 -22.63 -35.39
C PRO E 322 -38.88 -23.02 -35.23
N ASP E 323 -39.66 -22.81 -36.29
CA ASP E 323 -41.12 -22.97 -36.27
C ASP E 323 -41.76 -22.02 -35.26
N GLY E 324 -41.15 -20.86 -35.07
CA GLY E 324 -41.69 -19.85 -34.17
C GLY E 324 -41.53 -18.45 -34.73
N GLY E 325 -41.44 -18.35 -36.06
CA GLY E 325 -41.27 -17.08 -36.72
C GLY E 325 -40.20 -17.09 -37.78
N LYS E 326 -40.54 -16.68 -39.00
CA LYS E 326 -39.59 -16.63 -40.10
C LYS E 326 -38.95 -15.26 -40.19
N MET E 327 -37.87 -15.18 -40.97
CA MET E 327 -37.18 -13.91 -41.14
C MET E 327 -38.06 -12.94 -41.93
N PRO E 328 -37.93 -11.63 -41.67
CA PRO E 328 -38.89 -10.67 -42.23
C PRO E 328 -38.69 -10.37 -43.72
N LYS E 329 -37.93 -11.23 -44.40
CA LYS E 329 -37.60 -11.14 -45.83
C LYS E 329 -36.60 -10.04 -46.12
N TRP E 330 -36.22 -9.23 -45.13
CA TRP E 330 -35.08 -8.33 -45.27
C TRP E 330 -33.79 -9.01 -44.86
N THR E 331 -33.86 -9.95 -43.92
CA THR E 331 -32.68 -10.73 -43.54
C THR E 331 -32.33 -11.76 -44.60
N ARG E 332 -33.33 -12.30 -45.31
CA ARG E 332 -33.04 -13.23 -46.40
C ARG E 332 -32.24 -12.55 -47.51
N VAL E 333 -32.39 -11.23 -47.68
CA VAL E 333 -31.73 -10.53 -48.78
C VAL E 333 -30.49 -9.76 -48.33
N ILE E 334 -30.39 -9.39 -47.05
CA ILE E 334 -29.25 -8.61 -46.59
C ILE E 334 -28.11 -9.53 -46.14
N LEU E 335 -28.38 -10.44 -45.22
CA LEU E 335 -27.35 -11.29 -44.65
C LEU E 335 -27.14 -12.58 -45.43
N LEU E 336 -27.96 -12.86 -46.44
CA LEU E 336 -27.81 -14.07 -47.24
C LEU E 336 -27.52 -13.82 -48.70
N ASN E 337 -27.74 -12.61 -49.20
CA ASN E 337 -27.50 -12.28 -50.61
C ASN E 337 -26.52 -11.14 -50.80
N TRP E 338 -26.55 -10.13 -49.93
CA TRP E 338 -25.65 -8.99 -50.07
C TRP E 338 -24.37 -9.19 -49.26
N CYS E 339 -24.50 -9.35 -47.94
CA CYS E 339 -23.32 -9.54 -47.10
C CYS E 339 -22.65 -10.88 -47.38
N ALA E 340 -23.43 -11.92 -47.71
CA ALA E 340 -22.85 -13.22 -48.00
C ALA E 340 -21.98 -13.18 -49.25
N TRP E 341 -22.36 -12.38 -50.26
CA TRP E 341 -21.56 -12.29 -51.47
C TRP E 341 -20.27 -11.53 -51.23
N PHE E 342 -20.28 -10.55 -50.32
CA PHE E 342 -19.05 -9.82 -50.00
C PHE E 342 -17.98 -10.74 -49.42
N LEU E 343 -18.37 -11.63 -48.51
CA LEU E 343 -17.42 -12.39 -47.71
C LEU E 343 -17.18 -13.80 -48.22
N ARG E 344 -17.71 -14.13 -49.40
CA ARG E 344 -17.49 -15.44 -50.06
C ARG E 344 -17.89 -16.59 -49.16
N MET E 345 -19.18 -16.63 -48.82
CA MET E 345 -19.72 -17.70 -47.98
C MET E 345 -20.18 -18.90 -48.82
N LYS E 346 -20.93 -18.65 -49.90
CA LYS E 346 -21.46 -19.70 -50.77
C LYS E 346 -22.28 -20.72 -49.97
N ARG E 347 -23.07 -20.23 -49.02
CA ARG E 347 -23.92 -21.06 -48.18
C ARG E 347 -23.12 -22.15 -47.45
N ASP E 432 -55.62 -56.16 -43.97
CA ASP E 432 -54.80 -55.76 -42.84
C ASP E 432 -53.64 -54.89 -43.29
N LEU E 433 -53.30 -54.96 -44.57
CA LEU E 433 -52.21 -54.16 -45.11
C LEU E 433 -52.54 -52.68 -45.12
N ALA E 434 -53.83 -52.34 -45.21
CA ALA E 434 -54.21 -50.93 -45.22
C ALA E 434 -53.86 -50.25 -43.91
N LYS E 435 -54.10 -50.92 -42.77
CA LYS E 435 -53.74 -50.35 -41.48
C LYS E 435 -52.23 -50.37 -41.27
N ILE E 436 -51.53 -51.35 -41.84
CA ILE E 436 -50.07 -51.34 -41.81
C ILE E 436 -49.53 -50.16 -42.59
N LEU E 437 -50.09 -49.90 -43.77
CA LEU E 437 -49.63 -48.78 -44.59
C LEU E 437 -49.86 -47.45 -43.90
N GLU E 438 -51.02 -47.29 -43.25
CA GLU E 438 -51.33 -46.03 -42.56
C GLU E 438 -50.36 -45.77 -41.42
N GLU E 439 -49.98 -46.81 -40.69
CA GLU E 439 -49.05 -46.63 -39.57
C GLU E 439 -47.66 -46.25 -40.07
N VAL E 440 -47.20 -46.88 -41.15
CA VAL E 440 -45.93 -46.49 -41.75
C VAL E 440 -46.03 -45.11 -42.39
N ARG E 441 -47.22 -44.72 -42.83
CA ARG E 441 -47.41 -43.41 -43.43
C ARG E 441 -47.07 -42.29 -42.45
N TYR E 442 -47.50 -42.44 -41.20
CA TYR E 442 -47.22 -41.41 -40.19
C TYR E 442 -45.73 -41.36 -39.86
N ILE E 443 -45.07 -42.52 -39.79
CA ILE E 443 -43.67 -42.56 -39.39
C ILE E 443 -42.80 -41.81 -40.39
N ALA E 444 -43.02 -42.07 -41.68
CA ALA E 444 -42.23 -41.38 -42.71
C ALA E 444 -42.54 -39.90 -42.76
N ASN E 445 -43.82 -39.53 -42.60
CA ASN E 445 -44.21 -38.13 -42.64
C ASN E 445 -43.61 -37.37 -41.47
N ARG E 446 -43.53 -38.00 -40.30
CA ARG E 446 -42.90 -37.36 -39.15
C ARG E 446 -41.43 -37.06 -39.44
N PHE E 447 -40.72 -38.00 -40.05
CA PHE E 447 -39.32 -37.77 -40.41
C PHE E 447 -39.20 -36.66 -41.45
N ARG E 448 -40.13 -36.59 -42.40
CA ARG E 448 -40.10 -35.54 -43.40
C ARG E 448 -40.28 -34.17 -42.77
N CYS E 449 -41.18 -34.06 -41.80
CA CYS E 449 -41.36 -32.78 -41.10
C CYS E 449 -40.13 -32.39 -40.30
N GLN E 450 -39.41 -33.37 -39.75
CA GLN E 450 -38.18 -33.08 -39.03
C GLN E 450 -37.13 -32.50 -39.96
N ASP E 451 -37.05 -33.03 -41.19
CA ASP E 451 -36.08 -32.51 -42.15
C ASP E 451 -36.40 -31.06 -42.52
N GLU E 452 -37.68 -30.74 -42.70
CA GLU E 452 -38.07 -29.37 -43.02
C GLU E 452 -37.72 -28.42 -41.89
N SER E 453 -37.95 -28.84 -40.64
CA SER E 453 -37.60 -27.99 -39.49
C SER E 453 -36.09 -27.82 -39.39
N GLU E 454 -35.32 -28.87 -39.68
CA GLU E 454 -33.87 -28.77 -39.65
C GLU E 454 -33.34 -27.80 -40.71
N ALA E 455 -33.95 -27.81 -41.89
CA ALA E 455 -33.52 -26.91 -42.95
C ALA E 455 -33.78 -25.46 -42.56
N VAL E 456 -34.92 -25.18 -41.93
CA VAL E 456 -35.22 -23.81 -41.49
C VAL E 456 -34.22 -23.37 -40.43
N CYS E 457 -33.89 -24.25 -39.48
CA CYS E 457 -32.91 -23.91 -38.47
C CYS E 457 -31.50 -23.81 -39.06
N SER E 458 -31.24 -24.53 -40.15
CA SER E 458 -29.91 -24.50 -40.75
C SER E 458 -29.56 -23.11 -41.28
N GLU E 459 -30.52 -22.45 -41.94
CA GLU E 459 -30.25 -21.12 -42.47
C GLU E 459 -30.20 -20.07 -41.36
N TRP E 460 -30.88 -20.33 -40.24
CA TRP E 460 -30.76 -19.44 -39.09
C TRP E 460 -29.34 -19.45 -38.54
N LYS E 461 -28.72 -20.63 -38.47
CA LYS E 461 -27.34 -20.72 -38.01
C LYS E 461 -26.38 -20.06 -38.98
N PHE E 462 -26.63 -20.21 -40.28
CA PHE E 462 -25.77 -19.59 -41.28
C PHE E 462 -25.82 -18.07 -41.21
N ALA E 463 -26.98 -17.50 -40.88
CA ALA E 463 -27.09 -16.06 -40.70
C ALA E 463 -26.22 -15.59 -39.55
N ALA E 464 -26.17 -16.37 -38.47
CA ALA E 464 -25.32 -16.01 -37.34
C ALA E 464 -23.84 -16.04 -37.73
N CYS E 465 -23.45 -17.00 -38.57
CA CYS E 465 -22.07 -17.07 -39.04
C CYS E 465 -21.72 -15.84 -39.87
N VAL E 466 -22.64 -15.38 -40.70
CA VAL E 466 -22.40 -14.19 -41.51
C VAL E 466 -22.20 -12.96 -40.63
N VAL E 467 -23.04 -12.81 -39.60
CA VAL E 467 -22.93 -11.65 -38.71
C VAL E 467 -21.61 -11.65 -37.97
N ASP E 468 -21.21 -12.82 -37.49
CA ASP E 468 -19.96 -12.98 -36.77
C ASP E 468 -18.78 -12.54 -37.64
N ARG E 469 -18.74 -13.05 -38.86
CA ARG E 469 -17.67 -12.70 -39.79
C ARG E 469 -17.74 -11.24 -40.19
N LEU E 470 -18.95 -10.72 -40.41
CA LEU E 470 -19.11 -9.31 -40.76
C LEU E 470 -18.64 -8.40 -39.63
N CYS E 471 -18.98 -8.75 -38.38
CA CYS E 471 -18.56 -7.94 -37.25
C CYS E 471 -17.06 -8.06 -37.01
N LEU E 472 -16.46 -9.19 -37.38
CA LEU E 472 -15.02 -9.34 -37.23
C LEU E 472 -14.26 -8.34 -38.09
N MET E 473 -14.70 -8.14 -39.34
CA MET E 473 -14.08 -7.15 -40.20
C MET E 473 -14.31 -5.73 -39.69
N ALA E 474 -15.52 -5.44 -39.22
CA ALA E 474 -15.84 -4.09 -38.77
C ALA E 474 -15.12 -3.76 -37.47
N PHE E 475 -15.07 -4.70 -36.54
CA PHE E 475 -14.41 -4.43 -35.27
C PHE E 475 -12.89 -4.41 -35.40
N SER E 476 -12.35 -5.11 -36.40
CA SER E 476 -10.90 -5.13 -36.59
C SER E 476 -10.38 -3.76 -37.04
N VAL E 477 -11.05 -3.17 -38.03
CA VAL E 477 -10.60 -1.87 -38.53
C VAL E 477 -10.83 -0.78 -37.49
N PHE E 478 -11.85 -0.94 -36.64
CA PHE E 478 -12.07 0.03 -35.57
C PHE E 478 -10.91 0.04 -34.58
N THR E 479 -10.44 -1.16 -34.20
CA THR E 479 -9.33 -1.24 -33.25
C THR E 479 -8.04 -0.68 -33.85
N ILE E 480 -7.80 -0.94 -35.13
CA ILE E 480 -6.56 -0.49 -35.77
C ILE E 480 -6.50 1.03 -35.78
N ILE E 481 -7.60 1.68 -36.16
CA ILE E 481 -7.59 3.14 -36.24
C ILE E 481 -7.76 3.81 -34.88
N CYS E 482 -8.37 3.11 -33.91
CA CYS E 482 -8.51 3.71 -32.58
C CYS E 482 -7.18 3.72 -31.85
N THR E 483 -6.43 2.61 -31.90
CA THR E 483 -5.13 2.54 -31.24
C THR E 483 -4.13 3.48 -31.90
N ILE E 484 -4.04 3.41 -33.24
CA ILE E 484 -3.10 4.27 -33.95
C ILE E 484 -3.52 5.73 -33.86
N GLY E 485 -4.81 6.01 -34.01
CA GLY E 485 -5.27 7.39 -34.04
C GLY E 485 -4.98 8.15 -32.76
N ILE E 486 -5.18 7.48 -31.61
CA ILE E 486 -4.92 8.14 -30.33
C ILE E 486 -3.42 8.39 -30.15
N LEU E 487 -2.59 7.38 -30.48
CA LEU E 487 -1.15 7.54 -30.30
C LEU E 487 -0.57 8.58 -31.24
N MET E 488 -1.07 8.63 -32.48
CA MET E 488 -0.57 9.64 -33.42
C MET E 488 -0.90 11.05 -32.97
N SER E 489 -2.02 11.23 -32.24
CA SER E 489 -2.44 12.57 -31.85
C SER E 489 -1.48 13.22 -30.88
N ALA E 490 -0.75 12.44 -30.12
CA ALA E 490 0.19 12.99 -29.14
C ALA E 490 1.33 13.70 -29.87
N PRO E 491 1.62 14.96 -29.53
CA PRO E 491 2.79 15.62 -30.12
C PRO E 491 4.08 14.99 -29.64
N ASN E 492 5.13 15.18 -30.45
CA ASN E 492 6.47 14.64 -30.20
C ASN E 492 6.44 13.14 -29.89
N PHE E 493 5.44 12.44 -30.41
CA PHE E 493 5.39 10.99 -30.27
C PHE E 493 6.51 10.33 -31.07
N VAL E 494 6.82 10.89 -32.24
CA VAL E 494 7.78 10.26 -33.14
C VAL E 494 9.19 10.27 -32.54
N GLU E 495 9.57 11.39 -31.92
CA GLU E 495 10.93 11.49 -31.38
C GLU E 495 11.14 10.51 -30.23
N ALA E 496 10.13 10.31 -29.39
CA ALA E 496 10.26 9.37 -28.28
C ALA E 496 10.45 7.95 -28.80
N VAL E 497 9.69 7.56 -29.82
CA VAL E 497 9.87 6.23 -30.41
C VAL E 497 11.23 6.13 -31.09
N SER E 498 11.65 7.20 -31.78
CA SER E 498 12.94 7.17 -32.47
C SER E 498 14.11 7.13 -31.50
N LYS E 499 13.91 7.58 -30.25
CA LYS E 499 14.97 7.61 -29.26
C LYS E 499 14.89 6.44 -28.28
N ASP E 500 13.75 6.29 -27.60
CA ASP E 500 13.64 5.26 -26.57
C ASP E 500 13.62 3.87 -27.19
N PHE E 501 12.86 3.68 -28.27
CA PHE E 501 12.73 2.36 -28.88
C PHE E 501 13.80 2.14 -29.95
N ALA E 502 13.85 3.01 -30.96
CA ALA E 502 14.82 2.87 -32.05
C ALA E 502 16.07 3.68 -31.75
C1 NAG F . 6.34 53.29 8.80
C2 NAG F . 6.70 54.46 7.92
C3 NAG F . 5.43 55.24 7.58
C4 NAG F . 4.26 54.34 7.16
C5 NAG F . 4.21 53.00 7.93
C6 NAG F . 3.40 51.93 7.21
C7 NAG F . 8.53 56.09 7.86
C8 NAG F . 9.47 56.91 8.69
N2 NAG F . 7.68 55.32 8.55
O3 NAG F . 5.71 56.18 6.55
O4 NAG F . 3.06 55.04 7.46
O5 NAG F . 5.52 52.43 8.12
O6 NAG F . 4.13 50.71 7.12
O7 NAG F . 8.54 56.11 6.63
C1 NAG F . 2.03 54.95 6.46
C2 NAG F . 0.71 54.73 7.21
C3 NAG F . -0.45 54.67 6.22
C4 NAG F . -0.46 55.90 5.32
C5 NAG F . 0.91 56.06 4.66
C6 NAG F . 1.03 57.33 3.85
C7 NAG F . 0.31 53.49 9.29
C8 NAG F . 0.43 52.17 9.98
N2 NAG F . 0.75 53.54 8.03
O3 NAG F . -1.68 54.59 6.94
O4 NAG F . -1.45 55.77 4.32
O5 NAG F . 1.94 56.12 5.66
O6 NAG F . 0.66 57.11 2.49
O7 NAG F . -0.18 54.48 9.85
C1 NAG G . -3.34 34.79 41.61
C2 NAG G . -4.19 36.00 41.89
C3 NAG G . -5.31 35.62 42.86
C4 NAG G . -6.01 34.32 42.46
C5 NAG G . -5.07 33.26 41.87
C6 NAG G . -5.79 32.20 41.05
C7 NAG G . -3.73 38.38 42.29
C8 NAG G . -2.78 39.37 42.91
N2 NAG G . -3.39 37.09 42.43
O3 NAG G . -6.26 36.68 42.93
O4 NAG G . -6.56 33.77 43.66
O5 NAG G . -4.10 33.83 40.98
O6 NAG G . -5.17 32.01 39.79
O7 NAG G . -4.73 38.73 41.69
C1 NAG G . -7.88 33.20 43.54
C2 NAG G . -7.88 31.89 44.33
C3 NAG G . -9.26 31.25 44.28
C4 NAG G . -10.31 32.24 44.75
C5 NAG G . -10.21 33.54 43.96
C6 NAG G . -11.16 34.61 44.45
C7 NAG G . -6.05 30.27 44.61
C8 NAG G . -5.07 29.37 43.91
N2 NAG G . -6.87 30.97 43.82
O3 NAG G . -9.27 30.09 45.11
O4 NAG G . -11.61 31.69 44.59
O5 NAG G . -8.88 34.07 44.05
O6 NAG G . -12.40 34.57 43.78
O7 NAG G . -6.09 30.37 45.83
C1 NAG H . 23.53 7.53 48.41
C2 NAG H . 23.01 7.56 49.83
C3 NAG H . 23.34 6.24 50.51
C4 NAG H . 23.00 5.02 49.63
C5 NAG H . 23.27 5.24 48.13
C6 NAG H . 22.50 4.28 47.25
C7 NAG H . 22.96 9.25 51.61
C8 NAG H . 23.69 10.39 52.26
N2 NAG H . 23.58 8.67 50.57
O3 NAG H . 22.65 6.15 51.75
O4 NAG H . 23.84 3.96 50.06
O5 NAG H . 22.87 6.55 47.70
O6 NAG H . 21.82 4.96 46.20
O7 NAG H . 21.87 8.87 52.01
C1 NAG H . 23.23 2.67 50.14
C2 NAG H . 24.21 1.66 49.56
C3 NAG H . 23.65 0.24 49.65
C4 NAG H . 23.24 -0.07 51.08
C5 NAG H . 22.30 1.01 51.62
C6 NAG H . 21.95 0.84 53.08
C7 NAG H . 25.79 1.96 47.70
C8 NAG H . 25.95 2.32 46.25
N2 NAG H . 24.54 1.98 48.18
O3 NAG H . 24.62 -0.69 49.20
O4 NAG H . 22.59 -1.33 51.14
O5 NAG H . 22.91 2.30 51.49
O6 NAG H . 20.78 0.05 53.23
O7 NAG H . 26.76 1.65 48.40
C1 NAG I . 49.78 9.16 19.83
C2 NAG I . 50.67 8.40 20.78
C3 NAG I . 51.74 7.66 19.99
C4 NAG I . 51.16 6.90 18.79
C5 NAG I . 50.01 7.63 18.08
C6 NAG I . 49.15 6.72 17.25
C7 NAG I . 51.67 8.92 22.97
C8 NAG I . 52.29 9.98 23.82
N2 NAG I . 51.28 9.30 21.75
O3 NAG I . 52.42 6.75 20.86
O4 NAG I . 52.22 6.78 17.85
O5 NAG I . 49.12 8.25 19.03
O6 NAG I . 47.76 6.91 17.54
O7 NAG I . 51.55 7.76 23.35
C1 NAG I . 52.31 5.50 17.18
C2 NAG I . 52.59 5.78 15.70
C3 NAG I . 52.75 4.47 14.94
C4 NAG I . 53.80 3.58 15.60
C5 NAG I . 53.48 3.40 17.08
C6 NAG I . 54.55 2.65 17.83
C7 NAG I . 51.78 7.64 14.31
C8 NAG I . 50.57 8.36 13.80
N2 NAG I . 51.54 6.59 15.11
O3 NAG I . 53.10 4.74 13.59
O4 NAG I . 53.84 2.32 14.96
O5 NAG I . 53.35 4.68 17.72
O6 NAG I . 54.28 1.25 17.83
O7 NAG I . 52.93 7.98 14.03
C1 NAG J . 39.20 37.41 -4.66
C2 NAG J . 40.63 37.36 -5.12
C3 NAG J . 40.71 37.92 -6.54
C4 NAG J . 39.63 37.35 -7.46
C5 NAG J . 38.27 37.12 -6.77
C6 NAG J . 37.37 36.15 -7.51
C7 NAG J . 42.79 37.84 -4.08
C8 NAG J . 43.53 38.71 -3.11
N2 NAG J . 41.49 38.11 -4.23
O3 NAG J . 42.00 37.65 -7.08
O4 NAG J . 39.41 38.32 -8.49
O5 NAG J . 38.43 36.59 -5.45
O6 NAG J . 36.87 35.15 -6.62
O7 NAG J . 43.34 36.94 -4.69
C1 NAG J . 39.24 37.79 -9.82
C2 NAG J . 38.10 38.56 -10.47
C3 NAG J . 37.88 38.08 -11.90
C4 NAG J . 39.19 38.15 -12.68
C5 NAG J . 40.29 37.40 -11.94
C6 NAG J . 41.65 37.54 -12.59
C7 NAG J . 36.07 39.46 -9.42
C8 NAG J . 34.84 39.14 -8.62
N2 NAG J . 36.87 38.43 -9.70
O3 NAG J . 36.90 38.88 -12.53
O4 NAG J . 39.02 37.59 -13.97
O5 NAG J . 40.43 37.92 -10.60
O6 NAG J . 41.89 36.49 -13.53
O7 NAG J . 36.32 40.59 -9.80
C02 I33 K . -7.69 27.61 28.42
C03 I33 K . -7.67 26.27 29.15
C04 I33 K . -6.83 25.24 28.90
C05 I33 K . -6.94 24.03 29.66
C06 I33 K . -7.98 24.07 30.65
C07 I33 K . -8.19 22.98 31.46
C09 I33 K . -7.40 21.84 31.32
C10 I33 K . -6.38 21.80 30.36
C11 I33 K . -6.15 22.91 29.53
C14 I33 K . -6.81 29.18 26.64
C15 I33 K . -5.66 30.06 27.12
C16 I33 K . -6.68 29.00 25.20
C17 I33 K . -6.67 30.29 24.56
C18 I33 K . -5.56 31.13 25.11
C20 I33 K . -4.25 29.30 25.46
C21 I33 K . -5.40 28.36 24.94
N13 I33 K . -6.78 27.87 27.32
N19 I33 K . -4.84 30.45 26.06
O01 I33 K . -8.46 28.45 28.76
S12 I33 K . -8.71 25.73 30.44
CL08 I33 K . -9.48 23.03 32.69
C1 NAG L . -1.47 55.11 30.66
C2 NAG L . -1.16 56.48 31.24
C3 NAG L . -2.01 56.75 32.47
C4 NAG L . -3.49 56.54 32.15
C5 NAG L . -3.71 55.16 31.54
C6 NAG L . -5.13 54.93 31.09
C7 NAG L . 0.94 57.75 31.42
C8 NAG L . 2.38 57.70 31.80
N2 NAG L . 0.25 56.61 31.57
O3 NAG L . -1.80 58.08 32.93
O4 NAG L . -4.27 56.66 33.34
O5 NAG L . -2.88 55.00 30.38
O6 NAG L . -5.46 55.75 29.98
O7 NAG L . 0.41 58.78 31.00
C1 CLR M . -46.75 -18.49 -9.87
C2 CLR M . -47.88 -19.57 -9.92
C3 CLR M . -49.21 -18.82 -9.83
C4 CLR M . -49.39 -17.98 -11.12
C5 CLR M . -48.23 -16.95 -11.15
C6 CLR M . -48.52 -15.62 -11.36
C7 CLR M . -47.44 -14.51 -11.41
C8 CLR M . -45.99 -15.00 -11.60
C9 CLR M . -45.77 -16.19 -10.64
C10 CLR M . -46.78 -17.40 -10.99
C11 CLR M . -44.28 -16.63 -10.64
C12 CLR M . -43.17 -15.50 -10.65
C13 CLR M . -43.54 -14.38 -11.66
C14 CLR M . -44.92 -13.87 -11.29
C15 CLR M . -45.05 -12.56 -12.13
C16 CLR M . -43.58 -11.99 -12.17
C17 CLR M . -42.61 -13.12 -11.62
C18 CLR M . -43.55 -14.94 -13.13
C19 CLR M . -46.29 -18.07 -12.32
C20 CLR M . -41.30 -13.29 -12.55
C21 CLR M . -40.72 -14.69 -12.42
C22 CLR M . -40.21 -12.22 -12.12
C23 CLR M . -40.84 -10.76 -11.98
C24 CLR M . -40.42 -9.83 -13.19
C25 CLR M . -40.52 -8.27 -12.83
C26 CLR M . -39.78 -8.05 -11.48
C27 CLR M . -42.02 -7.91 -12.65
O1 CLR M . -50.26 -19.90 -9.86
C02 I33 N . 12.33 3.42 38.22
C03 I33 N . 13.28 2.42 37.56
C04 I33 N . 13.77 2.50 36.30
C05 I33 N . 14.66 1.48 35.82
C06 I33 N . 14.94 0.45 36.80
C07 I33 N . 15.78 -0.58 36.48
C09 I33 N . 16.36 -0.64 35.22
C10 I33 N . 16.09 0.36 34.26
C11 I33 N . 15.24 1.41 34.58
C14 I33 N . 10.90 5.51 38.13
C15 I33 N . 11.66 6.78 38.52
C16 I33 N . 9.83 5.89 37.20
C17 I33 N . 8.99 6.85 37.86
C18 I33 N . 9.78 8.05 38.29
C20 I33 N . 11.20 7.81 36.52
C21 I33 N . 10.44 6.53 36.04
N13 I33 N . 11.82 4.56 37.47
N19 I33 N . 11.11 7.92 37.93
O01 I33 N . 12.01 3.28 39.34
S12 I33 N . 13.97 0.97 38.25
CL08 I33 N . 16.12 -1.85 37.69
C1 NAG O . 10.24 24.19 57.28
C2 NAG O . 10.51 25.11 58.47
C3 NAG O . 11.02 24.30 59.66
C4 NAG O . 10.07 23.16 59.98
C5 NAG O . 9.81 22.33 58.73
C6 NAG O . 8.77 21.24 58.95
C7 NAG O . 11.39 27.40 58.61
C8 NAG O . 12.45 28.35 58.13
N2 NAG O . 11.45 26.16 58.12
O3 NAG O . 11.16 25.15 60.79
O4 NAG O . 10.62 22.33 61.00
O5 NAG O . 9.33 23.16 57.67
O6 NAG O . 7.48 21.80 59.15
O7 NAG O . 10.51 27.74 59.40
C1 CLR P . -27.05 -43.52 1.30
C2 CLR P . -27.39 -45.02 0.96
C3 CLR P . -28.17 -45.57 2.14
C4 CLR P . -29.55 -44.85 2.20
C5 CLR P . -29.25 -43.34 2.46
C6 CLR P . -29.91 -42.69 3.48
C7 CLR P . -29.70 -41.20 3.82
C8 CLR P . -28.99 -40.37 2.73
C9 CLR P . -27.78 -41.19 2.22
C10 CLR P . -28.26 -42.59 1.58
C11 CLR P . -26.91 -40.34 1.25
C12 CLR P . -26.65 -38.83 1.62
C13 CLR P . -27.95 -38.15 2.10
C14 CLR P . -28.49 -38.96 3.28
C15 CLR P . -29.57 -38.04 3.90
C16 CLR P . -29.01 -36.59 3.65
C17 CLR P . -27.78 -36.69 2.68
C18 CLR P . -29.03 -38.10 0.96
C19 CLR P . -28.94 -42.27 0.19
C20 CLR P . -27.84 -35.57 1.52
C21 CLR P . -27.08 -36.03 0.28
C22 CLR P . -27.20 -34.22 2.07
C23 CLR P . -27.79 -33.84 3.49
C24 CLR P . -28.82 -32.63 3.41
C25 CLR P . -28.97 -31.87 4.80
C26 CLR P . -27.54 -31.53 5.33
C27 CLR P . -29.67 -32.80 5.81
O1 CLR P . -28.45 -47.01 1.77
C02 I33 Q . 36.81 1.03 16.43
C03 I33 Q . 37.01 1.31 14.95
C04 I33 Q . 36.21 2.05 14.15
C05 I33 Q . 36.53 2.23 12.76
C06 I33 Q . 37.73 1.55 12.37
C07 I33 Q . 38.17 1.62 11.08
C09 I33 Q . 37.43 2.36 10.14
C10 I33 Q . 36.26 3.03 10.52
C11 I33 Q . 35.82 2.95 11.84
C14 I33 Q . 35.46 1.25 18.57
C15 I33 Q . 35.86 2.50 19.40
C16 I33 Q . 34.08 0.94 18.85
C17 I33 Q . 33.93 0.71 20.26
C18 I33 Q . 34.38 1.92 21.03
C20 I33 Q . 33.71 3.32 19.36
C21 I33 Q . 33.25 2.09 18.49
N13 I33 Q . 35.64 1.54 17.13
N19 I33 Q . 34.79 2.93 20.19
O01 I33 Q . 37.62 0.39 17.02
S12 I33 Q . 38.30 0.76 13.91
CL08 I33 Q . 39.66 0.79 10.58
C1 NAG R . 46.04 7.00 42.49
C2 NAG R . 46.92 7.44 43.66
C3 NAG R . 48.37 7.02 43.42
C4 NAG R . 48.44 5.52 43.13
C5 NAG R . 47.50 5.15 41.99
C6 NAG R . 47.43 3.67 41.73
C7 NAG R . 46.88 9.46 45.06
C8 NAG R . 46.79 10.95 45.07
N2 NAG R . 46.84 8.88 43.85
O3 NAG R . 49.15 7.33 44.57
O4 NAG R . 49.78 5.15 42.79
O5 NAG R . 46.17 5.58 42.29
O6 NAG R . 46.80 2.98 42.81
O7 NAG R . 47.00 8.79 46.09
C1 CLR S . -1.35 -47.05 -20.31
C2 CLR S . -1.42 -48.12 -21.46
C3 CLR S . -0.69 -49.36 -20.93
C4 CLR S . -1.53 -49.96 -19.77
C5 CLR S . -1.57 -48.89 -18.64
C6 CLR S . -1.22 -49.26 -17.36
C7 CLR S . -1.22 -48.28 -16.16
C8 CLR S . -1.97 -46.96 -16.38
C9 CLR S . -1.57 -46.42 -17.77
C10 CLR S . -1.99 -47.46 -18.95
C11 CLR S . -2.15 -45.00 -18.00
C12 CLR S . -2.10 -43.98 -16.80
C13 CLR S . -2.54 -44.66 -15.48
C14 CLR S . -1.63 -45.88 -15.27
C15 CLR S . -1.92 -46.29 -13.81
C16 CLR S . -2.21 -44.92 -13.07
C17 CLR S . -2.36 -43.80 -14.18
C18 CLR S . -4.04 -45.13 -15.56
C19 CLR S . -3.54 -47.41 -19.11
C20 CLR S . -3.63 -42.86 -13.90
C21 CLR S . -4.15 -42.23 -15.20
C22 CLR S . -3.21 -41.71 -12.88
C23 CLR S . -2.43 -42.29 -11.62
C24 CLR S . -3.33 -42.30 -10.32
C25 CLR S . -2.47 -42.31 -8.98
C26 CLR S . -1.39 -41.19 -9.09
C27 CLR S . -1.75 -43.69 -8.88
O1 CLR S . -0.78 -50.34 -22.08
C02 I33 T . 31.91 23.70 -6.83
C03 I33 T . 30.71 24.42 -7.46
C04 I33 T . 29.46 24.47 -6.94
C05 I33 T . 28.45 25.19 -7.64
C06 I33 T . 28.92 25.79 -8.88
C07 I33 T . 28.04 26.51 -9.66
C09 I33 T . 26.71 26.66 -9.25
C10 I33 T . 26.26 26.09 -8.06
C11 I33 T . 27.14 25.35 -7.26
C14 I33 T . 32.92 22.26 -5.00
C15 I33 T . 33.48 23.08 -3.83
C16 I33 T . 32.54 20.95 -4.51
C17 I33 T . 33.68 20.32 -3.90
C18 I33 T . 34.23 21.19 -2.81
C20 I33 T . 32.15 21.98 -2.31
C21 I33 T . 31.52 21.13 -3.46
N13 I33 T . 31.76 22.95 -5.59
N19 I33 T . 33.48 22.33 -2.64
O01 I33 T . 32.97 23.74 -7.36
S12 I33 T . 30.66 25.32 -8.95
CL08 I33 T . 28.61 27.24 -11.18
C1 NAG U . 56.47 27.22 6.74
C2 NAG U . 57.76 27.83 7.28
C3 NAG U . 58.42 28.71 6.23
C4 NAG U . 58.60 27.93 4.93
C5 NAG U . 57.28 27.32 4.48
C6 NAG U . 57.42 26.43 3.27
C7 NAG U . 58.37 28.65 9.52
C8 NAG U . 57.95 29.49 10.68
N2 NAG U . 57.51 28.60 8.50
O3 NAG U . 59.67 29.18 6.70
O4 NAG U . 59.09 28.80 3.90
O5 NAG U . 56.74 26.50 5.53
O6 NAG U . 58.16 25.25 3.57
O7 NAG U . 59.44 28.06 9.49
C1 CLR V . -5.21 -24.19 -44.86
C2 CLR V . -5.91 -24.58 -46.21
C3 CLR V . -4.80 -24.94 -47.19
C4 CLR V . -4.11 -26.24 -46.70
C5 CLR V . -3.48 -25.93 -45.32
C6 CLR V . -2.16 -26.24 -45.09
C7 CLR V . -1.42 -25.96 -43.76
C8 CLR V . -2.33 -25.66 -42.56
C9 CLR V . -3.40 -24.65 -43.03
C10 CLR V . -4.31 -25.28 -44.20
C11 CLR V . -4.26 -24.16 -41.82
C12 CLR V . -3.51 -23.83 -40.46
C13 CLR V . -2.47 -24.92 -40.13
C14 CLR V . -1.52 -25.05 -41.33
C15 CLR V . -0.35 -25.90 -40.78
C16 CLR V . -0.26 -25.48 -39.26
C17 CLR V . -1.53 -24.62 -38.91
C18 CLR V . -3.17 -26.30 -39.88
C19 CLR V . -5.25 -26.36 -43.58
C20 CLR V . -2.18 -25.06 -37.51
C21 CLR V . -3.67 -24.72 -37.46
C22 CLR V . -1.43 -24.32 -36.32
C23 CLR V . 0.15 -24.43 -36.47
C24 CLR V . 0.76 -25.46 -35.43
C25 CLR V . 2.31 -25.19 -35.14
C26 CLR V . 2.48 -23.68 -34.81
C27 CLR V . 3.11 -25.52 -36.43
O1 CLR V . -5.52 -25.30 -48.47
C02 I33 W . 4.45 40.09 0.57
C03 I33 W . 3.14 39.80 1.31
C04 I33 W . 2.92 38.77 2.16
C05 I33 W . 1.63 38.63 2.78
C06 I33 W . 0.71 39.67 2.41
C07 I33 W . -0.56 39.67 2.93
C09 I33 W . -0.95 38.67 3.82
C10 I33 W . -0.04 37.65 4.18
C11 I33 W . 1.25 37.65 3.65
C14 I33 W . 6.84 39.48 -0.03
C15 I33 W . 7.88 40.08 0.94
C16 I33 W . 7.39 38.25 -0.59
C17 I33 W . 8.63 38.56 -1.25
C18 I33 W . 9.58 39.20 -0.29
C20 I33 W . 8.73 38.00 1.46
C21 I33 W . 7.68 37.33 0.51
N13 I33 W . 5.59 39.18 0.70
N19 I33 W . 9.04 39.31 0.98
O01 I33 W . 4.54 41.04 -0.11
S12 I33 W . 1.66 40.71 1.26
CL08 I33 W . -1.71 40.94 2.48
C1 NAG X . 27.15 56.92 -0.56
C2 NAG X . 28.09 58.11 -0.39
C3 NAG X . 27.32 59.41 -0.55
C4 NAG X . 26.55 59.43 -1.86
C5 NAG X . 25.67 58.19 -1.98
C6 NAG X . 24.98 58.08 -3.31
C7 NAG X . 30.02 58.47 1.08
C8 NAG X . 30.56 58.35 2.47
N2 NAG X . 28.76 58.06 0.90
O3 NAG X . 28.23 60.51 -0.49
O4 NAG X . 25.73 60.60 -1.93
O5 NAG X . 26.48 57.01 -1.83
O6 NAG X . 25.91 57.84 -4.36
O7 NAG X . 30.70 58.92 0.16
C1 CLR Y . -33.24 -6.58 -38.40
C2 CLR Y . -34.60 -6.99 -39.07
C3 CLR Y . -34.75 -6.11 -40.31
C4 CLR Y . -33.66 -6.52 -41.34
C5 CLR Y . -32.29 -6.22 -40.68
C6 CLR Y . -31.36 -5.48 -41.37
C7 CLR Y . -29.95 -5.13 -40.81
C8 CLR Y . -29.50 -5.94 -39.59
C9 CLR Y . -30.69 -6.01 -38.61
C10 CLR Y . -31.96 -6.74 -39.28
C11 CLR Y . -30.26 -6.66 -37.26
C12 CLR Y . -28.86 -6.27 -36.66
C13 CLR Y . -27.78 -6.24 -37.76
C14 CLR Y . -28.25 -5.30 -38.86
C15 CLR Y . -26.97 -5.09 -39.73
C16 CLR Y . -25.79 -5.17 -38.69
C17 CLR Y . -26.37 -5.68 -37.33
C18 CLR Y . -27.56 -7.68 -38.37
C19 CLR Y . -31.64 -8.28 -39.37
C20 CLR Y . -25.43 -6.82 -36.67
C21 CLR Y . -26.24 -7.74 -35.75
C22 CLR Y . -24.27 -6.13 -35.84
C23 CLR Y . -23.56 -4.98 -36.68
C24 CLR Y . -22.13 -5.43 -37.20
C25 CLR Y . -21.18 -4.18 -37.51
C26 CLR Y . -21.21 -3.22 -36.28
C27 CLR Y . -21.75 -3.44 -38.76
O1 CLR Y . -36.07 -6.52 -40.91
#